data_8PSZ
#
_entry.id   8PSZ
#
_cell.length_a   1.00
_cell.length_b   1.00
_cell.length_c   1.00
_cell.angle_alpha   90.00
_cell.angle_beta   90.00
_cell.angle_gamma   90.00
#
_symmetry.space_group_name_H-M   'P 1'
#
loop_
_entity.id
_entity.type
_entity.pdbx_description
1 polymer 'Polymerase acidic protein (PA-like)'
2 polymer 'Putative PB1'
3 polymer 'RNA-dependent RNA polymerase'
4 polymer "5' vRNA end - vRNA loop (40-mer)"
5 polymer 'Transcription-like product'
6 non-polymer 'ZINC ION'
7 non-polymer '[(2~{R},3~{S},4~{R},5~{R})-5-(4-azanyl-2-oxidanylidene-pyrimidin-1-yl)-3,4-bis(oxidanyl)oxolan-2-yl]methoxy-~{N}-[oxidanyl(phosphonooxy)phosphoryl]phosphonamidic acid'
8 non-polymer 'MAGNESIUM ION'
9 water water
#
loop_
_entity_poly.entity_id
_entity_poly.type
_entity_poly.pdbx_seq_one_letter_code
_entity_poly.pdbx_strand_id
1 'polypeptide(L)'
;MDSRFAQLTGVFCDDFTYSEGSRRFLSSYSTVERRPGVPVEGDCYDCLKNKWIAFELEGQPRKFPKATVRCILNNDATYV
CSEQEYQQICKVQFKDYLEIDGVVKVGHKASYDAELRERLLELPHPKSGPKPRIEWVAPPRLADISKETAELKRQYGFFE
CSKFLACGEECGLDQEARELILNEYARDREFEFRNGGWIQRYTVASHKPATQKILPLPASAPLARELLMLIARSTTQAGK
VLHSDNTSILAVPVMRDSGKHSKRRPTASTHHLVVGLSKPGCEHDFEFDGYRAAVHVMHLDPKQSANIGEQDFVSTREIY
KLDMLELPPISRKGDLDRASGLETRWDVILLLECLDSTRVSQAVAQHFNRHRLALSVCKDEFRKGYQLASEIRGTIPLSS
LYYSLCAVRLRMTVHPFAR
;
A
2 'polypeptide(L)'
;MWAFQEGVCKGNLLSGPTSMKAPDSAARESIDRASEIMTGKSYNAVHTGDLSKLPNQGESPLRIVDSDLYSERSCCWVIE
KEGRVVCKSTTLTRGMTSLLNTTKCSSPSELICKVLTVESLSEKIGDTSVEELLSHGRYFKCALRDQERGKPKSRAIFLS
HPFFRLLSSVVETHARSVLSKVSAVYTATASAEQRAMMAAQVVESRKHVLNGDCTKYNEAIDADTLLKVWDAIGMGSIGV
MLAYMVRRKCVLIKDTLVECPGGMLMGMFNATATLALQGTTDRFLSFSDDFITSFNSPAELREIEDLLFASCHNLSLKKS
YISVASLEINSCTLTRDGDLATGLGCTAGVPFRGPLVTLKQTAAMLSGAVDSGVMPFHSAERLFQIKQQECAYRYNNPTY
TTRNEDFLPTCLGGKTVISFQSLLTWDCHPFWYQVHPDGPDTIDQKVLSVLASKTRRRRTRLEALSDLDPLVPHRLLVSE
SDVSKIRAARQAHLKSLGLEQPTNFNYAIYKAVQPTAGC
;
B
3 'polypeptide(L)'
;MSQFGKSFKGRTEVTITEYRSHTVKDVHRSLLTADKSLRKSFCFRNALNQFLDKDLPLLPIRPKLESRVAVKKSKLRSQL
SFRPGLTQEEAIDLYNKGYDGDSVSGALQDRVVNEPVAYSSADNDKFHRGLAALGYTLADRAFDTCESGFVRAIPTTPCG
FICCGPGSFKDSLGFVIKIGEFWHMYDGFQHFVAVEDAKFLASKSPSFWLAKRLAKRLNLVPKEDPSVAAAECPCKKVWE
ASFARAPTALDPFGGRAFCDQGWVYHRDVGYATANHISQETLFQQALSVRNLGPQGSANVSGSIHTALDRLRAAYSRGTP
ASRSILQGLANLITPVGENFECDLDKRKLNIKALRSPERYITIEGLVVNLDDVVRGFYLDKAKVTVLSRSKWMGYEDLPQ
KPPNGTFYCRKRKAMLLISCSPGTYAKKRKVAVQEDRFKDMRVENFREVAENMDLNQGSGSENLYFQGHHHHHHHHHH
;
C
4 'polyribonucleotide' GCAAAUCUUUCUCACGUCCUGACUUGUGAGUAAAAUUUGG V,S,D
5 'polyribonucleotide' AGAAUAUAAUACCAAAUUUUA P
#
loop_
_chem_comp.id
_chem_comp.type
_chem_comp.name
_chem_comp.formula
A RNA linking ADENOSINE-5'-MONOPHOSPHATE 'C10 H14 N5 O7 P'
A0I non-polymer '[(2~{R},3~{S},4~{R},5~{R})-5-(4-azanyl-2-oxidanylidene-pyrimidin-1-yl)-3,4-bis(oxidanyl)oxolan-2-yl]methoxy-~{N}-[oxidanyl(phosphonooxy)phosphoryl]phosphonamidic acid' 'C9 H17 N4 O13 P3'
C RNA linking CYTIDINE-5'-MONOPHOSPHATE 'C9 H14 N3 O8 P'
G RNA linking GUANOSINE-5'-MONOPHOSPHATE 'C10 H14 N5 O8 P'
MG non-polymer 'MAGNESIUM ION' 'Mg 2'
U RNA linking URIDINE-5'-MONOPHOSPHATE 'C9 H13 N2 O9 P'
ZN non-polymer 'ZINC ION' 'Zn 2'
#
# COMPACT_ATOMS: atom_id res chain seq x y z
N MET A 1 -0.17 5.19 -32.07
CA MET A 1 -0.88 6.44 -31.71
C MET A 1 0.01 7.36 -30.89
N ASP A 2 0.27 8.57 -31.41
CA ASP A 2 1.13 9.54 -30.76
C ASP A 2 0.48 10.91 -30.85
N SER A 3 0.42 11.63 -29.72
CA SER A 3 -0.23 12.93 -29.69
C SER A 3 0.45 13.94 -30.60
N ARG A 4 1.74 13.73 -30.91
CA ARG A 4 2.46 14.67 -31.77
C ARG A 4 1.72 14.91 -33.08
N PHE A 5 1.13 13.86 -33.64
CA PHE A 5 0.45 13.96 -34.93
C PHE A 5 -0.98 14.45 -34.82
N ALA A 6 -1.53 14.54 -33.61
CA ALA A 6 -2.93 14.93 -33.43
C ALA A 6 -3.29 16.11 -34.31
N GLN A 7 -2.65 17.25 -34.09
CA GLN A 7 -2.98 18.45 -34.85
C GLN A 7 -2.83 18.20 -36.34
N LEU A 8 -1.73 17.55 -36.75
CA LEU A 8 -1.55 17.23 -38.15
C LEU A 8 -2.75 16.47 -38.69
N THR A 9 -3.20 15.45 -37.95
CA THR A 9 -4.35 14.69 -38.39
C THR A 9 -5.54 15.61 -38.62
N GLY A 10 -5.76 16.57 -37.72
CA GLY A 10 -6.88 17.47 -37.88
C GLY A 10 -6.83 18.24 -39.19
N VAL A 11 -5.63 18.61 -39.63
CA VAL A 11 -5.53 19.33 -40.90
C VAL A 11 -5.91 18.41 -42.06
N PHE A 12 -5.59 17.12 -41.97
CA PHE A 12 -5.94 16.21 -43.04
C PHE A 12 -7.44 16.13 -43.25
N CYS A 13 -8.20 16.02 -42.15
CA CYS A 13 -9.66 16.02 -42.21
C CYS A 13 -10.14 17.46 -42.08
N ASP A 14 -10.24 18.15 -43.21
CA ASP A 14 -10.62 19.57 -43.25
C ASP A 14 -11.89 19.71 -44.07
N ASP A 15 -13.04 19.57 -43.40
CA ASP A 15 -14.34 19.77 -44.03
C ASP A 15 -14.50 18.93 -45.29
N PHE A 16 -14.04 17.68 -45.22
CA PHE A 16 -14.23 16.71 -46.29
C PHE A 16 -15.45 15.87 -45.95
N THR A 17 -16.33 15.69 -46.93
CA THR A 17 -17.60 15.02 -46.71
C THR A 17 -17.79 13.89 -47.73
N TYR A 18 -18.69 12.99 -47.39
CA TYR A 18 -19.04 11.88 -48.27
C TYR A 18 -20.49 11.49 -47.99
N SER A 19 -21.07 10.76 -48.94
CA SER A 19 -22.47 10.32 -48.84
C SER A 19 -23.41 11.50 -48.64
N GLU A 20 -23.08 12.64 -49.26
CA GLU A 20 -23.90 13.85 -49.21
C GLU A 20 -24.11 14.31 -47.76
N GLY A 21 -23.01 14.69 -47.12
CA GLY A 21 -23.07 15.35 -45.84
C GLY A 21 -22.20 14.75 -44.75
N SER A 22 -22.07 13.42 -44.73
CA SER A 22 -21.33 12.77 -43.66
C SER A 22 -19.84 13.06 -43.79
N ARG A 23 -19.18 13.24 -42.64
CA ARG A 23 -17.75 13.48 -42.62
C ARG A 23 -17.00 12.27 -43.16
N ARG A 24 -15.99 12.51 -43.99
CA ARG A 24 -15.26 11.43 -44.62
C ARG A 24 -14.17 10.88 -43.71
N PHE A 25 -13.23 11.74 -43.30
CA PHE A 25 -12.07 11.33 -42.52
C PHE A 25 -12.34 11.60 -41.04
N LEU A 26 -12.20 10.56 -40.22
CA LEU A 26 -12.43 10.63 -38.79
C LEU A 26 -11.09 10.52 -38.07
N SER A 27 -10.77 11.51 -37.24
CA SER A 27 -9.49 11.54 -36.55
C SER A 27 -9.54 10.69 -35.29
N SER A 28 -8.52 9.84 -35.12
CA SER A 28 -8.46 9.01 -33.92
C SER A 28 -8.23 9.83 -32.66
N TYR A 29 -7.62 11.00 -32.80
CA TYR A 29 -7.34 11.87 -31.66
C TYR A 29 -8.52 12.74 -31.28
N SER A 30 -9.56 12.81 -32.11
CA SER A 30 -10.73 13.62 -31.82
C SER A 30 -11.73 12.77 -31.04
N THR A 31 -12.15 13.27 -29.88
CA THR A 31 -13.09 12.55 -29.04
C THR A 31 -14.49 12.49 -29.64
N VAL A 32 -14.85 13.47 -30.47
CA VAL A 32 -16.18 13.48 -31.08
C VAL A 32 -16.22 12.67 -32.37
N GLU A 33 -15.17 12.76 -33.18
CA GLU A 33 -15.14 12.03 -34.45
C GLU A 33 -14.84 10.56 -34.29
N ARG A 34 -14.27 10.15 -33.15
CA ARG A 34 -14.00 8.75 -32.91
C ARG A 34 -15.29 7.93 -32.99
N ARG A 35 -15.21 6.76 -33.61
CA ARG A 35 -16.33 5.84 -33.61
C ARG A 35 -16.30 5.02 -32.32
N PRO A 36 -17.26 5.20 -31.41
CA PRO A 36 -17.23 4.45 -30.16
C PRO A 36 -17.33 2.94 -30.41
N GLY A 37 -16.59 2.17 -29.62
CA GLY A 37 -16.63 0.73 -29.73
C GLY A 37 -15.91 0.17 -30.92
N VAL A 38 -14.99 0.92 -31.52
CA VAL A 38 -14.22 0.48 -32.67
C VAL A 38 -12.74 0.65 -32.34
N PRO A 39 -11.93 -0.41 -32.36
CA PRO A 39 -10.51 -0.25 -32.05
C PRO A 39 -9.82 0.62 -33.11
N VAL A 40 -8.78 1.32 -32.67
CA VAL A 40 -8.06 2.26 -33.52
C VAL A 40 -6.88 1.55 -34.15
N GLU A 41 -6.72 1.71 -35.47
CA GLU A 41 -5.65 1.08 -36.21
C GLU A 41 -4.85 2.09 -37.05
N GLY A 42 -5.02 3.38 -36.78
CA GLY A 42 -4.30 4.39 -37.52
C GLY A 42 -4.60 5.77 -36.99
N ASP A 43 -3.92 6.76 -37.57
CA ASP A 43 -4.14 8.14 -37.15
C ASP A 43 -5.55 8.60 -37.47
N CYS A 44 -6.09 8.19 -38.61
CA CYS A 44 -7.46 8.53 -38.97
C CYS A 44 -8.06 7.41 -39.80
N TYR A 45 -9.36 7.53 -40.05
CA TYR A 45 -10.13 6.51 -40.76
C TYR A 45 -10.87 7.16 -41.93
N ASP A 46 -10.75 6.56 -43.11
CA ASP A 46 -11.49 6.95 -44.29
C ASP A 46 -12.72 6.06 -44.38
N CYS A 47 -13.90 6.67 -44.17
CA CYS A 47 -15.14 5.91 -44.18
C CYS A 47 -15.55 5.52 -45.59
N LEU A 48 -15.33 6.41 -46.57
CA LEU A 48 -15.71 6.10 -47.94
C LEU A 48 -14.95 4.88 -48.46
N LYS A 49 -13.64 4.85 -48.24
CA LYS A 49 -12.82 3.73 -48.65
C LYS A 49 -12.60 2.71 -47.53
N ASN A 50 -13.07 3.00 -46.31
CA ASN A 50 -12.93 2.09 -45.18
C ASN A 50 -11.47 1.68 -45.00
N LYS A 51 -10.60 2.68 -44.85
CA LYS A 51 -9.18 2.43 -44.75
C LYS A 51 -8.55 3.28 -43.66
N TRP A 52 -7.62 2.70 -42.91
CA TRP A 52 -6.91 3.43 -41.88
C TRP A 52 -5.70 4.13 -42.48
N ILE A 53 -5.46 5.37 -42.05
CA ILE A 53 -4.36 6.19 -42.53
C ILE A 53 -3.50 6.57 -41.33
N ALA A 54 -2.18 6.44 -41.50
CA ALA A 54 -1.22 6.89 -40.51
C ALA A 54 -0.17 7.75 -41.21
N PHE A 55 0.39 8.70 -40.47
CA PHE A 55 1.39 9.61 -40.98
C PHE A 55 2.74 9.29 -40.34
N GLU A 56 3.76 9.08 -41.17
CA GLU A 56 5.08 8.69 -40.71
C GLU A 56 6.13 9.60 -41.34
N LEU A 57 7.26 9.73 -40.64
CA LEU A 57 8.41 10.46 -41.13
C LEU A 57 9.44 9.49 -41.70
N GLU A 58 10.43 10.05 -42.38
CA GLU A 58 11.46 9.22 -43.01
C GLU A 58 12.19 8.40 -41.96
N GLY A 59 12.35 7.11 -42.26
CA GLY A 59 13.09 6.22 -41.37
C GLY A 59 12.52 6.17 -39.96
N GLN A 60 11.21 6.44 -39.82
CA GLN A 60 10.54 6.44 -38.52
C GLN A 60 9.24 5.65 -38.64
N PRO A 61 9.32 4.34 -38.76
CA PRO A 61 8.09 3.54 -38.79
C PRO A 61 7.32 3.65 -37.49
N ARG A 62 6.00 3.52 -37.59
CA ARG A 62 5.11 3.56 -36.44
C ARG A 62 4.39 2.23 -36.30
N LYS A 63 4.09 1.86 -35.05
CA LYS A 63 3.54 0.56 -34.71
C LYS A 63 2.05 0.55 -35.02
N PHE A 64 1.72 0.25 -36.28
CA PHE A 64 0.34 0.13 -36.74
C PHE A 64 0.22 -1.12 -37.58
N PRO A 65 -0.99 -1.65 -37.75
CA PRO A 65 -1.16 -2.83 -38.60
C PRO A 65 -0.74 -2.54 -40.04
N LYS A 66 -0.28 -3.60 -40.72
CA LYS A 66 0.19 -3.43 -42.09
C LYS A 66 -0.93 -2.98 -43.02
N ALA A 67 -2.18 -3.31 -42.70
CA ALA A 67 -3.31 -2.88 -43.53
C ALA A 67 -3.51 -1.37 -43.48
N THR A 68 -2.88 -0.68 -42.55
CA THR A 68 -3.01 0.77 -42.46
C THR A 68 -2.10 1.44 -43.49
N VAL A 69 -2.66 2.38 -44.24
CA VAL A 69 -1.91 3.09 -45.28
C VAL A 69 -1.00 4.11 -44.62
N ARG A 70 0.24 4.18 -45.11
CA ARG A 70 1.25 5.08 -44.57
C ARG A 70 1.44 6.27 -45.51
N CYS A 71 1.36 7.48 -44.96
CA CYS A 71 1.64 8.72 -45.70
C CYS A 71 3.00 9.21 -45.23
N ILE A 72 4.04 8.87 -45.98
CA ILE A 72 5.41 9.18 -45.58
C ILE A 72 5.71 10.63 -45.94
N LEU A 73 6.04 11.44 -44.93
CA LEU A 73 6.43 12.83 -45.11
C LEU A 73 7.93 12.86 -45.34
N ASN A 74 8.34 12.94 -46.60
CA ASN A 74 9.75 12.84 -46.94
C ASN A 74 10.53 14.02 -46.37
N ASN A 75 11.84 13.80 -46.19
CA ASN A 75 12.71 14.87 -45.71
C ASN A 75 12.58 16.10 -46.58
N ASP A 76 12.90 15.98 -47.86
CA ASP A 76 12.54 17.00 -48.82
C ASP A 76 11.01 17.15 -48.82
N ALA A 77 10.53 18.37 -49.02
CA ALA A 77 9.11 18.63 -48.81
C ALA A 77 8.29 17.90 -49.88
N THR A 78 7.81 16.71 -49.51
CA THR A 78 7.01 15.85 -50.39
C THR A 78 6.31 14.82 -49.52
N TYR A 79 5.14 14.38 -49.97
CA TYR A 79 4.31 13.46 -49.21
C TYR A 79 4.00 12.26 -50.09
N VAL A 80 4.71 11.16 -49.87
CA VAL A 80 4.53 9.95 -50.65
C VAL A 80 3.46 9.09 -50.00
N CYS A 81 2.71 8.37 -50.82
CA CYS A 81 1.67 7.49 -50.30
C CYS A 81 1.30 6.48 -51.38
N SER A 82 1.05 5.24 -50.96
CA SER A 82 0.68 4.20 -51.93
C SER A 82 -0.61 4.57 -52.64
N GLU A 83 -1.61 5.03 -51.89
CA GLU A 83 -2.83 5.55 -52.49
C GLU A 83 -2.58 6.95 -53.05
N GLN A 84 -2.93 7.14 -54.32
CA GLN A 84 -2.71 8.43 -54.97
C GLN A 84 -3.64 9.49 -54.39
N GLU A 85 -4.89 9.13 -54.09
CA GLU A 85 -5.85 10.10 -53.59
C GLU A 85 -5.36 10.73 -52.30
N TYR A 86 -4.85 9.91 -51.38
CA TYR A 86 -4.29 10.45 -50.14
C TYR A 86 -3.06 11.30 -50.41
N GLN A 87 -2.26 10.94 -51.42
CA GLN A 87 -1.13 11.76 -51.79
C GLN A 87 -1.58 13.17 -52.19
N GLN A 88 -2.61 13.25 -53.04
CA GLN A 88 -3.11 14.56 -53.45
C GLN A 88 -3.72 15.32 -52.29
N ILE A 89 -4.45 14.62 -51.42
CA ILE A 89 -5.07 15.28 -50.27
C ILE A 89 -4.00 15.85 -49.35
N CYS A 90 -2.93 15.08 -49.10
CA CYS A 90 -1.84 15.60 -48.28
C CYS A 90 -1.15 16.78 -48.96
N LYS A 91 -0.95 16.69 -50.27
CA LYS A 91 -0.29 17.78 -50.99
C LYS A 91 -1.08 19.08 -50.86
N VAL A 92 -2.39 19.00 -51.04
CA VAL A 92 -3.23 20.20 -50.97
C VAL A 92 -3.36 20.68 -49.52
N GLN A 93 -3.71 19.78 -48.61
CA GLN A 93 -4.03 20.17 -47.25
C GLN A 93 -2.80 20.68 -46.50
N PHE A 94 -1.66 20.00 -46.65
CA PHE A 94 -0.44 20.47 -46.02
C PHE A 94 0.19 21.56 -46.87
N LYS A 95 -0.61 22.55 -47.25
CA LYS A 95 -0.09 23.69 -48.01
C LYS A 95 0.82 24.54 -47.14
N ASP A 96 0.36 24.89 -45.95
CA ASP A 96 1.23 25.52 -44.96
C ASP A 96 2.16 24.48 -44.36
N TYR A 97 3.45 24.82 -44.26
CA TYR A 97 4.41 23.91 -43.66
C TYR A 97 4.02 23.57 -42.23
N LEU A 98 3.62 22.33 -41.99
CA LEU A 98 3.24 21.85 -40.66
C LEU A 98 4.40 21.01 -40.12
N GLU A 99 5.36 21.67 -39.50
CA GLU A 99 6.54 21.00 -38.97
C GLU A 99 6.18 20.34 -37.63
N ILE A 100 6.39 19.04 -37.55
CA ILE A 100 6.09 18.29 -36.33
C ILE A 100 7.22 18.50 -35.33
N ASP A 101 6.86 18.97 -34.14
CA ASP A 101 7.87 19.18 -33.11
C ASP A 101 8.52 17.87 -32.70
N GLY A 102 9.82 17.92 -32.44
CA GLY A 102 10.53 16.73 -32.01
C GLY A 102 10.16 16.31 -30.61
N VAL A 103 10.39 15.03 -30.32
CA VAL A 103 10.06 14.48 -29.02
C VAL A 103 10.96 15.10 -27.97
N VAL A 104 10.36 15.66 -26.92
CA VAL A 104 11.12 16.22 -25.81
C VAL A 104 11.52 15.10 -24.87
N LYS A 105 12.82 15.01 -24.58
CA LYS A 105 13.36 13.95 -23.75
C LYS A 105 13.56 14.44 -22.32
N VAL A 106 13.59 13.47 -21.39
CA VAL A 106 13.65 13.81 -19.97
C VAL A 106 14.95 14.53 -19.65
N GLY A 107 16.05 14.16 -20.31
CA GLY A 107 17.33 14.79 -20.05
C GLY A 107 17.55 16.06 -20.82
N HIS A 108 16.46 16.65 -21.32
CA HIS A 108 16.56 17.86 -22.11
C HIS A 108 17.26 18.97 -21.33
N LYS A 109 18.22 19.63 -21.98
CA LYS A 109 18.99 20.70 -21.37
C LYS A 109 18.40 22.03 -21.82
N ALA A 110 17.80 22.76 -20.89
CA ALA A 110 17.14 24.02 -21.21
C ALA A 110 18.16 25.14 -21.35
N SER A 111 17.71 26.24 -21.95
CA SER A 111 18.59 27.38 -22.18
C SER A 111 19.07 28.00 -20.88
N TYR A 112 18.25 27.98 -19.84
CA TYR A 112 18.55 28.60 -18.56
C TYR A 112 19.23 27.63 -17.59
N ASP A 113 19.67 26.47 -18.07
CA ASP A 113 20.22 25.45 -17.18
C ASP A 113 21.46 25.97 -16.46
N ALA A 114 22.38 26.59 -17.20
CA ALA A 114 23.61 27.09 -16.58
C ALA A 114 23.32 28.20 -15.58
N GLU A 115 22.34 29.06 -15.89
CA GLU A 115 21.99 30.14 -14.98
C GLU A 115 21.51 29.58 -13.64
N LEU A 116 20.62 28.59 -13.68
CA LEU A 116 20.11 27.99 -12.45
C LEU A 116 21.19 27.21 -11.72
N ARG A 117 22.09 26.55 -12.45
CA ARG A 117 23.20 25.87 -11.79
C ARG A 117 24.09 26.86 -11.06
N GLU A 118 24.38 28.00 -11.68
CA GLU A 118 25.16 29.03 -11.01
C GLU A 118 24.44 29.56 -9.77
N ARG A 119 23.14 29.82 -9.91
CA ARG A 119 22.36 30.26 -8.75
C ARG A 119 22.44 29.25 -7.61
N LEU A 120 22.32 27.97 -7.93
CA LEU A 120 22.42 26.94 -6.91
C LEU A 120 23.81 26.93 -6.29
N LEU A 121 24.84 27.14 -7.11
CA LEU A 121 26.20 27.17 -6.59
C LEU A 121 26.40 28.30 -5.59
N GLU A 122 25.81 29.47 -5.86
CA GLU A 122 25.98 30.59 -4.95
C GLU A 122 25.19 30.45 -3.65
N LEU A 123 24.27 29.49 -3.57
CA LEU A 123 23.46 29.32 -2.38
C LEU A 123 24.19 28.46 -1.34
N PRO A 124 23.72 28.46 -0.09
CA PRO A 124 24.45 27.75 0.97
C PRO A 124 24.52 26.25 0.71
N HIS A 125 25.60 25.64 1.19
CA HIS A 125 25.82 24.21 1.09
C HIS A 125 26.05 23.62 2.48
N PRO A 126 25.73 22.34 2.68
CA PRO A 126 25.94 21.74 4.00
C PRO A 126 27.42 21.49 4.28
N LYS A 127 27.74 21.42 5.56
CA LYS A 127 29.07 21.08 6.01
C LYS A 127 29.13 19.59 6.35
N SER A 128 30.35 19.04 6.29
CA SER A 128 30.51 17.58 6.25
C SER A 128 29.84 16.91 7.45
N GLY A 129 30.17 17.34 8.66
CA GLY A 129 29.64 16.72 9.85
C GLY A 129 30.50 15.54 10.29
N PRO A 130 30.45 15.21 11.58
CA PRO A 130 31.37 14.21 12.13
C PRO A 130 30.86 12.78 11.99
N LYS A 131 31.79 11.88 11.75
CA LYS A 131 31.45 10.45 11.68
C LYS A 131 31.29 9.91 13.09
N PRO A 132 30.13 9.35 13.44
CA PRO A 132 29.94 8.84 14.82
C PRO A 132 30.84 7.64 15.10
N ARG A 133 31.27 7.55 16.35
CA ARG A 133 31.99 6.39 16.86
C ARG A 133 30.99 5.48 17.54
N ILE A 134 30.82 4.27 17.01
CA ILE A 134 29.76 3.36 17.43
C ILE A 134 30.40 2.20 18.17
N GLU A 135 29.97 1.98 19.41
CA GLU A 135 30.34 0.82 20.19
C GLU A 135 29.11 -0.08 20.33
N TRP A 136 29.25 -1.34 19.93
CA TRP A 136 28.16 -2.30 20.00
C TRP A 136 28.32 -3.12 21.28
N VAL A 137 27.29 -3.09 22.12
CA VAL A 137 27.34 -3.70 23.45
C VAL A 137 26.04 -4.47 23.67
N ALA A 138 25.99 -5.19 24.79
CA ALA A 138 24.80 -5.93 25.14
C ALA A 138 23.65 -4.99 25.46
N PRO A 139 22.41 -5.42 25.28
CA PRO A 139 21.27 -4.55 25.56
C PRO A 139 21.22 -4.16 27.02
N PRO A 140 20.36 -3.20 27.38
CA PRO A 140 20.31 -2.74 28.78
C PRO A 140 19.88 -3.84 29.72
N ARG A 141 20.39 -3.77 30.94
CA ARG A 141 20.08 -4.74 31.99
C ARG A 141 19.00 -4.20 32.92
N LEU A 142 18.61 -5.02 33.89
CA LEU A 142 17.56 -4.63 34.83
C LEU A 142 17.91 -3.33 35.55
N ALA A 143 19.18 -3.14 35.89
CA ALA A 143 19.58 -1.96 36.63
C ALA A 143 19.32 -0.68 35.84
N ASP A 144 19.46 -0.72 34.52
CA ASP A 144 19.21 0.47 33.71
C ASP A 144 17.73 0.85 33.73
N ILE A 145 16.84 -0.13 33.60
CA ILE A 145 15.41 0.16 33.65
C ILE A 145 15.03 0.66 35.04
N SER A 146 15.62 0.07 36.07
CA SER A 146 15.39 0.54 37.43
C SER A 146 15.85 1.98 37.59
N LYS A 147 17.00 2.33 37.00
CA LYS A 147 17.47 3.71 37.07
C LYS A 147 16.50 4.66 36.38
N GLU A 148 15.94 4.24 35.24
CA GLU A 148 14.98 5.10 34.54
C GLU A 148 13.73 5.33 35.38
N THR A 149 13.19 4.24 35.95
CA THR A 149 11.99 4.39 36.78
C THR A 149 12.27 5.23 38.01
N ALA A 150 13.44 5.04 38.64
CA ALA A 150 13.80 5.83 39.80
C ALA A 150 13.96 7.29 39.44
N GLU A 151 14.52 7.58 38.27
CA GLU A 151 14.64 8.96 37.83
C GLU A 151 13.28 9.61 37.67
N LEU A 152 12.35 8.91 37.03
CA LEU A 152 11.00 9.45 36.88
C LEU A 152 10.36 9.71 38.24
N LYS A 153 10.45 8.73 39.14
CA LYS A 153 9.84 8.86 40.46
C LYS A 153 10.43 10.02 41.25
N ARG A 154 11.77 10.16 41.20
CA ARG A 154 12.42 11.26 41.91
C ARG A 154 12.02 12.60 41.33
N GLN A 155 11.94 12.70 40.01
CA GLN A 155 11.69 14.00 39.39
C GLN A 155 10.25 14.45 39.54
N TYR A 156 9.30 13.51 39.59
CA TYR A 156 7.89 13.88 39.61
C TYR A 156 7.15 13.47 40.87
N GLY A 157 7.49 12.34 41.48
CA GLY A 157 6.80 11.91 42.68
C GLY A 157 5.44 11.32 42.39
N PHE A 158 4.67 11.14 43.45
CA PHE A 158 3.39 10.45 43.41
C PHE A 158 2.29 11.33 43.98
N PHE A 159 1.10 11.25 43.38
CA PHE A 159 -0.08 11.84 43.98
C PHE A 159 -0.50 11.02 45.20
N GLU A 160 -1.40 11.61 46.00
CA GLU A 160 -1.84 10.94 47.22
C GLU A 160 -2.95 9.94 46.94
N CYS A 161 -3.73 10.17 45.90
CA CYS A 161 -4.79 9.25 45.49
C CYS A 161 -4.65 8.96 44.00
N SER A 162 -5.47 8.02 43.51
CA SER A 162 -5.43 7.63 42.11
C SER A 162 -6.23 8.55 41.22
N LYS A 163 -6.91 9.55 41.77
CA LYS A 163 -7.68 10.55 41.01
C LYS A 163 -8.65 9.80 40.09
N PHE A 164 -8.80 10.19 38.83
CA PHE A 164 -9.83 9.61 37.98
C PHE A 164 -9.64 8.12 37.76
N LEU A 165 -8.42 7.60 37.91
CA LEU A 165 -8.21 6.16 37.80
C LEU A 165 -9.03 5.41 38.84
N ALA A 166 -9.18 6.00 40.04
CA ALA A 166 -10.01 5.38 41.07
C ALA A 166 -11.45 5.20 40.62
N CYS A 167 -11.89 5.94 39.60
CA CYS A 167 -13.25 5.78 39.09
C CYS A 167 -13.44 4.44 38.40
N GLY A 168 -12.38 3.66 38.22
CA GLY A 168 -12.54 2.30 37.74
C GLY A 168 -13.11 1.33 38.75
N GLU A 169 -13.39 1.79 39.97
CA GLU A 169 -13.97 0.98 41.02
C GLU A 169 -15.25 1.62 41.52
N GLU A 170 -16.14 0.80 42.06
CA GLU A 170 -17.43 1.30 42.53
C GLU A 170 -17.23 2.25 43.72
N CYS A 171 -17.98 3.36 43.70
CA CYS A 171 -17.95 4.32 44.79
C CYS A 171 -18.84 3.94 45.96
N GLY A 172 -19.58 2.83 45.85
CA GLY A 172 -20.45 2.38 46.92
C GLY A 172 -21.65 3.27 47.18
N LEU A 173 -22.24 3.84 46.13
CA LEU A 173 -23.44 4.63 46.23
C LEU A 173 -24.46 4.15 45.20
N ASP A 174 -25.74 4.31 45.52
CA ASP A 174 -26.80 3.99 44.60
C ASP A 174 -26.93 5.07 43.53
N GLN A 175 -27.71 4.76 42.49
CA GLN A 175 -27.84 5.68 41.37
C GLN A 175 -28.35 7.05 41.82
N GLU A 176 -29.38 7.05 42.68
CA GLU A 176 -29.94 8.32 43.14
C GLU A 176 -28.89 9.13 43.90
N ALA A 177 -28.15 8.48 44.79
CA ALA A 177 -27.11 9.18 45.54
C ALA A 177 -25.99 9.66 44.62
N ARG A 178 -25.63 8.85 43.62
CA ARG A 178 -24.60 9.28 42.68
C ARG A 178 -25.01 10.53 41.93
N GLU A 179 -26.25 10.54 41.42
CA GLU A 179 -26.74 11.72 40.71
C GLU A 179 -26.80 12.93 41.62
N LEU A 180 -27.29 12.74 42.85
CA LEU A 180 -27.35 13.85 43.80
C LEU A 180 -25.97 14.42 44.06
N ILE A 181 -25.00 13.54 44.31
CA ILE A 181 -23.66 14.01 44.63
C ILE A 181 -23.06 14.75 43.45
N LEU A 182 -23.23 14.22 42.23
CA LEU A 182 -22.64 14.88 41.07
C LEU A 182 -23.27 16.26 40.86
N ASN A 183 -24.59 16.35 40.91
CA ASN A 183 -25.25 17.63 40.70
C ASN A 183 -24.88 18.63 41.79
N GLU A 184 -24.81 18.18 43.05
CA GLU A 184 -24.49 19.08 44.14
C GLU A 184 -23.03 19.53 44.08
N TYR A 185 -22.12 18.64 43.65
CA TYR A 185 -20.74 19.06 43.44
C TYR A 185 -20.65 20.11 42.35
N ALA A 186 -21.39 19.91 41.25
CA ALA A 186 -21.41 20.93 40.19
C ALA A 186 -21.93 22.25 40.73
N ARG A 187 -23.00 22.22 41.53
CA ARG A 187 -23.53 23.45 42.11
C ARG A 187 -22.52 24.13 43.02
N ASP A 188 -21.86 23.36 43.88
CA ASP A 188 -20.89 23.93 44.81
C ASP A 188 -19.70 24.53 44.10
N ARG A 189 -19.32 23.98 42.94
CA ARG A 189 -18.24 24.54 42.14
C ARG A 189 -18.65 25.82 41.42
N GLU A 190 -19.91 26.24 41.52
CA GLU A 190 -20.41 27.46 40.89
C GLU A 190 -20.50 27.31 39.37
N PHE A 191 -20.85 26.11 38.92
CA PHE A 191 -21.12 25.91 37.50
C PHE A 191 -22.44 26.56 37.13
N GLU A 192 -22.47 27.16 35.93
CA GLU A 192 -23.71 27.75 35.43
C GLU A 192 -24.71 26.65 35.11
N PHE A 193 -25.97 26.89 35.44
CA PHE A 193 -27.06 25.98 35.11
C PHE A 193 -27.92 26.63 34.04
N ARG A 194 -28.12 25.93 32.93
CA ARG A 194 -28.86 26.47 31.81
C ARG A 194 -29.49 25.33 31.02
N ASN A 195 -30.79 25.45 30.75
CA ASN A 195 -31.52 24.46 29.96
C ASN A 195 -31.42 23.07 30.57
N GLY A 196 -31.34 22.99 31.89
CA GLY A 196 -31.23 21.71 32.55
C GLY A 196 -29.86 21.08 32.51
N GLY A 197 -28.83 21.84 32.12
CA GLY A 197 -27.49 21.30 32.02
C GLY A 197 -26.48 22.21 32.71
N TRP A 198 -25.29 21.66 32.92
CA TRP A 198 -24.21 22.36 33.60
C TRP A 198 -23.16 22.83 32.60
N ILE A 199 -22.67 24.05 32.81
CA ILE A 199 -21.60 24.63 32.00
C ILE A 199 -20.54 25.17 32.95
N GLN A 200 -19.28 24.83 32.70
CA GLN A 200 -18.16 25.42 33.43
C GLN A 200 -17.63 26.59 32.62
N ARG A 201 -17.69 27.78 33.20
CA ARG A 201 -17.25 29.00 32.55
C ARG A 201 -15.81 29.34 32.94
N TYR A 202 -15.06 29.89 32.01
CA TYR A 202 -13.71 30.35 32.27
C TYR A 202 -13.52 31.72 31.65
N THR A 203 -12.62 32.51 32.23
CA THR A 203 -12.27 33.82 31.71
C THR A 203 -10.82 33.92 31.29
N VAL A 204 -9.88 33.56 32.17
CA VAL A 204 -8.46 33.72 31.92
C VAL A 204 -7.75 32.40 32.13
N ALA A 205 -6.62 32.25 31.46
CA ALA A 205 -5.79 31.05 31.56
C ALA A 205 -4.38 31.46 31.98
N SER A 206 -3.80 30.71 32.91
CA SER A 206 -2.42 30.94 33.29
C SER A 206 -1.45 30.52 32.20
N HIS A 207 -1.89 29.72 31.24
CA HIS A 207 -1.06 29.32 30.11
C HIS A 207 0.20 28.60 30.57
N LYS A 208 0.07 27.79 31.61
CA LYS A 208 1.15 26.93 32.07
C LYS A 208 0.61 25.53 32.27
N PRO A 209 1.44 24.50 32.11
CA PRO A 209 0.95 23.13 32.28
C PRO A 209 0.50 22.87 33.72
N ALA A 210 -0.48 21.98 33.84
CA ALA A 210 -0.92 21.53 35.16
C ALA A 210 0.17 20.70 35.83
N THR A 211 0.06 20.58 37.16
CA THR A 211 1.02 19.80 37.91
C THR A 211 0.97 18.33 37.47
N GLN A 212 2.14 17.74 37.28
CA GLN A 212 2.26 16.35 36.86
C GLN A 212 2.90 15.52 37.97
N LYS A 213 2.21 14.44 38.34
CA LYS A 213 2.76 13.44 39.24
C LYS A 213 2.27 12.07 38.79
N ILE A 214 2.91 11.03 39.31
CA ILE A 214 2.51 9.67 39.00
C ILE A 214 1.29 9.30 39.85
N LEU A 215 0.39 8.53 39.27
CA LEU A 215 -0.81 8.07 39.95
C LEU A 215 -0.56 6.72 40.62
N PRO A 216 -0.86 6.56 41.91
CA PRO A 216 -0.83 5.21 42.49
C PRO A 216 -1.94 4.35 41.91
N LEU A 217 -1.69 3.05 41.84
CA LEU A 217 -2.61 2.12 41.19
C LEU A 217 -3.71 1.70 42.14
N PRO A 218 -4.99 1.88 41.79
CA PRO A 218 -6.06 1.24 42.55
C PRO A 218 -5.93 -0.27 42.52
N ALA A 219 -6.68 -0.92 43.41
CA ALA A 219 -6.58 -2.38 43.53
C ALA A 219 -7.04 -3.08 42.26
N SER A 220 -8.13 -2.61 41.65
CA SER A 220 -8.69 -3.28 40.48
C SER A 220 -9.50 -2.28 39.68
N ALA A 221 -9.98 -2.72 38.52
CA ALA A 221 -10.79 -1.90 37.62
C ALA A 221 -11.99 -2.73 37.13
N PRO A 222 -12.91 -3.07 38.03
CA PRO A 222 -14.09 -3.84 37.59
C PRO A 222 -14.99 -3.07 36.63
N LEU A 223 -14.92 -1.75 36.60
CA LEU A 223 -15.84 -0.92 35.83
C LEU A 223 -15.19 -0.36 34.56
N ALA A 224 -14.09 -0.96 34.10
CA ALA A 224 -13.37 -0.40 32.96
C ALA A 224 -14.28 -0.27 31.74
N ARG A 225 -14.99 -1.34 31.40
CA ARG A 225 -15.86 -1.30 30.23
C ARG A 225 -16.97 -0.27 30.41
N GLU A 226 -17.58 -0.24 31.60
CA GLU A 226 -18.63 0.73 31.86
C GLU A 226 -18.11 2.16 31.78
N LEU A 227 -16.93 2.40 32.35
CA LEU A 227 -16.37 3.75 32.34
C LEU A 227 -16.04 4.20 30.92
N LEU A 228 -15.44 3.32 30.12
CA LEU A 228 -15.14 3.67 28.73
C LEU A 228 -16.41 3.92 27.94
N MET A 229 -17.45 3.11 28.16
CA MET A 229 -18.71 3.33 27.46
C MET A 229 -19.34 4.66 27.88
N LEU A 230 -19.24 5.01 29.16
CA LEU A 230 -19.76 6.29 29.62
C LEU A 230 -19.02 7.45 28.97
N ILE A 231 -17.69 7.33 28.85
CA ILE A 231 -16.93 8.38 28.17
C ILE A 231 -17.34 8.46 26.71
N ALA A 232 -17.58 7.32 26.07
CA ALA A 232 -18.04 7.33 24.68
C ALA A 232 -19.39 8.03 24.55
N ARG A 233 -20.31 7.76 25.48
CA ARG A 233 -21.62 8.40 25.42
C ARG A 233 -21.54 9.89 25.71
N SER A 234 -20.55 10.31 26.51
CA SER A 234 -20.43 11.72 26.86
C SER A 234 -19.97 12.59 25.70
N THR A 235 -19.56 11.99 24.57
CA THR A 235 -19.04 12.78 23.46
C THR A 235 -20.04 13.84 23.00
N THR A 236 -21.33 13.49 22.93
CA THR A 236 -22.37 14.46 22.61
C THR A 236 -23.31 14.73 23.77
N GLN A 237 -23.46 13.80 24.70
CA GLN A 237 -24.34 13.97 25.86
C GLN A 237 -23.50 14.58 26.99
N ALA A 238 -23.46 15.92 27.02
CA ALA A 238 -22.69 16.65 28.01
C ALA A 238 -23.60 17.64 28.74
N GLY A 239 -23.32 17.84 30.02
CA GLY A 239 -24.08 18.75 30.84
C GLY A 239 -25.07 18.10 31.78
N LYS A 240 -25.34 16.81 31.60
CA LYS A 240 -26.27 16.08 32.46
C LYS A 240 -25.64 14.76 32.88
N VAL A 241 -26.10 14.25 34.02
CA VAL A 241 -25.50 13.05 34.60
C VAL A 241 -25.87 11.84 33.76
N LEU A 242 -24.85 11.05 33.38
CA LEU A 242 -25.05 9.81 32.65
C LEU A 242 -24.83 8.64 33.60
N HIS A 243 -25.74 7.68 33.55
CA HIS A 243 -25.74 6.52 34.45
C HIS A 243 -25.44 5.25 33.68
N SER A 244 -24.59 4.40 34.27
CA SER A 244 -24.42 3.02 33.87
C SER A 244 -24.94 2.13 34.99
N ASP A 245 -24.76 0.82 34.85
CA ASP A 245 -25.30 -0.10 35.84
C ASP A 245 -24.70 0.14 37.21
N ASN A 246 -23.39 0.39 37.28
CA ASN A 246 -22.68 0.44 38.55
C ASN A 246 -22.02 1.77 38.85
N THR A 247 -22.15 2.77 37.98
CA THR A 247 -21.51 4.06 38.22
C THR A 247 -22.13 5.09 37.27
N SER A 248 -21.68 6.34 37.44
CA SER A 248 -22.19 7.44 36.63
C SER A 248 -21.10 8.50 36.52
N ILE A 249 -21.24 9.36 35.51
CA ILE A 249 -20.33 10.48 35.31
C ILE A 249 -21.14 11.71 34.93
N LEU A 250 -20.45 12.85 34.89
CA LEU A 250 -21.06 14.11 34.47
C LEU A 250 -20.03 14.84 33.59
N ALA A 251 -20.35 15.01 32.31
CA ALA A 251 -19.49 15.74 31.40
C ALA A 251 -20.03 17.16 31.26
N VAL A 252 -19.20 18.13 31.60
CA VAL A 252 -19.59 19.54 31.62
C VAL A 252 -18.87 20.23 30.47
N PRO A 253 -19.57 20.84 29.52
CA PRO A 253 -18.89 21.65 28.51
C PRO A 253 -18.14 22.81 29.16
N VAL A 254 -16.97 23.12 28.62
CA VAL A 254 -16.14 24.21 29.10
C VAL A 254 -16.17 25.31 28.05
N MET A 255 -16.77 26.45 28.38
CA MET A 255 -16.97 27.52 27.42
C MET A 255 -16.60 28.85 28.06
N ARG A 256 -16.21 29.80 27.21
CA ARG A 256 -15.73 31.09 27.68
C ARG A 256 -16.88 31.92 28.25
N ASP A 257 -16.53 32.82 29.17
CA ASP A 257 -17.48 33.74 29.79
C ASP A 257 -17.27 35.12 29.19
N SER A 258 -18.07 35.45 28.17
CA SER A 258 -18.07 36.82 27.64
C SER A 258 -18.85 37.76 28.55
N GLY A 259 -19.84 37.25 29.27
CA GLY A 259 -20.49 37.96 30.35
C GLY A 259 -21.96 38.23 30.13
N LYS A 260 -22.33 38.70 28.95
CA LYS A 260 -23.72 38.87 28.57
C LYS A 260 -24.08 38.12 27.31
N HIS A 261 -23.27 38.25 26.26
CA HIS A 261 -23.48 37.57 24.99
C HIS A 261 -22.39 36.50 24.87
N SER A 262 -22.70 35.32 25.40
CA SER A 262 -21.72 34.24 25.51
C SER A 262 -22.25 32.99 24.83
N LYS A 263 -21.33 32.08 24.52
CA LYS A 263 -21.69 30.77 24.01
C LYS A 263 -22.61 30.07 25.00
N ARG A 264 -23.73 29.55 24.50
CA ARG A 264 -24.69 28.86 25.35
C ARG A 264 -24.80 27.37 25.05
N ARG A 265 -24.28 26.91 23.91
CA ARG A 265 -24.26 25.49 23.58
C ARG A 265 -22.87 25.13 23.05
N PRO A 266 -22.43 23.89 23.26
CA PRO A 266 -21.09 23.51 22.78
C PRO A 266 -21.04 23.38 21.28
N THR A 267 -19.85 23.57 20.73
CA THR A 267 -19.56 23.34 19.33
C THR A 267 -18.54 22.20 19.22
N ALA A 268 -18.15 21.91 17.97
CA ALA A 268 -17.31 20.73 17.73
C ALA A 268 -16.00 20.78 18.51
N SER A 269 -15.50 21.98 18.80
CA SER A 269 -14.21 22.12 19.46
C SER A 269 -14.29 22.25 20.97
N THR A 270 -15.49 22.38 21.54
CA THR A 270 -15.61 22.62 22.97
C THR A 270 -15.07 21.44 23.77
N HIS A 271 -14.31 21.74 24.81
CA HIS A 271 -13.74 20.73 25.68
C HIS A 271 -14.74 20.33 26.77
N HIS A 272 -14.48 19.19 27.40
CA HIS A 272 -15.31 18.66 28.46
C HIS A 272 -14.51 18.53 29.75
N LEU A 273 -15.19 18.76 30.86
CA LEU A 273 -14.71 18.39 32.19
C LEU A 273 -15.53 17.17 32.62
N VAL A 274 -14.88 16.01 32.67
CA VAL A 274 -15.53 14.76 33.04
C VAL A 274 -15.36 14.58 34.54
N VAL A 275 -16.48 14.50 35.25
CA VAL A 275 -16.50 14.35 36.70
C VAL A 275 -16.98 12.95 37.03
N GLY A 276 -16.20 12.22 37.81
CA GLY A 276 -16.55 10.87 38.21
C GLY A 276 -16.42 10.70 39.72
N LEU A 277 -16.96 9.59 40.20
CA LEU A 277 -17.05 9.30 41.63
C LEU A 277 -16.28 8.04 41.97
N SER A 278 -15.58 8.10 43.10
CA SER A 278 -14.90 6.94 43.67
C SER A 278 -15.14 6.92 45.17
N LYS A 279 -14.65 5.87 45.82
CA LYS A 279 -14.82 5.77 47.26
C LYS A 279 -14.08 6.91 47.95
N PRO A 280 -14.60 7.43 49.06
CA PRO A 280 -13.94 8.55 49.73
C PRO A 280 -12.65 8.11 50.40
N GLY A 281 -11.93 9.10 50.94
CA GLY A 281 -10.68 8.84 51.62
C GLY A 281 -9.51 9.62 51.06
N CYS A 282 -9.79 10.77 50.43
CA CYS A 282 -8.74 11.62 49.90
C CYS A 282 -9.21 13.07 49.98
N GLU A 283 -8.35 13.98 49.55
CA GLU A 283 -8.64 15.41 49.62
C GLU A 283 -9.81 15.82 48.72
N HIS A 284 -10.22 14.97 47.79
CA HIS A 284 -11.30 15.28 46.86
C HIS A 284 -12.66 14.85 47.38
N ASP A 285 -12.77 14.51 48.66
CA ASP A 285 -14.03 14.06 49.23
C ASP A 285 -15.09 15.15 49.13
N PHE A 286 -16.33 14.73 48.89
CA PHE A 286 -17.48 15.61 48.84
C PHE A 286 -18.63 14.92 49.55
N GLU A 287 -19.34 15.68 50.38
CA GLU A 287 -20.41 15.15 51.20
C GLU A 287 -21.67 15.99 51.00
N PHE A 288 -22.81 15.30 50.93
CA PHE A 288 -24.10 15.97 50.81
C PHE A 288 -25.18 15.03 51.30
N ASP A 289 -26.02 15.51 52.23
CA ASP A 289 -27.12 14.72 52.78
C ASP A 289 -26.62 13.40 53.38
N GLY A 290 -25.42 13.42 53.95
CA GLY A 290 -24.86 12.23 54.54
C GLY A 290 -24.23 11.26 53.56
N TYR A 291 -24.27 11.57 52.26
CA TYR A 291 -23.63 10.74 51.24
C TYR A 291 -22.26 11.30 50.94
N ARG A 292 -21.25 10.43 50.96
CA ARG A 292 -19.86 10.83 50.81
C ARG A 292 -19.23 10.10 49.62
N ALA A 293 -18.47 10.84 48.81
CA ALA A 293 -17.75 10.21 47.71
C ALA A 293 -16.63 11.13 47.27
N ALA A 294 -15.54 10.54 46.76
CA ALA A 294 -14.47 11.33 46.19
C ALA A 294 -14.83 11.70 44.76
N VAL A 295 -14.70 12.98 44.43
CA VAL A 295 -15.08 13.51 43.13
C VAL A 295 -13.80 13.87 42.39
N HIS A 296 -13.58 13.23 41.24
CA HIS A 296 -12.36 13.40 40.47
C HIS A 296 -12.69 13.88 39.06
N VAL A 297 -11.91 14.84 38.57
CA VAL A 297 -12.17 15.48 37.30
C VAL A 297 -11.12 15.09 36.28
N MET A 298 -11.45 15.29 35.02
CA MET A 298 -10.53 15.06 33.91
C MET A 298 -10.91 16.01 32.78
N HIS A 299 -9.97 16.83 32.33
CA HIS A 299 -10.23 17.80 31.27
C HIS A 299 -9.81 17.18 29.94
N LEU A 300 -10.77 17.00 29.03
CA LEU A 300 -10.54 16.34 27.76
C LEU A 300 -10.97 17.24 26.60
N ASP A 301 -10.29 17.11 25.48
CA ASP A 301 -10.73 17.69 24.23
C ASP A 301 -11.53 16.67 23.44
N PRO A 302 -12.29 17.11 22.43
CA PRO A 302 -13.19 16.17 21.75
C PRO A 302 -12.48 14.95 21.18
N LYS A 303 -11.29 15.13 20.62
CA LYS A 303 -10.57 14.00 20.05
C LYS A 303 -10.18 13.00 21.13
N GLN A 304 -9.76 13.48 22.30
CA GLN A 304 -9.40 12.58 23.38
C GLN A 304 -10.61 11.77 23.84
N SER A 305 -11.77 12.42 23.99
CA SER A 305 -12.97 11.70 24.40
C SER A 305 -13.35 10.65 23.37
N ALA A 306 -13.32 11.01 22.08
CA ALA A 306 -13.67 10.06 21.04
C ALA A 306 -12.71 8.88 21.03
N ASN A 307 -11.41 9.15 21.15
CA ASN A 307 -10.42 8.08 21.15
C ASN A 307 -10.60 7.16 22.36
N ILE A 308 -10.81 7.73 23.54
CA ILE A 308 -10.93 6.93 24.75
C ILE A 308 -12.18 6.06 24.68
N GLY A 309 -13.31 6.64 24.26
CA GLY A 309 -14.56 5.92 24.29
C GLY A 309 -14.63 4.73 23.35
N GLU A 310 -13.81 4.71 22.31
CA GLU A 310 -13.90 3.68 21.27
C GLU A 310 -13.11 2.43 21.59
N GLN A 311 -12.24 2.45 22.58
CA GLN A 311 -11.39 1.29 22.86
C GLN A 311 -12.21 0.14 23.44
N ASP A 312 -11.80 -1.09 23.09
CA ASP A 312 -12.43 -2.31 23.57
C ASP A 312 -11.50 -2.95 24.60
N PHE A 313 -11.88 -2.82 25.88
CA PHE A 313 -11.05 -3.32 26.97
C PHE A 313 -11.01 -4.84 26.99
N VAL A 314 -12.16 -5.49 26.88
CA VAL A 314 -12.25 -6.93 27.07
C VAL A 314 -11.51 -7.67 25.96
N SER A 315 -11.75 -7.27 24.70
CA SER A 315 -11.10 -7.94 23.59
C SER A 315 -9.58 -7.76 23.65
N THR A 316 -9.13 -6.56 24.00
CA THR A 316 -7.70 -6.32 24.14
C THR A 316 -7.11 -7.23 25.22
N ARG A 317 -7.80 -7.34 26.36
CA ARG A 317 -7.30 -8.21 27.43
C ARG A 317 -7.21 -9.66 26.95
N GLU A 318 -8.24 -10.15 26.25
CA GLU A 318 -8.19 -11.54 25.77
C GLU A 318 -7.08 -11.75 24.76
N ILE A 319 -6.90 -10.82 23.83
CA ILE A 319 -5.87 -10.97 22.82
C ILE A 319 -4.50 -10.99 23.47
N TYR A 320 -4.27 -10.11 24.46
CA TYR A 320 -3.01 -10.14 25.20
C TYR A 320 -2.86 -11.46 25.94
N LYS A 321 -3.95 -11.96 26.53
CA LYS A 321 -3.89 -13.18 27.31
C LYS A 321 -3.52 -14.39 26.46
N LEU A 322 -3.81 -14.35 25.16
CA LEU A 322 -3.58 -15.52 24.33
C LEU A 322 -2.18 -16.09 24.49
N ASP A 323 -1.16 -15.24 24.55
CA ASP A 323 0.24 -15.68 24.56
C ASP A 323 1.03 -14.93 25.63
N MET A 324 0.49 -14.87 26.84
CA MET A 324 1.05 -14.10 27.93
C MET A 324 1.69 -15.02 28.97
N LEU A 325 2.87 -14.65 29.44
CA LEU A 325 3.45 -15.31 30.60
C LEU A 325 2.73 -14.86 31.86
N GLU A 326 2.90 -15.64 32.93
CA GLU A 326 2.18 -15.37 34.17
C GLU A 326 2.50 -13.97 34.69
N LEU A 327 1.46 -13.21 35.02
CA LEU A 327 1.62 -11.86 35.53
C LEU A 327 1.83 -11.90 37.04
N PRO A 328 2.85 -11.22 37.57
CA PRO A 328 3.10 -11.27 39.01
C PRO A 328 2.23 -10.26 39.75
N PRO A 329 2.03 -10.45 41.06
CA PRO A 329 1.32 -9.42 41.84
C PRO A 329 2.19 -8.21 42.05
N ILE A 330 1.56 -7.04 42.02
CA ILE A 330 2.28 -5.77 42.12
C ILE A 330 1.58 -4.88 43.12
N SER A 331 2.33 -3.90 43.63
CA SER A 331 1.87 -3.02 44.69
C SER A 331 1.25 -1.75 44.09
N ARG A 332 0.90 -0.80 44.95
CA ARG A 332 0.27 0.44 44.50
C ARG A 332 1.14 1.21 43.53
N LYS A 333 2.47 1.03 43.62
CA LYS A 333 3.42 1.80 42.82
C LYS A 333 4.14 0.94 41.80
N GLY A 334 3.52 -0.15 41.36
CA GLY A 334 4.08 -0.98 40.32
C GLY A 334 5.36 -1.70 40.70
N ASP A 335 5.48 -2.13 41.95
CA ASP A 335 6.62 -2.90 42.41
C ASP A 335 6.22 -4.34 42.65
N LEU A 336 7.14 -5.26 42.42
CA LEU A 336 6.88 -6.66 42.68
C LEU A 336 6.58 -6.87 44.16
N ASP A 337 5.41 -7.41 44.47
CA ASP A 337 4.96 -7.60 45.84
C ASP A 337 4.31 -8.99 45.92
N ARG A 338 5.12 -10.00 46.24
CA ARG A 338 4.59 -11.36 46.34
C ARG A 338 3.70 -11.52 47.56
N ALA A 339 4.06 -10.86 48.67
CA ALA A 339 3.33 -11.07 49.92
C ALA A 339 1.96 -10.39 49.90
N SER A 340 1.88 -9.17 49.38
CA SER A 340 0.65 -8.39 49.44
C SER A 340 0.22 -7.77 48.12
N GLY A 341 0.92 -8.04 47.03
CA GLY A 341 0.54 -7.48 45.75
C GLY A 341 -0.71 -8.13 45.19
N LEU A 342 -1.28 -7.47 44.19
CA LEU A 342 -2.49 -7.93 43.52
C LEU A 342 -2.23 -8.09 42.03
N GLU A 343 -2.69 -9.20 41.46
CA GLU A 343 -2.59 -9.41 40.02
C GLU A 343 -3.68 -8.65 39.26
N THR A 344 -4.74 -8.21 39.92
CA THR A 344 -5.77 -7.44 39.25
C THR A 344 -5.30 -6.04 38.87
N ARG A 345 -4.25 -5.55 39.52
CA ARG A 345 -3.74 -4.22 39.18
C ARG A 345 -3.31 -4.13 37.73
N TRP A 346 -2.94 -5.25 37.11
CA TRP A 346 -2.61 -5.22 35.69
C TRP A 346 -3.79 -4.73 34.88
N ASP A 347 -5.00 -5.20 35.19
CA ASP A 347 -6.19 -4.64 34.55
C ASP A 347 -6.18 -3.12 34.66
N VAL A 348 -5.90 -2.61 35.86
CA VAL A 348 -5.85 -1.17 36.06
C VAL A 348 -4.87 -0.54 35.07
N ILE A 349 -3.68 -1.14 34.95
CA ILE A 349 -2.69 -0.61 34.03
C ILE A 349 -3.26 -0.57 32.62
N LEU A 350 -3.92 -1.65 32.21
CA LEU A 350 -4.55 -1.66 30.89
C LEU A 350 -5.52 -0.49 30.78
N LEU A 351 -6.36 -0.29 31.79
CA LEU A 351 -7.29 0.83 31.77
C LEU A 351 -6.55 2.14 31.60
N LEU A 352 -5.42 2.30 32.31
CA LEU A 352 -4.64 3.52 32.16
C LEU A 352 -4.23 3.73 30.72
N GLU A 353 -3.75 2.66 30.07
CA GLU A 353 -3.36 2.77 28.66
C GLU A 353 -4.55 3.20 27.81
N CYS A 354 -5.74 2.71 28.14
CA CYS A 354 -6.93 3.13 27.39
C CYS A 354 -7.23 4.61 27.62
N LEU A 355 -6.97 5.10 28.83
CA LEU A 355 -7.28 6.49 29.13
C LEU A 355 -6.27 7.45 28.53
N ASP A 356 -5.03 7.02 28.36
CA ASP A 356 -3.99 7.89 27.82
C ASP A 356 -4.20 8.09 26.33
N SER A 357 -4.48 9.34 25.93
CA SER A 357 -4.71 9.65 24.53
C SER A 357 -3.43 9.78 23.73
N THR A 358 -2.26 9.82 24.39
CA THR A 358 -0.98 9.87 23.69
C THR A 358 -0.38 8.49 23.47
N ARG A 359 -0.84 7.47 24.21
CA ARG A 359 -0.44 6.09 23.99
C ARG A 359 1.09 5.93 23.99
N VAL A 360 1.75 6.57 24.95
CA VAL A 360 3.20 6.46 25.07
C VAL A 360 3.63 5.03 25.33
N SER A 361 2.74 4.23 25.94
CA SER A 361 3.04 2.82 26.15
C SER A 361 3.32 2.12 24.83
N GLN A 362 2.78 2.62 23.72
CA GLN A 362 3.08 2.02 22.43
C GLN A 362 4.54 2.21 22.05
N ALA A 363 5.07 3.42 22.26
CA ALA A 363 6.49 3.66 22.02
C ALA A 363 7.36 2.80 22.92
N VAL A 364 6.98 2.71 24.20
CA VAL A 364 7.74 1.87 25.13
C VAL A 364 7.69 0.41 24.67
N ALA A 365 6.53 -0.05 24.23
CA ALA A 365 6.40 -1.44 23.79
C ALA A 365 7.23 -1.72 22.55
N GLN A 366 7.25 -0.79 21.59
CA GLN A 366 8.07 -0.98 20.40
C GLN A 366 9.55 -1.05 20.76
N HIS A 367 10.00 -0.14 21.63
CA HIS A 367 11.40 -0.17 22.02
C HIS A 367 11.74 -1.44 22.78
N PHE A 368 10.82 -1.91 23.63
CA PHE A 368 11.07 -3.15 24.38
C PHE A 368 11.06 -4.37 23.47
N ASN A 369 10.25 -4.37 22.41
CA ASN A 369 10.30 -5.42 21.42
C ASN A 369 11.68 -5.47 20.77
N ARG A 370 12.18 -4.31 20.36
CA ARG A 370 13.53 -4.25 19.82
C ARG A 370 14.55 -4.77 20.85
N HIS A 371 14.39 -4.38 22.11
CA HIS A 371 15.30 -4.81 23.16
C HIS A 371 15.31 -6.33 23.27
N ARG A 372 14.14 -6.95 23.30
CA ARG A 372 14.07 -8.40 23.47
C ARG A 372 14.59 -9.13 22.26
N LEU A 373 14.51 -8.53 21.07
CA LEU A 373 15.04 -9.17 19.88
C LEU A 373 16.53 -8.95 19.66
N ALA A 374 17.16 -8.05 20.41
CA ALA A 374 18.49 -7.57 20.08
C ALA A 374 19.58 -8.40 20.73
N LEU A 375 20.63 -8.69 19.96
CA LEU A 375 21.87 -9.27 20.49
C LEU A 375 22.86 -8.19 20.89
N SER A 376 23.01 -7.15 20.06
CA SER A 376 23.90 -6.03 20.36
C SER A 376 23.21 -4.74 19.97
N VAL A 377 23.52 -3.67 20.70
CA VAL A 377 22.96 -2.34 20.48
C VAL A 377 24.07 -1.32 20.62
N CYS A 378 23.79 -0.09 20.21
CA CYS A 378 24.75 0.99 20.30
C CYS A 378 24.88 1.46 21.75
N LYS A 379 26.12 1.61 22.21
CA LYS A 379 26.38 1.96 23.60
C LYS A 379 25.81 3.34 23.92
N ASP A 380 25.09 3.42 25.03
CA ASP A 380 24.55 4.65 25.63
C ASP A 380 23.43 5.28 24.81
N GLU A 381 23.10 4.74 23.64
CA GLU A 381 22.06 5.30 22.78
C GLU A 381 20.78 4.49 22.80
N PHE A 382 20.88 3.15 22.75
CA PHE A 382 19.69 2.33 22.85
C PHE A 382 18.99 2.54 24.19
N ARG A 383 19.77 2.62 25.27
CA ARG A 383 19.18 2.94 26.57
C ARG A 383 18.39 4.24 26.52
N LYS A 384 18.83 5.18 25.70
CA LYS A 384 18.14 6.46 25.54
C LYS A 384 16.99 6.33 24.56
N GLY A 385 16.16 5.31 24.75
CA GLY A 385 14.94 5.13 23.99
C GLY A 385 13.77 4.94 24.91
N TYR A 386 14.07 4.69 26.19
CA TYR A 386 13.07 4.63 27.23
C TYR A 386 12.85 5.98 27.91
N GLN A 387 13.65 6.99 27.58
CA GLN A 387 13.52 8.32 28.16
C GLN A 387 12.55 9.12 27.30
N LEU A 388 11.27 8.88 27.52
CA LEU A 388 10.19 9.48 26.73
C LEU A 388 9.44 10.56 27.48
N ALA A 389 9.93 10.98 28.65
CA ALA A 389 9.21 11.97 29.44
C ALA A 389 9.09 13.30 28.71
N SER A 390 10.05 13.61 27.84
CA SER A 390 10.01 14.87 27.10
C SER A 390 9.00 14.86 25.97
N GLU A 391 8.48 13.70 25.58
CA GLU A 391 7.51 13.61 24.50
C GLU A 391 6.08 13.84 24.95
N ILE A 392 5.81 13.82 26.26
CA ILE A 392 4.45 13.83 26.78
C ILE A 392 4.34 14.86 27.90
N ARG A 393 3.10 15.22 28.20
CA ARG A 393 2.81 16.16 29.27
C ARG A 393 1.47 15.78 29.90
N GLY A 394 1.42 15.80 31.22
CA GLY A 394 0.20 15.50 31.94
C GLY A 394 0.31 14.31 32.87
N THR A 395 -0.60 14.23 33.85
CA THR A 395 -0.54 13.15 34.83
C THR A 395 -0.79 11.80 34.19
N ILE A 396 -1.79 11.69 33.32
CA ILE A 396 -2.20 10.41 32.75
C ILE A 396 -1.07 9.83 31.89
N PRO A 397 -0.57 10.55 30.88
CA PRO A 397 0.52 9.99 30.07
C PRO A 397 1.79 9.74 30.87
N LEU A 398 2.09 10.59 31.85
CA LEU A 398 3.29 10.38 32.67
C LEU A 398 3.17 9.08 33.46
N SER A 399 2.01 8.85 34.08
CA SER A 399 1.80 7.61 34.82
C SER A 399 1.82 6.42 33.88
N SER A 400 1.29 6.58 32.67
CA SER A 400 1.31 5.48 31.71
C SER A 400 2.74 5.12 31.34
N LEU A 401 3.59 6.12 31.08
CA LEU A 401 4.99 5.84 30.78
C LEU A 401 5.68 5.18 31.97
N TYR A 402 5.43 5.69 33.18
CA TYR A 402 6.08 5.15 34.36
C TYR A 402 5.71 3.68 34.55
N TYR A 403 4.44 3.34 34.41
CA TYR A 403 4.02 1.96 34.60
C TYR A 403 4.38 1.07 33.42
N SER A 404 4.55 1.62 32.22
CA SER A 404 5.13 0.82 31.12
C SER A 404 6.57 0.44 31.43
N LEU A 405 7.36 1.40 31.94
CA LEU A 405 8.72 1.08 32.33
C LEU A 405 8.73 0.09 33.50
N CYS A 406 7.79 0.23 34.42
CA CYS A 406 7.66 -0.74 35.51
C CYS A 406 7.34 -2.13 34.97
N ALA A 407 6.48 -2.21 33.95
CA ALA A 407 6.18 -3.50 33.34
C ALA A 407 7.42 -4.11 32.71
N VAL A 408 8.23 -3.29 32.02
CA VAL A 408 9.47 -3.79 31.45
C VAL A 408 10.39 -4.32 32.55
N ARG A 409 10.52 -3.56 33.64
CA ARG A 409 11.37 -3.97 34.75
C ARG A 409 10.88 -5.27 35.37
N LEU A 410 9.56 -5.39 35.56
CA LEU A 410 9.00 -6.61 36.15
C LEU A 410 9.21 -7.81 35.24
N ARG A 411 9.07 -7.61 33.93
CA ARG A 411 9.34 -8.70 32.99
C ARG A 411 10.79 -9.14 33.10
N MET A 412 11.72 -8.19 33.16
CA MET A 412 13.12 -8.55 33.29
C MET A 412 13.43 -9.16 34.65
N THR A 413 12.59 -8.92 35.65
CA THR A 413 12.83 -9.45 36.98
C THR A 413 12.31 -10.88 37.12
N VAL A 414 11.09 -11.15 36.65
CA VAL A 414 10.43 -12.42 36.92
C VAL A 414 10.46 -13.39 35.74
N HIS A 415 10.70 -12.90 34.52
CA HIS A 415 10.83 -13.77 33.34
C HIS A 415 12.00 -13.28 32.50
N PRO A 416 13.24 -13.47 32.98
CA PRO A 416 14.39 -13.01 32.22
C PRO A 416 14.47 -13.66 30.84
N PHE A 417 14.95 -12.90 29.86
CA PHE A 417 15.09 -13.39 28.50
C PHE A 417 16.54 -13.33 28.02
N MET B 1 0.89 -5.50 29.50
CA MET B 1 0.71 -6.93 29.11
C MET B 1 1.60 -7.26 27.92
N TRP B 2 1.85 -6.25 27.08
CA TRP B 2 2.79 -6.43 25.98
C TRP B 2 4.18 -6.79 26.48
N ALA B 3 4.54 -6.35 27.69
CA ALA B 3 5.85 -6.66 28.24
C ALA B 3 5.99 -8.13 28.59
N PHE B 4 4.88 -8.83 28.83
CA PHE B 4 4.92 -10.23 29.26
C PHE B 4 4.54 -11.20 28.15
N GLN B 5 4.57 -10.75 26.89
CA GLN B 5 4.37 -11.65 25.77
C GLN B 5 5.59 -12.55 25.60
N GLU B 6 5.35 -13.82 25.30
CA GLU B 6 6.46 -14.74 25.07
C GLU B 6 7.13 -14.50 23.73
N GLY B 7 6.37 -14.09 22.72
CA GLY B 7 6.89 -13.82 21.40
C GLY B 7 7.05 -12.34 21.13
N VAL B 8 7.14 -12.00 19.85
CA VAL B 8 7.29 -10.61 19.43
C VAL B 8 5.93 -9.91 19.49
N CYS B 9 5.94 -8.66 19.93
CA CYS B 9 4.72 -7.87 20.03
C CYS B 9 5.06 -6.41 19.88
N LYS B 10 4.47 -5.76 18.87
CA LYS B 10 4.66 -4.33 18.68
C LYS B 10 3.87 -3.49 19.66
N GLY B 11 2.71 -3.99 20.10
CA GLY B 11 1.83 -3.22 20.95
C GLY B 11 0.84 -2.40 20.16
N ASN B 12 0.27 -3.01 19.13
CA ASN B 12 -0.66 -2.33 18.22
C ASN B 12 -2.12 -2.51 18.63
N LEU B 13 -2.38 -3.11 19.79
CA LEU B 13 -3.75 -3.52 20.11
C LEU B 13 -4.66 -2.31 20.33
N LEU B 14 -4.15 -1.24 20.91
CA LEU B 14 -4.94 -0.02 21.06
C LEU B 14 -4.75 0.90 19.86
N SER B 15 -5.63 1.89 19.77
CA SER B 15 -5.57 2.85 18.69
C SER B 15 -4.36 3.78 18.85
N GLY B 16 -4.01 4.46 17.75
CA GLY B 16 -2.93 5.40 17.76
C GLY B 16 -3.28 6.66 18.52
N PRO B 17 -2.27 7.45 18.86
CA PRO B 17 -2.51 8.69 19.61
C PRO B 17 -3.28 9.71 18.78
N THR B 18 -4.03 10.54 19.48
CA THR B 18 -4.72 11.68 18.87
C THR B 18 -4.11 12.97 19.38
N SER B 19 -4.32 14.03 18.62
CA SER B 19 -3.75 15.33 18.98
C SER B 19 -4.52 16.42 18.24
N MET B 20 -4.94 17.45 18.98
CA MET B 20 -5.55 18.64 18.41
C MET B 20 -4.57 19.82 18.41
N LYS B 21 -3.28 19.55 18.54
CA LYS B 21 -2.27 20.59 18.60
C LYS B 21 -2.10 21.26 17.24
N ALA B 22 -1.67 22.52 17.28
CA ALA B 22 -1.29 23.20 16.04
C ALA B 22 0.00 22.60 15.49
N PRO B 23 0.17 22.61 14.17
CA PRO B 23 1.38 22.01 13.57
C PRO B 23 2.63 22.87 13.70
N ASP B 24 2.54 24.05 14.30
CA ASP B 24 3.67 24.98 14.28
C ASP B 24 4.89 24.40 14.98
N SER B 25 4.70 23.80 16.15
CA SER B 25 5.83 23.34 16.95
C SER B 25 6.61 22.24 16.22
N ALA B 26 5.90 21.26 15.65
CA ALA B 26 6.57 20.15 14.99
C ALA B 26 7.28 20.61 13.73
N ALA B 27 6.64 21.46 12.93
CA ALA B 27 7.29 21.98 11.73
C ALA B 27 8.52 22.79 12.10
N ARG B 28 8.42 23.63 13.12
CA ARG B 28 9.56 24.42 13.56
C ARG B 28 10.69 23.51 14.04
N GLU B 29 10.36 22.45 14.77
CA GLU B 29 11.37 21.51 15.22
C GLU B 29 12.06 20.84 14.03
N SER B 30 11.29 20.42 13.04
CA SER B 30 11.90 19.79 11.86
C SER B 30 12.82 20.75 11.13
N ILE B 31 12.39 21.99 10.96
CA ILE B 31 13.22 22.97 10.26
C ILE B 31 14.48 23.27 11.06
N ASP B 32 14.36 23.34 12.39
CA ASP B 32 15.53 23.57 13.22
C ASP B 32 16.52 22.43 13.12
N ARG B 33 16.03 21.19 13.10
CA ARG B 33 16.92 20.05 12.94
C ARG B 33 17.63 20.10 11.59
N ALA B 34 16.89 20.43 10.53
CA ALA B 34 17.52 20.55 9.22
C ALA B 34 18.61 21.62 9.22
N SER B 35 18.32 22.78 9.82
CA SER B 35 19.31 23.85 9.89
C SER B 35 20.54 23.41 10.69
N GLU B 36 20.33 22.72 11.80
CA GLU B 36 21.45 22.23 12.59
C GLU B 36 22.30 21.25 11.79
N ILE B 37 21.66 20.37 11.03
CA ILE B 37 22.43 19.45 10.18
C ILE B 37 23.23 20.23 9.15
N MET B 38 22.66 21.32 8.62
CA MET B 38 23.37 22.11 7.63
C MET B 38 24.68 22.64 8.16
N THR B 39 24.76 22.94 9.47
CA THR B 39 25.99 23.46 10.05
C THR B 39 27.05 22.38 10.24
N GLY B 40 26.73 21.12 9.98
CA GLY B 40 27.69 20.05 10.16
C GLY B 40 28.04 19.77 11.61
N LYS B 41 27.04 19.79 12.50
CA LYS B 41 27.25 19.57 13.91
C LYS B 41 26.64 18.28 14.45
N SER B 42 25.55 17.80 13.85
CA SER B 42 24.81 16.67 14.39
C SER B 42 24.89 15.44 13.49
N TYR B 43 24.48 15.56 12.23
CA TYR B 43 24.46 14.45 11.30
C TYR B 43 25.09 14.89 9.98
N ASN B 44 25.28 13.93 9.09
CA ASN B 44 25.96 14.16 7.81
C ASN B 44 24.92 14.31 6.71
N ALA B 45 24.99 15.43 5.98
CA ALA B 45 24.17 15.66 4.81
C ALA B 45 25.01 15.90 3.56
N VAL B 46 26.27 15.50 3.57
CA VAL B 46 27.18 15.65 2.44
C VAL B 46 27.42 14.26 1.86
N HIS B 47 26.94 14.05 0.64
CA HIS B 47 27.06 12.75 -0.01
C HIS B 47 28.43 12.62 -0.67
N THR B 48 29.16 11.56 -0.34
CA THR B 48 30.47 11.31 -0.92
C THR B 48 30.56 9.98 -1.64
N GLY B 49 29.51 9.17 -1.62
CA GLY B 49 29.55 7.91 -2.34
C GLY B 49 29.54 8.09 -3.84
N ASP B 50 30.11 7.13 -4.54
CA ASP B 50 30.23 7.19 -5.99
C ASP B 50 28.94 6.72 -6.64
N LEU B 51 28.37 7.56 -7.51
CA LEU B 51 27.15 7.24 -8.24
C LEU B 51 27.38 7.21 -9.75
N SER B 52 28.63 7.09 -10.19
CA SER B 52 28.94 7.18 -11.61
C SER B 52 28.49 5.97 -12.41
N LYS B 53 28.07 4.89 -11.75
CA LYS B 53 27.69 3.67 -12.43
C LYS B 53 26.20 3.56 -12.71
N LEU B 54 25.41 4.56 -12.32
CA LEU B 54 23.98 4.50 -12.57
C LEU B 54 23.70 4.75 -14.05
N PRO B 55 22.81 3.98 -14.68
CA PRO B 55 22.51 4.21 -16.09
C PRO B 55 21.83 5.56 -16.31
N ASN B 56 22.15 6.17 -17.44
CA ASN B 56 21.57 7.46 -17.81
C ASN B 56 20.24 7.25 -18.51
N GLN B 57 19.21 7.93 -18.03
CA GLN B 57 17.88 7.88 -18.60
C GLN B 57 17.54 9.12 -19.42
N GLY B 58 18.53 9.98 -19.69
CA GLY B 58 18.24 11.25 -20.32
C GLY B 58 17.59 11.14 -21.68
N GLU B 59 17.84 10.03 -22.38
CA GLU B 59 17.29 9.85 -23.72
C GLU B 59 15.84 9.42 -23.72
N SER B 60 15.28 9.02 -22.58
CA SER B 60 13.90 8.56 -22.56
C SER B 60 12.96 9.71 -22.89
N PRO B 61 11.85 9.43 -23.60
CA PRO B 61 10.86 10.49 -23.83
C PRO B 61 10.27 10.97 -22.52
N LEU B 62 9.97 12.27 -22.47
CA LEU B 62 9.37 12.86 -21.29
C LEU B 62 7.88 12.58 -21.30
N ARG B 63 7.42 11.72 -20.39
CA ARG B 63 6.02 11.36 -20.28
C ARG B 63 5.54 11.64 -18.86
N ILE B 64 4.32 12.15 -18.74
CA ILE B 64 3.73 12.52 -17.46
C ILE B 64 2.46 11.69 -17.27
N VAL B 65 2.36 11.04 -16.12
CA VAL B 65 1.15 10.31 -15.74
C VAL B 65 0.15 11.33 -15.21
N ASP B 66 -0.91 11.59 -15.98
CA ASP B 66 -1.86 12.63 -15.59
C ASP B 66 -2.59 12.28 -14.31
N SER B 67 -2.91 11.00 -14.11
CA SER B 67 -3.68 10.60 -12.94
C SER B 67 -2.95 10.93 -11.65
N ASP B 68 -1.62 10.90 -11.66
CA ASP B 68 -0.85 11.22 -10.47
C ASP B 68 -0.92 12.69 -10.11
N LEU B 69 -1.43 13.55 -10.99
CA LEU B 69 -1.43 14.99 -10.77
C LEU B 69 -2.79 15.53 -10.35
N TYR B 70 -3.78 14.66 -10.15
CA TYR B 70 -5.10 15.08 -9.71
C TYR B 70 -5.53 14.19 -8.56
N SER B 71 -6.06 14.79 -7.50
CA SER B 71 -6.59 14.06 -6.37
C SER B 71 -7.33 15.03 -5.46
N GLU B 72 -8.04 14.47 -4.49
CA GLU B 72 -8.72 15.27 -3.48
C GLU B 72 -7.83 15.56 -2.27
N ARG B 73 -6.57 15.11 -2.31
CA ARG B 73 -5.63 15.44 -1.24
C ARG B 73 -5.26 16.91 -1.30
N SER B 74 -4.77 17.41 -0.18
CA SER B 74 -4.49 18.84 -0.05
C SER B 74 -3.17 19.22 -0.71
N CYS B 75 -3.10 20.49 -1.11
CA CYS B 75 -1.92 21.06 -1.71
C CYS B 75 -1.94 22.56 -1.44
N CYS B 76 -0.79 23.20 -1.66
CA CYS B 76 -0.61 24.61 -1.40
C CYS B 76 -0.67 25.38 -2.72
N TRP B 77 -1.55 26.37 -2.79
CA TRP B 77 -1.65 27.26 -3.94
C TRP B 77 -1.19 28.65 -3.53
N VAL B 78 -0.36 29.27 -4.37
CA VAL B 78 0.30 30.53 -4.04
C VAL B 78 -0.26 31.62 -4.95
N ILE B 79 -0.62 32.75 -4.34
CA ILE B 79 -1.13 33.91 -5.06
C ILE B 79 -0.31 35.13 -4.66
N GLU B 80 0.16 35.89 -5.64
CA GLU B 80 0.84 37.16 -5.43
C GLU B 80 -0.14 38.27 -5.81
N LYS B 81 -0.91 38.73 -4.81
CA LYS B 81 -1.97 39.69 -5.09
C LYS B 81 -1.43 41.09 -5.30
N GLU B 82 -0.68 41.61 -4.32
CA GLU B 82 -0.21 43.00 -4.35
C GLU B 82 1.26 43.07 -3.91
N GLY B 83 2.07 42.15 -4.42
CA GLY B 83 3.46 42.06 -4.03
C GLY B 83 3.72 41.14 -2.86
N ARG B 84 2.69 40.77 -2.11
CA ARG B 84 2.81 39.82 -1.02
C ARG B 84 2.55 38.41 -1.55
N VAL B 85 2.75 37.42 -0.68
CA VAL B 85 2.54 36.01 -1.01
C VAL B 85 1.47 35.46 -0.08
N VAL B 86 0.46 34.83 -0.66
CA VAL B 86 -0.61 34.19 0.09
C VAL B 86 -0.63 32.72 -0.30
N CYS B 87 -0.53 31.85 0.71
CA CYS B 87 -0.56 30.40 0.51
C CYS B 87 -1.85 29.87 1.09
N LYS B 88 -2.64 29.19 0.27
CA LYS B 88 -3.92 28.65 0.70
C LYS B 88 -4.00 27.17 0.36
N SER B 89 -4.66 26.42 1.24
CA SER B 89 -4.85 24.99 1.04
C SER B 89 -6.01 24.76 0.08
N THR B 90 -5.78 23.92 -0.92
CA THR B 90 -6.82 23.53 -1.87
C THR B 90 -6.62 22.06 -2.21
N THR B 91 -7.47 21.53 -3.08
CA THR B 91 -7.25 20.17 -3.56
C THR B 91 -6.18 20.16 -4.64
N LEU B 92 -5.48 19.03 -4.76
CA LEU B 92 -4.51 18.91 -5.83
C LEU B 92 -5.17 19.07 -7.19
N THR B 93 -6.42 18.64 -7.33
CA THR B 93 -7.14 18.86 -8.58
C THR B 93 -7.31 20.36 -8.85
N ARG B 94 -7.81 21.09 -7.85
CA ARG B 94 -8.01 22.52 -8.03
C ARG B 94 -6.69 23.26 -8.24
N GLY B 95 -5.65 22.87 -7.50
CA GLY B 95 -4.36 23.50 -7.69
C GLY B 95 -3.78 23.25 -9.07
N MET B 96 -3.85 22.01 -9.55
CA MET B 96 -3.37 21.69 -10.89
C MET B 96 -4.17 22.44 -11.95
N THR B 97 -5.49 22.52 -11.77
CA THR B 97 -6.31 23.25 -12.73
C THR B 97 -5.98 24.73 -12.73
N SER B 98 -5.76 25.32 -11.54
CA SER B 98 -5.37 26.72 -11.47
C SER B 98 -4.02 26.95 -12.15
N LEU B 99 -3.07 26.04 -11.94
CA LEU B 99 -1.79 26.14 -12.61
C LEU B 99 -1.96 26.11 -14.13
N LEU B 100 -2.75 25.15 -14.62
CA LEU B 100 -2.95 25.04 -16.07
C LEU B 100 -3.71 26.23 -16.62
N ASN B 101 -4.61 26.82 -15.83
CA ASN B 101 -5.31 28.02 -16.27
C ASN B 101 -4.37 29.22 -16.36
N THR B 102 -3.51 29.39 -15.36
CA THR B 102 -2.62 30.55 -15.34
C THR B 102 -1.67 30.54 -16.53
N THR B 103 -1.10 29.39 -16.83
CA THR B 103 -0.30 29.19 -18.04
C THR B 103 -1.16 28.37 -18.99
N LYS B 104 -1.66 29.02 -20.04
CA LYS B 104 -2.68 28.37 -20.87
C LYS B 104 -2.10 27.13 -21.51
N CYS B 105 -2.47 25.97 -20.99
CA CYS B 105 -1.90 24.70 -21.42
C CYS B 105 -2.95 23.62 -21.30
N SER B 106 -3.14 22.85 -22.37
CA SER B 106 -4.19 21.83 -22.38
C SER B 106 -3.94 20.76 -21.33
N SER B 107 -2.70 20.32 -21.19
CA SER B 107 -2.36 19.21 -20.31
C SER B 107 -1.05 19.53 -19.58
N PRO B 108 -0.77 18.81 -18.48
CA PRO B 108 0.51 19.03 -17.79
C PRO B 108 1.73 18.75 -18.65
N SER B 109 1.65 17.78 -19.56
CA SER B 109 2.79 17.49 -20.42
C SER B 109 3.08 18.66 -21.36
N GLU B 110 2.02 19.30 -21.87
CA GLU B 110 2.23 20.50 -22.67
C GLU B 110 2.90 21.59 -21.86
N LEU B 111 2.48 21.74 -20.59
CA LEU B 111 3.11 22.74 -19.73
C LEU B 111 4.58 22.43 -19.51
N ILE B 112 4.93 21.17 -19.29
CA ILE B 112 6.32 20.82 -19.04
C ILE B 112 7.16 21.06 -20.29
N CYS B 113 6.63 20.71 -21.46
CA CYS B 113 7.37 20.98 -22.70
C CYS B 113 7.57 22.47 -22.90
N LYS B 114 6.53 23.27 -22.66
CA LYS B 114 6.65 24.71 -22.80
C LYS B 114 7.69 25.27 -21.84
N VAL B 115 7.67 24.81 -20.59
CA VAL B 115 8.62 25.28 -19.60
C VAL B 115 10.04 24.92 -20.01
N LEU B 116 10.22 23.73 -20.59
CA LEU B 116 11.55 23.29 -20.97
C LEU B 116 12.04 23.92 -22.27
N THR B 117 11.15 24.48 -23.09
CA THR B 117 11.54 24.99 -24.40
C THR B 117 11.54 26.52 -24.48
N VAL B 118 11.37 27.23 -23.37
CA VAL B 118 11.54 28.68 -23.40
C VAL B 118 13.02 29.01 -23.52
N GLU B 119 13.30 30.25 -23.91
CA GLU B 119 14.67 30.74 -24.06
C GLU B 119 15.04 31.78 -23.02
N SER B 120 14.20 32.00 -22.01
CA SER B 120 14.50 32.94 -20.94
C SER B 120 13.63 32.61 -19.74
N LEU B 121 14.17 32.86 -18.55
CA LEU B 121 13.39 32.69 -17.34
C LEU B 121 12.26 33.71 -17.23
N SER B 122 12.38 34.84 -17.93
CA SER B 122 11.35 35.87 -17.92
C SER B 122 10.31 35.69 -19.02
N GLU B 123 10.58 34.84 -20.02
CA GLU B 123 9.63 34.63 -21.09
C GLU B 123 8.29 34.14 -20.55
N LYS B 124 7.22 34.73 -21.04
CA LYS B 124 5.88 34.41 -20.55
C LYS B 124 5.40 33.07 -21.09
N ILE B 125 4.71 32.31 -20.23
CA ILE B 125 4.09 31.04 -20.61
C ILE B 125 2.59 31.17 -20.36
N GLY B 126 2.07 32.38 -20.54
CA GLY B 126 0.71 32.69 -20.17
C GLY B 126 0.70 33.89 -19.25
N ASP B 127 0.00 33.81 -18.13
CA ASP B 127 0.11 34.82 -17.07
C ASP B 127 1.17 34.42 -16.04
N THR B 128 2.35 34.04 -16.51
CA THR B 128 3.44 33.62 -15.64
C THR B 128 4.68 33.31 -16.45
N SER B 129 5.76 32.92 -15.77
CA SER B 129 7.00 32.57 -16.42
C SER B 129 7.70 31.51 -15.58
N VAL B 130 8.80 30.97 -16.13
CA VAL B 130 9.55 29.95 -15.40
C VAL B 130 10.10 30.53 -14.10
N GLU B 131 10.55 31.79 -14.13
CA GLU B 131 11.02 32.43 -12.91
C GLU B 131 9.92 32.47 -11.85
N GLU B 132 8.72 32.89 -12.25
CA GLU B 132 7.62 32.96 -11.30
C GLU B 132 7.20 31.57 -10.84
N LEU B 133 7.21 30.59 -11.74
CA LEU B 133 6.84 29.23 -11.34
C LEU B 133 7.83 28.69 -10.32
N LEU B 134 9.12 28.93 -10.52
CA LEU B 134 10.12 28.51 -9.54
C LEU B 134 9.94 29.25 -8.22
N SER B 135 9.62 30.55 -8.29
CA SER B 135 9.40 31.31 -7.07
C SER B 135 8.21 30.76 -6.28
N HIS B 136 7.11 30.44 -6.96
CA HIS B 136 5.92 29.96 -6.28
C HIS B 136 6.05 28.49 -5.87
N GLY B 137 6.79 27.69 -6.63
CA GLY B 137 6.86 26.26 -6.38
C GLY B 137 7.68 25.86 -5.18
N ARG B 138 8.36 26.82 -4.54
CA ARG B 138 9.17 26.54 -3.36
C ARG B 138 8.42 26.78 -2.05
N TYR B 139 7.14 27.15 -2.11
CA TYR B 139 6.37 27.46 -0.92
C TYR B 139 5.61 26.22 -0.47
N PHE B 140 5.67 25.93 0.83
CA PHE B 140 5.02 24.77 1.42
C PHE B 140 4.13 25.22 2.58
N LYS B 141 3.08 24.45 2.83
CA LYS B 141 2.22 24.67 3.99
C LYS B 141 2.39 23.50 4.96
N CYS B 142 2.23 23.79 6.25
CA CYS B 142 2.47 22.79 7.28
C CYS B 142 1.17 22.27 7.86
N ALA B 143 1.19 21.01 8.29
CA ALA B 143 0.05 20.36 8.92
C ALA B 143 0.56 19.26 9.84
N LEU B 144 -0.34 18.73 10.65
CA LEU B 144 0.01 17.72 11.65
C LEU B 144 -0.68 16.41 11.30
N ARG B 145 0.09 15.32 11.35
CA ARG B 145 -0.41 13.97 11.15
C ARG B 145 -0.30 13.22 12.46
N ASP B 146 -1.44 12.74 12.96
CA ASP B 146 -1.52 11.98 14.20
C ASP B 146 -2.08 10.59 13.91
N GLN B 147 -2.40 9.86 14.99
CA GLN B 147 -2.95 8.50 14.90
C GLN B 147 -1.91 7.50 14.41
N GLU B 148 -0.64 7.79 14.64
CA GLU B 148 0.45 6.89 14.32
C GLU B 148 1.00 6.31 15.61
N ARG B 149 0.89 4.99 15.75
CA ARG B 149 1.28 4.34 17.00
C ARG B 149 2.76 4.55 17.27
N GLY B 150 3.09 4.80 18.54
CA GLY B 150 4.47 4.98 18.94
C GLY B 150 5.01 6.38 18.74
N LYS B 151 4.17 7.34 18.36
CA LYS B 151 4.58 8.73 18.14
C LYS B 151 3.66 9.63 18.95
N PRO B 152 3.89 9.77 20.26
CA PRO B 152 3.05 10.65 21.06
C PRO B 152 3.03 12.08 20.56
N LYS B 153 4.15 12.55 20.00
CA LYS B 153 4.20 13.83 19.30
C LYS B 153 3.97 13.56 17.81
N SER B 154 2.81 13.95 17.31
CA SER B 154 2.47 13.69 15.92
C SER B 154 3.53 14.32 15.01
N ARG B 155 3.53 13.88 13.74
CA ARG B 155 4.57 14.27 12.81
C ARG B 155 4.12 15.45 11.95
N ALA B 156 5.08 16.30 11.60
CA ALA B 156 4.80 17.42 10.72
C ALA B 156 4.83 16.95 9.27
N ILE B 157 3.81 17.36 8.51
CA ILE B 157 3.70 17.03 7.10
C ILE B 157 3.52 18.34 6.34
N PHE B 158 3.84 18.30 5.05
CA PHE B 158 3.90 19.52 4.25
C PHE B 158 3.16 19.36 2.93
N LEU B 159 2.28 20.31 2.64
CA LEU B 159 1.61 20.41 1.35
C LEU B 159 2.47 21.25 0.42
N SER B 160 2.64 20.76 -0.80
CA SER B 160 3.52 21.36 -1.80
C SER B 160 2.73 21.98 -2.94
N HIS B 161 3.43 22.81 -3.71
CA HIS B 161 2.83 23.50 -4.84
C HIS B 161 2.56 22.52 -5.99
N PRO B 162 1.54 22.78 -6.81
CA PRO B 162 1.28 21.89 -7.95
C PRO B 162 2.45 21.75 -8.92
N PHE B 163 3.18 22.83 -9.18
CA PHE B 163 4.34 22.75 -10.08
C PHE B 163 5.43 21.87 -9.50
N PHE B 164 5.69 22.01 -8.20
CA PHE B 164 6.62 21.13 -7.51
C PHE B 164 6.19 19.68 -7.66
N ARG B 165 4.90 19.40 -7.47
CA ARG B 165 4.40 18.04 -7.63
C ARG B 165 4.59 17.54 -9.05
N LEU B 166 4.37 18.42 -10.04
CA LEU B 166 4.51 18.02 -11.43
C LEU B 166 5.94 17.57 -11.73
N LEU B 167 6.93 18.34 -11.27
CA LEU B 167 8.32 17.94 -11.52
C LEU B 167 8.71 16.72 -10.69
N SER B 168 8.20 16.64 -9.44
CA SER B 168 8.52 15.52 -8.57
C SER B 168 8.02 14.22 -9.15
N SER B 169 6.85 14.22 -9.78
CA SER B 169 6.32 12.99 -10.35
C SER B 169 7.28 12.43 -11.39
N VAL B 170 7.81 13.29 -12.26
CA VAL B 170 8.73 12.84 -13.31
C VAL B 170 10.00 12.27 -12.68
N VAL B 171 10.62 13.03 -11.78
CA VAL B 171 11.90 12.58 -11.24
C VAL B 171 11.72 11.29 -10.45
N GLU B 172 10.60 11.16 -9.75
CA GLU B 172 10.37 9.97 -8.94
C GLU B 172 10.07 8.75 -9.80
N THR B 173 9.31 8.94 -10.89
CA THR B 173 9.11 7.85 -11.82
C THR B 173 10.44 7.32 -12.33
N HIS B 174 11.32 8.21 -12.76
CA HIS B 174 12.59 7.75 -13.31
C HIS B 174 13.50 7.18 -12.24
N ALA B 175 13.43 7.70 -11.00
CA ALA B 175 14.21 7.10 -9.91
C ALA B 175 13.75 5.69 -9.62
N ARG B 176 12.44 5.45 -9.62
CA ARG B 176 11.93 4.11 -9.42
C ARG B 176 12.37 3.18 -10.55
N SER B 177 12.34 3.67 -11.78
CA SER B 177 12.81 2.85 -12.90
C SER B 177 14.27 2.48 -12.75
N VAL B 178 15.11 3.44 -12.35
CA VAL B 178 16.53 3.15 -12.17
C VAL B 178 16.74 2.17 -11.02
N LEU B 179 15.93 2.28 -9.97
CA LEU B 179 16.01 1.30 -8.88
C LEU B 179 15.67 -0.10 -9.38
N SER B 180 14.63 -0.21 -10.21
CA SER B 180 14.27 -1.51 -10.75
C SER B 180 15.38 -2.06 -11.64
N LYS B 181 16.13 -1.17 -12.30
CA LYS B 181 17.20 -1.64 -13.18
C LYS B 181 18.51 -1.92 -12.44
N VAL B 182 18.74 -1.34 -11.27
CA VAL B 182 20.08 -1.34 -10.68
C VAL B 182 20.10 -2.06 -9.33
N SER B 183 18.97 -2.09 -8.63
CA SER B 183 18.94 -2.68 -7.29
C SER B 183 19.25 -4.16 -7.34
N ALA B 184 20.08 -4.62 -6.40
CA ALA B 184 20.44 -6.03 -6.36
C ALA B 184 19.21 -6.91 -6.16
N VAL B 185 18.32 -6.52 -5.25
CA VAL B 185 17.03 -7.16 -5.05
C VAL B 185 16.01 -6.04 -5.03
N TYR B 186 15.24 -5.91 -6.11
CA TYR B 186 14.27 -4.83 -6.21
C TYR B 186 13.20 -4.97 -5.14
N THR B 187 12.91 -3.87 -4.45
CA THR B 187 11.92 -3.88 -3.38
C THR B 187 11.04 -2.63 -3.34
N ALA B 188 11.17 -1.71 -4.30
CA ALA B 188 10.44 -0.46 -4.23
C ALA B 188 8.93 -0.66 -4.33
N THR B 189 8.48 -1.80 -4.85
CA THR B 189 7.06 -2.08 -5.01
C THR B 189 6.58 -3.26 -4.16
N ALA B 190 7.47 -3.97 -3.49
CA ALA B 190 7.07 -5.09 -2.66
C ALA B 190 6.41 -4.59 -1.38
N SER B 191 5.60 -5.46 -0.79
CA SER B 191 4.99 -5.18 0.51
C SER B 191 6.00 -5.45 1.62
N ALA B 192 5.61 -5.09 2.85
CA ALA B 192 6.49 -5.30 3.99
C ALA B 192 6.82 -6.78 4.18
N GLU B 193 5.82 -7.65 4.06
CA GLU B 193 6.06 -9.07 4.25
C GLU B 193 6.94 -9.64 3.13
N GLN B 194 6.70 -9.20 1.89
CA GLN B 194 7.55 -9.64 0.79
C GLN B 194 8.98 -9.17 1.00
N ARG B 195 9.15 -7.94 1.46
CA ARG B 195 10.49 -7.44 1.76
C ARG B 195 11.15 -8.29 2.84
N ALA B 196 10.39 -8.67 3.87
CA ALA B 196 10.95 -9.50 4.93
C ALA B 196 11.38 -10.86 4.39
N MET B 197 10.56 -11.49 3.54
CA MET B 197 10.92 -12.80 3.00
C MET B 197 12.17 -12.70 2.13
N MET B 198 12.22 -11.70 1.25
CA MET B 198 13.39 -11.52 0.40
C MET B 198 14.64 -11.26 1.23
N ALA B 199 14.51 -10.44 2.29
CA ALA B 199 15.63 -10.18 3.17
C ALA B 199 16.10 -11.45 3.87
N ALA B 200 15.15 -12.28 4.33
CA ALA B 200 15.52 -13.52 4.97
C ALA B 200 16.34 -14.39 4.02
N GLN B 201 15.92 -14.46 2.75
CA GLN B 201 16.72 -15.21 1.78
C GLN B 201 18.08 -14.56 1.57
N VAL B 202 18.14 -13.23 1.55
CA VAL B 202 19.37 -12.53 1.20
C VAL B 202 20.43 -12.69 2.28
N VAL B 203 20.04 -12.61 3.55
CA VAL B 203 21.00 -12.52 4.64
C VAL B 203 21.31 -13.90 5.22
N GLU B 204 20.93 -14.97 4.51
CA GLU B 204 21.09 -16.31 5.05
C GLU B 204 22.51 -16.84 4.94
N SER B 205 23.43 -16.12 4.29
CA SER B 205 24.80 -16.57 4.12
C SER B 205 25.78 -15.91 5.08
N ARG B 206 25.31 -15.07 5.99
CA ARG B 206 26.18 -14.37 6.92
C ARG B 206 25.64 -14.52 8.34
N LYS B 207 26.57 -14.52 9.31
CA LYS B 207 26.20 -14.82 10.69
C LYS B 207 25.32 -13.72 11.28
N HIS B 208 25.74 -12.47 11.15
CA HIS B 208 25.11 -11.35 11.85
C HIS B 208 24.22 -10.56 10.92
N VAL B 209 23.10 -10.09 11.45
CA VAL B 209 22.14 -9.26 10.73
C VAL B 209 22.06 -7.91 11.44
N LEU B 210 22.15 -6.83 10.67
CA LEU B 210 21.98 -5.48 11.17
C LEU B 210 20.56 -5.02 10.87
N ASN B 211 19.69 -5.08 11.87
CA ASN B 211 18.34 -4.54 11.75
C ASN B 211 18.46 -3.04 11.95
N GLY B 212 18.40 -2.30 10.85
CA GLY B 212 18.86 -0.93 10.82
C GLY B 212 17.75 0.05 10.52
N ASP B 213 17.87 1.24 11.11
N ASP B 213 17.85 1.23 11.13
CA ASP B 213 16.98 2.36 10.84
CA ASP B 213 16.98 2.36 10.86
C ASP B 213 17.84 3.62 10.71
C ASP B 213 17.85 3.61 10.69
N CYS B 214 17.31 4.60 10.00
CA CYS B 214 17.97 5.89 9.83
C CYS B 214 17.16 6.94 10.57
N THR B 215 17.87 7.90 11.17
CA THR B 215 17.24 8.98 11.91
C THR B 215 17.40 10.28 11.13
N LYS B 216 16.42 11.17 11.28
CA LYS B 216 16.42 12.46 10.59
C LYS B 216 16.61 12.26 9.09
N TYR B 217 15.89 11.29 8.53
CA TYR B 217 16.09 10.90 7.14
C TYR B 217 15.80 12.07 6.20
N ASN B 218 14.64 12.71 6.34
CA ASN B 218 14.28 13.75 5.39
C ASN B 218 15.05 15.03 5.66
N GLU B 219 15.49 15.26 6.90
CA GLU B 219 16.28 16.43 7.22
C GLU B 219 17.73 16.34 6.76
N ALA B 220 18.22 15.13 6.51
CA ALA B 220 19.61 14.92 6.12
C ALA B 220 19.76 14.62 4.63
N ILE B 221 18.68 14.69 3.86
CA ILE B 221 18.74 14.51 2.40
C ILE B 221 18.74 15.90 1.79
N ASP B 222 19.92 16.33 1.34
CA ASP B 222 20.14 17.70 0.91
C ASP B 222 19.82 17.87 -0.57
N ALA B 223 19.56 19.12 -0.96
CA ALA B 223 19.34 19.43 -2.37
C ALA B 223 20.54 19.02 -3.21
N ASP B 224 21.76 19.13 -2.67
CA ASP B 224 22.94 18.71 -3.40
C ASP B 224 22.91 17.22 -3.69
N THR B 225 22.51 16.41 -2.72
CA THR B 225 22.40 14.97 -2.94
C THR B 225 21.34 14.65 -3.99
N LEU B 226 20.18 15.31 -3.90
CA LEU B 226 19.13 15.10 -4.88
C LEU B 226 19.62 15.42 -6.29
N LEU B 227 20.30 16.57 -6.43
CA LEU B 227 20.82 16.95 -7.74
C LEU B 227 21.90 15.99 -8.20
N LYS B 228 22.73 15.49 -7.28
CA LYS B 228 23.74 14.51 -7.65
C LYS B 228 23.11 13.27 -8.26
N VAL B 229 22.08 12.73 -7.59
CA VAL B 229 21.42 11.53 -8.09
C VAL B 229 20.73 11.82 -9.43
N TRP B 230 20.02 12.95 -9.50
CA TRP B 230 19.26 13.27 -10.71
C TRP B 230 20.17 13.50 -11.91
N ASP B 231 21.33 14.13 -11.68
CA ASP B 231 22.32 14.25 -12.74
C ASP B 231 22.90 12.91 -13.12
N ALA B 232 23.12 12.03 -12.13
CA ALA B 232 23.66 10.72 -12.43
C ALA B 232 22.72 9.93 -13.34
N ILE B 233 21.40 10.03 -13.11
CA ILE B 233 20.45 9.32 -13.96
C ILE B 233 19.97 10.16 -15.14
N GLY B 234 20.35 11.43 -15.21
CA GLY B 234 20.06 12.24 -16.39
C GLY B 234 18.70 12.89 -16.42
N MET B 235 18.36 13.63 -15.36
CA MET B 235 17.10 14.36 -15.33
C MET B 235 17.22 15.77 -15.90
N GLY B 236 18.45 16.23 -16.17
CA GLY B 236 18.64 17.49 -16.86
C GLY B 236 18.02 18.68 -16.17
N SER B 237 17.34 19.52 -16.96
CA SER B 237 16.82 20.78 -16.45
C SER B 237 15.69 20.57 -15.46
N ILE B 238 14.90 19.50 -15.61
CA ILE B 238 13.86 19.22 -14.63
C ILE B 238 14.50 18.97 -13.26
N GLY B 239 15.56 18.16 -13.23
CA GLY B 239 16.25 17.92 -11.98
C GLY B 239 16.88 19.18 -11.41
N VAL B 240 17.47 20.01 -12.28
CA VAL B 240 18.08 21.25 -11.82
C VAL B 240 17.03 22.16 -11.20
N MET B 241 15.88 22.30 -11.87
CA MET B 241 14.82 23.17 -11.36
C MET B 241 14.28 22.65 -10.03
N LEU B 242 14.08 21.34 -9.93
CA LEU B 242 13.57 20.77 -8.69
C LEU B 242 14.56 20.98 -7.55
N ALA B 243 15.85 20.77 -7.81
CA ALA B 243 16.87 20.98 -6.78
C ALA B 243 16.91 22.45 -6.37
N TYR B 244 16.78 23.35 -7.33
CA TYR B 244 16.76 24.78 -7.01
C TYR B 244 15.58 25.13 -6.12
N MET B 245 14.40 24.58 -6.43
CA MET B 245 13.23 24.85 -5.60
C MET B 245 13.39 24.24 -4.22
N VAL B 246 14.03 23.08 -4.12
CA VAL B 246 14.25 22.46 -2.82
C VAL B 246 15.20 23.30 -1.98
N ARG B 247 16.26 23.82 -2.60
CA ARG B 247 17.22 24.63 -1.85
C ARG B 247 16.59 25.90 -1.29
N ARG B 248 15.62 26.48 -2.01
CA ARG B 248 15.02 27.76 -1.65
C ARG B 248 13.66 27.60 -0.97
N LYS B 249 13.32 26.40 -0.51
CA LYS B 249 11.99 26.16 0.01
C LYS B 249 11.73 27.02 1.25
N CYS B 250 10.48 27.47 1.38
CA CYS B 250 10.00 28.18 2.55
C CYS B 250 8.69 27.57 2.99
N VAL B 251 8.51 27.45 4.31
CA VAL B 251 7.32 26.85 4.90
C VAL B 251 6.52 27.94 5.60
N LEU B 252 5.22 28.00 5.32
CA LEU B 252 4.34 28.92 6.03
C LEU B 252 3.98 28.29 7.37
N ILE B 253 4.45 28.89 8.46
CA ILE B 253 4.11 28.47 9.81
C ILE B 253 3.29 29.57 10.44
N LYS B 254 2.05 29.24 10.82
CA LYS B 254 1.13 30.24 11.34
C LYS B 254 0.91 31.33 10.28
N ASP B 255 1.66 32.43 10.38
CA ASP B 255 1.54 33.52 9.44
C ASP B 255 2.89 33.98 8.90
N THR B 256 3.97 33.29 9.22
CA THR B 256 5.31 33.69 8.83
C THR B 256 5.96 32.63 7.95
N LEU B 257 6.66 33.08 6.92
CA LEU B 257 7.40 32.19 6.03
C LEU B 257 8.79 31.96 6.61
N VAL B 258 9.14 30.69 6.81
CA VAL B 258 10.40 30.29 7.43
C VAL B 258 11.22 29.53 6.38
N GLU B 259 12.45 29.98 6.18
CA GLU B 259 13.33 29.34 5.21
C GLU B 259 13.87 28.03 5.76
N CYS B 260 13.96 27.03 4.88
CA CYS B 260 14.48 25.70 5.23
C CYS B 260 15.42 25.25 4.13
N PRO B 261 16.64 25.80 4.08
CA PRO B 261 17.58 25.41 3.01
C PRO B 261 17.97 23.94 3.02
N GLY B 262 17.83 23.24 4.15
CA GLY B 262 18.25 21.86 4.23
C GLY B 262 17.10 20.87 4.24
N GLY B 263 17.41 19.60 3.93
CA GLY B 263 16.41 18.55 3.98
C GLY B 263 15.51 18.53 2.75
N MET B 264 14.50 17.66 2.80
CA MET B 264 13.54 17.53 1.72
C MET B 264 12.09 17.52 2.20
N LEU B 265 11.83 17.90 3.45
CA LEU B 265 10.48 18.10 3.97
C LEU B 265 9.64 16.81 3.94
N MET B 266 10.08 15.85 4.77
CA MET B 266 9.24 14.73 5.19
C MET B 266 8.79 13.87 4.00
N GLY B 267 9.78 13.19 3.41
CA GLY B 267 9.50 12.17 2.42
C GLY B 267 8.97 12.68 1.10
N MET B 268 9.51 13.78 0.60
CA MET B 268 9.11 14.26 -0.72
C MET B 268 9.68 13.40 -1.83
N PHE B 269 10.89 12.84 -1.64
CA PHE B 269 11.56 12.01 -2.64
C PHE B 269 12.05 10.72 -1.98
N ASN B 270 11.16 9.73 -1.89
CA ASN B 270 11.53 8.46 -1.27
C ASN B 270 12.44 7.65 -2.18
N ALA B 271 12.09 7.56 -3.46
CA ALA B 271 12.86 6.74 -4.40
C ALA B 271 14.24 7.35 -4.66
N THR B 272 14.33 8.67 -4.80
CA THR B 272 15.62 9.31 -5.01
C THR B 272 16.53 9.13 -3.80
N ALA B 273 15.98 9.29 -2.60
CA ALA B 273 16.77 9.08 -1.39
C ALA B 273 17.23 7.63 -1.29
N THR B 274 16.36 6.69 -1.65
CA THR B 274 16.77 5.28 -1.68
C THR B 274 17.89 5.06 -2.67
N LEU B 275 17.79 5.67 -3.86
CA LEU B 275 18.84 5.53 -4.87
C LEU B 275 20.16 6.13 -4.41
N ALA B 276 20.10 7.15 -3.55
CA ALA B 276 21.33 7.75 -3.04
C ALA B 276 22.22 6.70 -2.39
N LEU B 277 21.62 5.73 -1.69
CA LEU B 277 22.38 4.62 -1.11
C LEU B 277 22.52 3.46 -2.10
N GLN B 278 21.43 3.05 -2.74
CA GLN B 278 21.47 1.89 -3.62
C GLN B 278 22.41 2.12 -4.81
N GLY B 279 22.63 3.37 -5.19
CA GLY B 279 23.52 3.67 -6.30
C GLY B 279 24.99 3.57 -5.98
N THR B 280 25.35 3.43 -4.70
CA THR B 280 26.75 3.34 -4.29
C THR B 280 27.18 1.94 -3.89
N THR B 281 26.24 1.05 -3.60
CA THR B 281 26.59 -0.27 -3.10
C THR B 281 25.39 -1.19 -3.27
N ASP B 282 25.67 -2.48 -3.40
CA ASP B 282 24.65 -3.51 -3.49
C ASP B 282 24.60 -4.36 -2.22
N ARG B 283 25.11 -3.85 -1.11
CA ARG B 283 25.19 -4.59 0.13
C ARG B 283 23.98 -4.40 1.04
N PHE B 284 23.01 -3.60 0.63
CA PHE B 284 21.85 -3.28 1.45
C PHE B 284 20.57 -3.62 0.72
N LEU B 285 19.64 -4.25 1.42
CA LEU B 285 18.26 -4.38 0.98
C LEU B 285 17.47 -3.32 1.73
N SER B 286 17.08 -2.26 1.03
CA SER B 286 16.48 -1.12 1.71
C SER B 286 15.53 -0.37 0.79
N PHE B 287 14.57 0.30 1.40
CA PHE B 287 13.83 1.37 0.76
C PHE B 287 13.64 2.47 1.78
N SER B 288 13.95 3.71 1.41
CA SER B 288 13.84 4.86 2.30
C SER B 288 14.73 4.58 3.51
N ASP B 289 14.27 4.81 4.74
CA ASP B 289 15.11 4.65 5.93
C ASP B 289 14.86 3.30 6.60
N ASP B 290 15.09 2.21 5.87
CA ASP B 290 14.91 0.88 6.46
C ASP B 290 15.75 -0.11 5.65
N PHE B 291 16.78 -0.67 6.28
CA PHE B 291 17.68 -1.60 5.62
C PHE B 291 17.95 -2.79 6.53
N ILE B 292 18.30 -3.92 5.91
CA ILE B 292 18.41 -5.19 6.62
C ILE B 292 19.73 -5.90 6.31
N THR B 293 20.79 -5.15 6.04
CA THR B 293 22.06 -5.75 5.63
C THR B 293 22.55 -6.75 6.67
N SER B 294 23.58 -7.51 6.29
CA SER B 294 24.18 -8.53 7.15
C SER B 294 25.69 -8.49 6.97
N PHE B 295 26.40 -9.15 7.89
CA PHE B 295 27.86 -9.14 7.89
C PHE B 295 28.38 -10.33 8.68
N ASN B 296 29.69 -10.56 8.58
CA ASN B 296 30.36 -11.69 9.22
C ASN B 296 31.33 -11.28 10.31
N SER B 297 32.08 -10.20 10.12
CA SER B 297 33.15 -9.81 11.01
C SER B 297 33.04 -8.33 11.35
N PRO B 298 33.70 -7.88 12.42
CA PRO B 298 33.64 -6.46 12.78
C PRO B 298 34.16 -5.53 11.68
N ALA B 299 35.14 -5.98 10.89
CA ALA B 299 35.62 -5.16 9.79
C ALA B 299 34.51 -4.93 8.75
N GLU B 300 33.72 -5.96 8.47
CA GLU B 300 32.59 -5.80 7.57
C GLU B 300 31.55 -4.86 8.15
N LEU B 301 31.34 -4.91 9.47
CA LEU B 301 30.43 -3.98 10.11
C LEU B 301 30.94 -2.54 9.98
N ARG B 302 32.25 -2.34 10.12
CA ARG B 302 32.82 -1.01 9.92
C ARG B 302 32.63 -0.55 8.48
N GLU B 303 32.82 -1.46 7.52
CA GLU B 303 32.56 -1.11 6.13
C GLU B 303 31.11 -0.68 5.92
N ILE B 304 30.18 -1.41 6.54
CA ILE B 304 28.76 -1.06 6.43
C ILE B 304 28.51 0.32 7.01
N GLU B 305 29.10 0.60 8.18
CA GLU B 305 28.92 1.91 8.79
C GLU B 305 29.45 3.02 7.90
N ASP B 306 30.64 2.82 7.32
CA ASP B 306 31.20 3.82 6.42
C ASP B 306 30.32 4.02 5.19
N LEU B 307 29.79 2.92 4.64
CA LEU B 307 28.90 3.04 3.47
C LEU B 307 27.65 3.84 3.82
N LEU B 308 27.07 3.56 4.98
CA LEU B 308 25.88 4.32 5.40
C LEU B 308 26.21 5.79 5.58
N PHE B 309 27.36 6.09 6.19
CA PHE B 309 27.75 7.48 6.40
C PHE B 309 27.96 8.20 5.09
N ALA B 310 28.60 7.56 4.12
CA ALA B 310 28.93 8.21 2.86
C ALA B 310 27.70 8.53 2.01
N SER B 311 26.59 7.84 2.23
CA SER B 311 25.37 8.05 1.44
C SER B 311 24.35 8.90 2.18
N CYS B 312 24.72 9.53 3.29
CA CYS B 312 23.81 10.36 4.08
C CYS B 312 22.64 9.54 4.60
N HIS B 313 22.94 8.34 5.10
CA HIS B 313 21.94 7.42 5.63
C HIS B 313 22.24 7.18 7.10
N ASN B 314 22.40 8.28 7.85
CA ASN B 314 22.86 8.26 9.23
C ASN B 314 22.16 7.18 10.04
N LEU B 315 22.95 6.23 10.54
CA LEU B 315 22.41 5.14 11.33
C LEU B 315 21.77 5.68 12.60
N SER B 316 20.55 5.22 12.88
CA SER B 316 19.88 5.55 14.14
C SER B 316 20.46 4.67 15.24
N LEU B 317 21.24 5.27 16.12
CA LEU B 317 21.84 4.51 17.22
C LEU B 317 20.83 4.19 18.31
N LYS B 318 19.67 4.84 18.31
CA LYS B 318 18.65 4.54 19.30
C LYS B 318 17.95 3.22 18.99
N LYS B 319 17.65 2.96 17.72
CA LYS B 319 16.78 1.85 17.34
C LYS B 319 17.47 0.74 16.57
N SER B 320 18.56 1.02 15.87
CA SER B 320 19.27 -0.02 15.14
C SER B 320 19.89 -1.01 16.10
N TYR B 321 19.90 -2.29 15.72
CA TYR B 321 20.50 -3.31 16.57
C TYR B 321 21.01 -4.45 15.70
N ILE B 322 21.78 -5.33 16.33
CA ILE B 322 22.35 -6.50 15.68
C ILE B 322 21.69 -7.74 16.26
N SER B 323 21.34 -8.68 15.39
CA SER B 323 20.70 -9.93 15.81
C SER B 323 21.29 -11.07 15.01
N VAL B 324 21.13 -12.28 15.55
CA VAL B 324 21.61 -13.49 14.89
C VAL B 324 20.51 -14.54 14.70
N ALA B 325 19.43 -14.51 15.48
CA ALA B 325 18.37 -15.49 15.37
C ALA B 325 17.15 -14.98 14.63
N SER B 326 17.03 -13.66 14.47
CA SER B 326 15.87 -13.08 13.81
C SER B 326 16.34 -11.98 12.85
N LEU B 327 15.41 -11.52 12.03
CA LEU B 327 15.63 -10.38 11.16
C LEU B 327 14.30 -9.66 10.99
N GLU B 328 14.33 -8.34 11.11
CA GLU B 328 13.11 -7.54 11.03
C GLU B 328 13.31 -6.39 10.06
N ILE B 329 12.31 -6.18 9.21
CA ILE B 329 12.26 -4.98 8.38
C ILE B 329 10.80 -4.64 8.15
N ASN B 330 10.51 -3.33 8.09
CA ASN B 330 9.14 -2.85 7.91
C ASN B 330 8.22 -3.46 8.95
N SER B 331 8.71 -3.57 10.18
CA SER B 331 7.98 -4.10 11.33
C SER B 331 7.61 -5.58 11.18
N CYS B 332 8.10 -6.25 10.15
CA CYS B 332 7.87 -7.68 9.98
C CYS B 332 9.13 -8.42 10.43
N THR B 333 8.95 -9.37 11.35
CA THR B 333 10.03 -10.12 11.97
C THR B 333 9.94 -11.58 11.56
N LEU B 334 11.05 -12.12 11.06
CA LEU B 334 11.13 -13.51 10.65
C LEU B 334 12.33 -14.16 11.32
N THR B 335 12.26 -15.47 11.47
CA THR B 335 13.42 -16.23 11.89
C THR B 335 14.38 -16.38 10.71
N ARG B 336 15.61 -16.81 11.00
CA ARG B 336 16.63 -16.92 9.96
C ARG B 336 16.25 -17.95 8.90
N ASP B 337 15.34 -18.87 9.21
CA ASP B 337 14.91 -19.88 8.26
C ASP B 337 13.67 -19.46 7.47
N GLY B 338 13.19 -18.22 7.65
CA GLY B 338 12.07 -17.71 6.91
C GLY B 338 10.74 -17.76 7.63
N ASP B 339 10.67 -18.46 8.76
CA ASP B 339 9.43 -18.54 9.50
C ASP B 339 9.05 -17.19 10.11
N LEU B 340 7.74 -16.96 10.22
CA LEU B 340 7.26 -15.78 10.93
C LEU B 340 7.50 -15.94 12.42
N ALA B 341 8.08 -14.92 13.04
CA ALA B 341 8.36 -14.97 14.47
C ALA B 341 7.07 -15.16 15.25
N THR B 342 7.09 -16.09 16.21
CA THR B 342 5.92 -16.35 17.03
C THR B 342 5.56 -15.12 17.85
N GLY B 343 4.27 -14.88 18.00
CA GLY B 343 3.75 -13.76 18.76
C GLY B 343 2.70 -13.00 17.98
N LEU B 344 2.13 -12.00 18.64
CA LEU B 344 1.12 -11.16 17.99
C LEU B 344 1.73 -10.34 16.86
N GLY B 345 2.99 -9.95 16.98
CA GLY B 345 3.62 -9.16 15.94
C GLY B 345 2.95 -7.82 15.80
N CYS B 346 2.47 -7.53 14.59
CA CYS B 346 1.85 -6.25 14.27
C CYS B 346 0.33 -6.29 14.40
N THR B 347 -0.23 -7.36 14.96
CA THR B 347 -1.68 -7.48 15.06
C THR B 347 -2.25 -6.28 15.79
N ALA B 348 -3.30 -5.70 15.21
CA ALA B 348 -3.92 -4.49 15.73
C ALA B 348 -5.35 -4.78 16.18
N GLY B 349 -5.77 -4.11 17.25
CA GLY B 349 -7.13 -4.25 17.72
C GLY B 349 -8.12 -3.47 16.89
N VAL B 350 -9.38 -3.78 17.07
CA VAL B 350 -10.48 -3.19 16.30
C VAL B 350 -11.29 -2.31 17.25
N PRO B 351 -11.32 -0.99 17.05
CA PRO B 351 -12.16 -0.15 17.90
C PRO B 351 -13.63 -0.25 17.52
N PHE B 352 -14.48 0.28 18.39
CA PHE B 352 -15.93 0.22 18.20
C PHE B 352 -16.34 1.34 17.26
N ARG B 353 -16.80 0.98 16.05
CA ARG B 353 -17.23 1.96 15.06
C ARG B 353 -18.58 1.60 14.44
N GLY B 354 -19.29 0.63 14.99
CA GLY B 354 -20.58 0.23 14.48
C GLY B 354 -20.85 -1.24 14.71
N PRO B 355 -22.13 -1.61 14.83
CA PRO B 355 -22.45 -3.02 15.14
C PRO B 355 -21.88 -4.01 14.14
N LEU B 356 -21.94 -3.71 12.84
CA LEU B 356 -21.51 -4.66 11.82
C LEU B 356 -20.14 -4.36 11.25
N VAL B 357 -19.74 -3.08 11.18
CA VAL B 357 -18.40 -2.75 10.72
C VAL B 357 -17.37 -3.29 11.70
N THR B 358 -17.67 -3.22 13.00
CA THR B 358 -16.74 -3.76 13.99
C THR B 358 -16.54 -5.25 13.80
N LEU B 359 -17.64 -5.98 13.57
CA LEU B 359 -17.52 -7.43 13.38
C LEU B 359 -16.80 -7.75 12.08
N LYS B 360 -17.08 -7.01 11.00
CA LYS B 360 -16.37 -7.26 9.74
C LYS B 360 -14.89 -6.98 9.86
N GLN B 361 -14.53 -5.89 10.54
CA GLN B 361 -13.11 -5.57 10.71
C GLN B 361 -12.42 -6.59 11.61
N THR B 362 -13.09 -7.05 12.66
CA THR B 362 -12.55 -8.12 13.49
C THR B 362 -12.34 -9.38 12.66
N ALA B 363 -13.31 -9.71 11.80
CA ALA B 363 -13.18 -10.88 10.95
C ALA B 363 -11.98 -10.76 10.01
N ALA B 364 -11.81 -9.58 9.42
CA ALA B 364 -10.66 -9.37 8.53
C ALA B 364 -9.34 -9.49 9.29
N MET B 365 -9.26 -8.88 10.47
CA MET B 365 -8.04 -8.96 11.26
C MET B 365 -7.73 -10.40 11.66
N LEU B 366 -8.76 -11.15 12.08
CA LEU B 366 -8.55 -12.53 12.48
C LEU B 366 -8.22 -13.42 11.27
N SER B 367 -8.80 -13.15 10.11
CA SER B 367 -8.45 -13.90 8.91
C SER B 367 -7.00 -13.68 8.55
N GLY B 368 -6.53 -12.43 8.62
CA GLY B 368 -5.12 -12.17 8.40
C GLY B 368 -4.25 -12.88 9.42
N ALA B 369 -4.66 -12.87 10.69
CA ALA B 369 -3.86 -13.52 11.73
C ALA B 369 -3.77 -15.03 11.51
N VAL B 370 -4.89 -15.67 11.15
CA VAL B 370 -4.88 -17.13 11.04
C VAL B 370 -4.27 -17.58 9.73
N ASP B 371 -4.36 -16.78 8.66
CA ASP B 371 -3.69 -17.15 7.42
C ASP B 371 -2.18 -17.22 7.62
N SER B 372 -1.62 -16.29 8.37
CA SER B 372 -0.28 -16.44 8.91
C SER B 372 -0.36 -17.38 10.10
N GLY B 373 0.75 -17.56 10.82
CA GLY B 373 0.76 -18.44 11.96
C GLY B 373 0.59 -17.71 13.28
N VAL B 374 0.02 -16.50 13.23
CA VAL B 374 -0.03 -15.65 14.42
C VAL B 374 -0.75 -16.37 15.56
N MET B 375 -1.93 -16.91 15.29
CA MET B 375 -2.68 -17.65 16.29
C MET B 375 -3.37 -18.83 15.62
N PRO B 376 -3.64 -19.89 16.38
CA PRO B 376 -4.42 -21.00 15.84
C PRO B 376 -5.88 -20.63 15.63
N PHE B 377 -6.57 -21.43 14.81
CA PHE B 377 -7.92 -21.07 14.40
C PHE B 377 -8.90 -21.05 15.57
N HIS B 378 -8.77 -22.00 16.52
CA HIS B 378 -9.72 -22.03 17.62
C HIS B 378 -9.60 -20.80 18.50
N SER B 379 -8.39 -20.26 18.65
CA SER B 379 -8.23 -18.99 19.34
C SER B 379 -8.97 -17.88 18.61
N ALA B 380 -8.91 -17.87 17.28
CA ALA B 380 -9.63 -16.87 16.51
C ALA B 380 -11.14 -17.02 16.69
N GLU B 381 -11.63 -18.25 16.74
CA GLU B 381 -13.05 -18.47 16.97
C GLU B 381 -13.48 -17.93 18.33
N ARG B 382 -12.69 -18.23 19.37
CA ARG B 382 -13.01 -17.71 20.70
C ARG B 382 -13.00 -16.19 20.72
N LEU B 383 -12.01 -15.58 20.07
CA LEU B 383 -11.93 -14.13 20.03
C LEU B 383 -13.12 -13.53 19.28
N PHE B 384 -13.55 -14.16 18.20
CA PHE B 384 -14.70 -13.66 17.46
C PHE B 384 -15.97 -13.75 18.30
N GLN B 385 -16.14 -14.84 19.05
CA GLN B 385 -17.29 -14.95 19.94
C GLN B 385 -17.25 -13.87 21.02
N ILE B 386 -16.07 -13.61 21.59
CA ILE B 386 -15.93 -12.55 22.59
C ILE B 386 -16.27 -11.20 21.98
N LYS B 387 -15.82 -10.94 20.76
CA LYS B 387 -16.13 -9.69 20.10
C LYS B 387 -17.63 -9.55 19.87
N GLN B 388 -18.29 -10.65 19.51
CA GLN B 388 -19.75 -10.60 19.35
C GLN B 388 -20.43 -10.24 20.66
N GLN B 389 -19.94 -10.80 21.78
CA GLN B 389 -20.52 -10.46 23.07
C GLN B 389 -20.31 -8.99 23.42
N GLU B 390 -19.11 -8.47 23.15
CA GLU B 390 -18.84 -7.06 23.43
C GLU B 390 -19.71 -6.16 22.57
N CYS B 391 -19.88 -6.52 21.29
CA CYS B 391 -20.78 -5.74 20.42
C CYS B 391 -22.21 -5.82 20.91
N ALA B 392 -22.62 -6.98 21.46
CA ALA B 392 -23.95 -7.10 22.02
C ALA B 392 -24.13 -6.16 23.20
N TYR B 393 -23.11 -6.06 24.06
N TYR B 393 -23.10 -6.06 24.06
CA TYR B 393 -23.17 -5.10 25.16
CA TYR B 393 -23.15 -5.11 25.17
C TYR B 393 -23.26 -3.68 24.64
C TYR B 393 -23.26 -3.68 24.64
N ARG B 394 -22.51 -3.35 23.59
CA ARG B 394 -22.46 -1.97 23.12
C ARG B 394 -23.72 -1.54 22.39
N TYR B 395 -24.29 -2.40 21.53
CA TYR B 395 -25.17 -1.95 20.47
C TYR B 395 -26.59 -2.50 20.54
N ASN B 396 -26.97 -3.18 21.62
CA ASN B 396 -28.25 -3.89 21.68
C ASN B 396 -29.34 -3.07 22.37
N ASN B 397 -29.36 -1.77 22.15
CA ASN B 397 -30.37 -0.87 22.69
C ASN B 397 -31.30 -0.38 21.58
N PRO B 398 -32.45 0.20 21.95
CA PRO B 398 -33.43 0.59 20.92
C PRO B 398 -32.94 1.64 19.95
N THR B 399 -31.90 2.41 20.29
CA THR B 399 -31.42 3.45 19.38
C THR B 399 -30.68 2.88 18.17
N TYR B 400 -30.39 1.58 18.17
CA TYR B 400 -29.78 0.93 17.02
C TYR B 400 -30.68 -0.11 16.36
N THR B 401 -31.52 -0.78 17.13
CA THR B 401 -32.31 -1.89 16.60
C THR B 401 -33.64 -1.98 17.32
N THR B 402 -34.64 -2.52 16.62
CA THR B 402 -35.94 -2.85 17.20
C THR B 402 -36.39 -4.24 16.76
N ARG B 403 -35.46 -5.09 16.33
CA ARG B 403 -35.77 -6.38 15.75
C ARG B 403 -35.51 -7.49 16.77
N ASN B 404 -36.12 -8.66 16.51
CA ASN B 404 -35.89 -9.83 17.35
C ASN B 404 -35.81 -11.12 16.54
N GLU B 405 -35.49 -11.04 15.25
CA GLU B 405 -35.35 -12.25 14.44
C GLU B 405 -34.22 -13.12 14.98
N ASP B 406 -34.43 -14.44 14.94
CA ASP B 406 -33.47 -15.36 15.53
C ASP B 406 -32.11 -15.27 14.86
N PHE B 407 -32.10 -15.13 13.53
CA PHE B 407 -30.84 -15.19 12.78
C PHE B 407 -29.99 -13.94 12.92
N LEU B 408 -30.52 -12.87 13.50
CA LEU B 408 -29.76 -11.64 13.62
C LEU B 408 -28.66 -11.80 14.67
N PRO B 409 -27.61 -10.99 14.60
CA PRO B 409 -26.62 -10.97 15.68
C PRO B 409 -27.25 -10.54 16.99
N THR B 410 -26.71 -11.05 18.10
CA THR B 410 -27.21 -10.65 19.41
C THR B 410 -27.10 -9.15 19.63
N CYS B 411 -26.18 -8.48 18.94
CA CYS B 411 -26.03 -7.04 19.05
C CYS B 411 -27.10 -6.28 18.28
N LEU B 412 -27.95 -6.96 17.53
CA LEU B 412 -29.05 -6.33 16.81
C LEU B 412 -30.40 -6.92 17.19
N GLY B 413 -30.49 -7.55 18.36
CA GLY B 413 -31.73 -8.10 18.86
C GLY B 413 -31.93 -9.57 18.58
N GLY B 414 -31.07 -10.20 17.80
CA GLY B 414 -31.18 -11.61 17.52
C GLY B 414 -30.59 -12.46 18.63
N LYS B 415 -30.49 -13.76 18.35
CA LYS B 415 -29.91 -14.72 19.29
C LYS B 415 -28.81 -15.55 18.64
N THR B 416 -28.26 -15.10 17.51
CA THR B 416 -27.26 -15.86 16.77
C THR B 416 -25.87 -15.34 17.10
N VAL B 417 -25.05 -16.18 17.69
CA VAL B 417 -23.62 -15.92 17.85
C VAL B 417 -22.92 -16.85 16.87
N ILE B 418 -22.50 -16.29 15.74
CA ILE B 418 -22.00 -17.10 14.63
C ILE B 418 -20.60 -17.60 14.95
N SER B 419 -20.27 -18.76 14.38
CA SER B 419 -18.93 -19.30 14.46
C SER B 419 -18.05 -18.70 13.37
N PHE B 420 -16.78 -18.50 13.69
CA PHE B 420 -15.85 -17.92 12.72
C PHE B 420 -15.72 -18.79 11.49
N GLN B 421 -15.59 -20.11 11.69
CA GLN B 421 -15.49 -21.02 10.55
C GLN B 421 -16.77 -21.02 9.74
N SER B 422 -17.93 -21.03 10.41
CA SER B 422 -19.20 -21.02 9.70
C SER B 422 -19.34 -19.77 8.85
N LEU B 423 -18.96 -18.61 9.40
CA LEU B 423 -19.03 -17.37 8.64
C LEU B 423 -18.07 -17.41 7.45
N LEU B 424 -16.83 -17.85 7.68
CA LEU B 424 -15.83 -17.78 6.63
C LEU B 424 -16.20 -18.67 5.44
N THR B 425 -16.71 -19.87 5.70
CA THR B 425 -17.10 -20.77 4.62
C THR B 425 -18.57 -20.59 4.24
N TRP B 426 -18.98 -19.32 4.07
CA TRP B 426 -20.31 -18.96 3.57
C TRP B 426 -21.38 -19.95 4.03
N ASP B 427 -21.37 -20.30 5.32
CA ASP B 427 -22.26 -21.32 5.86
C ASP B 427 -23.22 -20.69 6.86
N CYS B 428 -23.78 -19.54 6.50
CA CYS B 428 -24.53 -18.72 7.42
C CYS B 428 -25.79 -18.21 6.74
N HIS B 429 -26.67 -17.62 7.53
CA HIS B 429 -27.81 -16.92 6.97
C HIS B 429 -27.31 -15.77 6.09
N PRO B 430 -27.98 -15.48 4.97
CA PRO B 430 -27.45 -14.45 4.06
C PRO B 430 -27.26 -13.10 4.73
N PHE B 431 -27.97 -12.80 5.81
CA PHE B 431 -27.76 -11.54 6.51
C PHE B 431 -26.30 -11.38 6.94
N TRP B 432 -25.60 -12.49 7.14
CA TRP B 432 -24.21 -12.46 7.58
C TRP B 432 -23.21 -12.28 6.46
N TYR B 433 -23.65 -12.31 5.19
CA TYR B 433 -22.70 -12.15 4.09
C TYR B 433 -21.96 -10.83 4.20
N GLN B 434 -22.64 -9.78 4.65
CA GLN B 434 -22.00 -8.48 4.78
C GLN B 434 -20.89 -8.48 5.83
N VAL B 435 -20.93 -9.42 6.79
CA VAL B 435 -19.89 -9.48 7.81
C VAL B 435 -18.65 -10.23 7.32
N HIS B 436 -18.80 -11.08 6.31
CA HIS B 436 -17.64 -11.75 5.75
C HIS B 436 -16.66 -10.71 5.21
N PRO B 437 -15.35 -10.89 5.43
CA PRO B 437 -14.40 -9.88 4.92
C PRO B 437 -14.51 -9.66 3.43
N ASP B 438 -14.78 -10.71 2.66
CA ASP B 438 -14.97 -10.61 1.22
C ASP B 438 -16.38 -10.23 0.82
N GLY B 439 -17.30 -10.12 1.78
CA GLY B 439 -18.67 -9.80 1.47
C GLY B 439 -18.86 -8.34 1.13
N PRO B 440 -20.11 -7.99 0.82
CA PRO B 440 -20.41 -6.60 0.44
C PRO B 440 -20.40 -5.65 1.63
N ASP B 441 -20.61 -4.36 1.36
CA ASP B 441 -20.59 -3.36 2.41
C ASP B 441 -21.71 -3.63 3.41
N THR B 442 -21.44 -3.31 4.68
CA THR B 442 -22.44 -3.51 5.73
C THR B 442 -23.41 -2.34 5.77
N ILE B 443 -24.49 -2.52 6.54
CA ILE B 443 -25.51 -1.48 6.64
C ILE B 443 -24.91 -0.20 7.22
N ASP B 444 -24.01 -0.33 8.20
CA ASP B 444 -23.40 0.86 8.80
C ASP B 444 -22.59 1.63 7.78
N GLN B 445 -21.81 0.95 6.95
CA GLN B 445 -20.99 1.64 5.96
C GLN B 445 -21.86 2.41 4.98
N LYS B 446 -22.95 1.79 4.51
CA LYS B 446 -23.86 2.49 3.60
C LYS B 446 -24.46 3.71 4.29
N VAL B 447 -24.89 3.56 5.54
CA VAL B 447 -25.51 4.69 6.25
C VAL B 447 -24.52 5.82 6.40
N LEU B 448 -23.29 5.51 6.80
CA LEU B 448 -22.29 6.55 7.01
C LEU B 448 -21.89 7.22 5.70
N SER B 449 -21.79 6.44 4.62
CA SER B 449 -21.48 7.03 3.32
C SER B 449 -22.61 7.94 2.86
N VAL B 450 -23.86 7.54 3.11
CA VAL B 450 -24.99 8.40 2.77
C VAL B 450 -24.93 9.70 3.56
N LEU B 451 -24.62 9.60 4.86
CA LEU B 451 -24.49 10.80 5.68
C LEU B 451 -23.38 11.71 5.16
N ALA B 452 -22.25 11.13 4.76
CA ALA B 452 -21.16 11.93 4.22
C ALA B 452 -21.55 12.59 2.90
N SER B 453 -22.29 11.88 2.06
CA SER B 453 -22.70 12.44 0.78
C SER B 453 -23.62 13.64 0.96
N LYS B 454 -24.54 13.56 1.91
CA LYS B 454 -25.53 14.62 2.14
C LYS B 454 -24.92 15.69 3.04
N THR B 455 -23.92 16.38 2.50
CA THR B 455 -23.30 17.51 3.18
C THR B 455 -22.87 18.50 2.10
N ARG B 456 -23.72 19.47 1.83
CA ARG B 456 -23.48 20.46 0.78
C ARG B 456 -23.08 21.79 1.38
N ARG B 459 -23.19 23.04 -5.47
CA ARG B 459 -23.05 24.38 -6.04
C ARG B 459 -23.51 24.38 -7.49
N THR B 460 -22.60 24.05 -8.41
CA THR B 460 -22.95 23.94 -9.82
C THR B 460 -22.03 22.89 -10.44
N ARG B 461 -22.61 21.84 -11.00
CA ARG B 461 -21.85 20.71 -11.53
C ARG B 461 -21.57 20.89 -13.01
N LEU B 462 -20.39 20.48 -13.43
CA LEU B 462 -20.11 20.34 -14.86
C LEU B 462 -20.93 19.18 -15.41
N GLU B 463 -21.26 19.28 -16.69
CA GLU B 463 -21.97 18.18 -17.35
C GLU B 463 -21.13 16.91 -17.23
N ALA B 464 -21.76 15.84 -16.76
CA ALA B 464 -21.03 14.61 -16.49
C ALA B 464 -20.44 14.03 -17.78
N LEU B 465 -19.23 13.49 -17.67
CA LEU B 465 -18.54 12.85 -18.78
C LEU B 465 -18.32 11.37 -18.47
N SER B 466 -19.34 10.73 -17.93
CA SER B 466 -19.29 9.31 -17.60
C SER B 466 -19.75 8.48 -18.80
N ASP B 467 -19.60 7.15 -18.66
CA ASP B 467 -20.01 6.20 -19.69
C ASP B 467 -19.31 6.50 -21.02
N LEU B 468 -18.00 6.37 -21.00
CA LEU B 468 -17.18 6.56 -22.18
C LEU B 468 -16.78 5.21 -22.78
N ASP B 469 -16.37 5.25 -24.03
CA ASP B 469 -15.87 4.05 -24.69
C ASP B 469 -14.63 3.56 -23.94
N PRO B 470 -14.60 2.30 -23.50
CA PRO B 470 -13.48 1.85 -22.66
C PRO B 470 -12.11 1.89 -23.35
N LEU B 471 -12.05 2.20 -24.65
CA LEU B 471 -10.79 2.26 -25.36
C LEU B 471 -10.28 3.68 -25.59
N VAL B 472 -11.08 4.69 -25.31
CA VAL B 472 -10.67 6.08 -25.54
C VAL B 472 -9.60 6.45 -24.51
N PRO B 473 -8.39 6.80 -24.93
CA PRO B 473 -7.39 7.24 -23.94
C PRO B 473 -7.84 8.51 -23.24
N HIS B 474 -7.52 8.59 -21.94
CA HIS B 474 -7.96 9.72 -21.14
C HIS B 474 -7.12 10.97 -21.37
N ARG B 475 -6.03 10.88 -22.13
CA ARG B 475 -5.22 12.05 -22.44
C ARG B 475 -5.77 12.85 -23.61
N LEU B 476 -6.79 12.35 -24.30
CA LEU B 476 -7.40 13.12 -25.38
C LEU B 476 -8.14 14.33 -24.82
N LEU B 477 -8.22 15.38 -25.64
CA LEU B 477 -8.81 16.65 -25.23
C LEU B 477 -10.29 16.69 -25.56
N VAL B 478 -11.03 17.44 -24.75
CA VAL B 478 -12.46 17.66 -24.96
C VAL B 478 -12.79 19.11 -24.61
N SER B 479 -13.66 19.71 -25.41
CA SER B 479 -14.24 21.01 -25.10
C SER B 479 -15.64 20.79 -24.51
N GLU B 480 -16.28 21.89 -24.12
CA GLU B 480 -17.65 21.80 -23.60
C GLU B 480 -18.59 21.23 -24.65
N SER B 481 -18.49 21.74 -25.88
CA SER B 481 -19.32 21.22 -26.95
C SER B 481 -18.99 19.76 -27.23
N ASP B 482 -17.71 19.38 -27.11
CA ASP B 482 -17.36 17.97 -27.28
C ASP B 482 -18.03 17.11 -26.24
N VAL B 483 -18.05 17.55 -24.98
CA VAL B 483 -18.71 16.78 -23.93
C VAL B 483 -20.18 16.64 -24.23
N SER B 484 -20.82 17.74 -24.62
CA SER B 484 -22.25 17.69 -24.95
C SER B 484 -22.52 16.73 -26.10
N LYS B 485 -21.70 16.80 -27.15
CA LYS B 485 -21.91 15.95 -28.31
C LYS B 485 -21.71 14.48 -27.96
N ILE B 486 -20.66 14.17 -27.19
CA ILE B 486 -20.41 12.79 -26.81
C ILE B 486 -21.55 12.24 -25.98
N ARG B 487 -22.03 13.03 -25.02
CA ARG B 487 -23.15 12.57 -24.20
C ARG B 487 -24.39 12.36 -25.05
N ALA B 488 -24.67 13.28 -25.98
CA ALA B 488 -25.85 13.13 -26.83
C ALA B 488 -25.75 11.88 -27.70
N ALA B 489 -24.57 11.64 -28.28
CA ALA B 489 -24.40 10.45 -29.12
C ALA B 489 -24.57 9.18 -28.31
N ARG B 490 -23.99 9.12 -27.11
CA ARG B 490 -24.14 7.94 -26.28
C ARG B 490 -25.60 7.72 -25.89
N GLN B 491 -26.30 8.80 -25.55
CA GLN B 491 -27.72 8.67 -25.19
C GLN B 491 -28.54 8.19 -26.38
N ALA B 492 -28.24 8.71 -27.57
CA ALA B 492 -28.96 8.25 -28.76
C ALA B 492 -28.71 6.77 -29.01
N HIS B 493 -27.45 6.33 -28.86
CA HIS B 493 -27.14 4.91 -29.05
C HIS B 493 -27.87 4.05 -28.01
N LEU B 494 -27.91 4.51 -26.76
CA LEU B 494 -28.63 3.77 -25.73
C LEU B 494 -30.11 3.68 -26.04
N LYS B 495 -30.72 4.79 -26.47
CA LYS B 495 -32.13 4.78 -26.83
C LYS B 495 -32.39 3.83 -27.99
N SER B 496 -31.49 3.81 -28.97
CA SER B 496 -31.60 2.84 -30.06
C SER B 496 -31.67 1.42 -29.52
N LEU B 497 -31.04 1.16 -28.38
CA LEU B 497 -31.10 -0.14 -27.73
C LEU B 497 -32.26 -0.25 -26.75
N GLY B 498 -33.12 0.77 -26.66
CA GLY B 498 -34.25 0.73 -25.76
C GLY B 498 -33.83 0.60 -24.32
N LEU B 499 -32.86 1.42 -23.89
CA LEU B 499 -32.28 1.32 -22.57
C LEU B 499 -32.30 2.68 -21.87
N GLU B 500 -32.42 2.62 -20.55
CA GLU B 500 -32.25 3.77 -19.68
C GLU B 500 -30.75 3.89 -19.35
N GLN B 501 -30.41 4.66 -18.31
CA GLN B 501 -29.03 4.79 -17.86
C GLN B 501 -28.34 3.43 -17.92
N PRO B 502 -27.07 3.37 -18.32
CA PRO B 502 -26.43 2.06 -18.53
C PRO B 502 -26.55 1.18 -17.29
N THR B 503 -26.86 -0.09 -17.53
CA THR B 503 -27.05 -1.03 -16.43
C THR B 503 -25.70 -1.31 -15.77
N ASN B 504 -25.68 -1.24 -14.44
CA ASN B 504 -24.44 -1.45 -13.71
C ASN B 504 -23.84 -2.80 -14.06
N PHE B 505 -22.53 -2.82 -14.31
CA PHE B 505 -21.81 -4.02 -14.75
C PHE B 505 -20.96 -4.50 -13.59
N ASN B 506 -21.32 -5.66 -13.04
CA ASN B 506 -20.52 -6.33 -12.01
C ASN B 506 -19.72 -7.45 -12.66
N TYR B 507 -18.39 -7.37 -12.56
CA TYR B 507 -17.55 -8.34 -13.25
C TYR B 507 -17.80 -9.75 -12.75
N ALA B 508 -17.89 -9.93 -11.43
CA ALA B 508 -18.09 -11.27 -10.87
C ALA B 508 -19.42 -11.86 -11.32
N ILE B 509 -20.51 -11.07 -11.19
CA ILE B 509 -21.83 -11.57 -11.57
C ILE B 509 -21.86 -11.90 -13.05
N TYR B 510 -21.32 -11.02 -13.89
CA TYR B 510 -21.33 -11.26 -15.33
C TYR B 510 -20.55 -12.52 -15.66
N LYS B 511 -19.39 -12.71 -15.03
CA LYS B 511 -18.60 -13.92 -15.26
C LYS B 511 -19.37 -15.16 -14.82
N ALA B 512 -20.10 -15.07 -13.72
CA ALA B 512 -20.89 -16.20 -13.25
C ALA B 512 -21.92 -16.65 -14.27
N VAL B 513 -22.34 -15.76 -15.18
CA VAL B 513 -23.27 -16.13 -16.25
C VAL B 513 -22.57 -16.76 -17.45
N GLN B 514 -21.23 -16.75 -17.47
CA GLN B 514 -20.48 -17.23 -18.63
C GLN B 514 -20.48 -18.75 -18.70
N PRO B 515 -20.04 -19.46 -17.64
CA PRO B 515 -19.96 -20.92 -17.76
C PRO B 515 -21.32 -21.60 -17.71
N SER C 2 -22.30 27.06 -18.10
CA SER C 2 -21.14 27.95 -18.18
C SER C 2 -20.10 27.58 -17.12
N GLN C 3 -20.29 26.43 -16.47
CA GLN C 3 -19.31 25.99 -15.48
C GLN C 3 -17.99 25.64 -16.13
N PHE C 4 -18.00 25.24 -17.41
CA PHE C 4 -16.76 24.96 -18.11
C PHE C 4 -15.90 26.21 -18.20
N GLY C 5 -16.50 27.36 -18.47
CA GLY C 5 -15.75 28.60 -18.57
C GLY C 5 -15.25 29.14 -17.25
N LYS C 6 -15.73 28.60 -16.14
CA LYS C 6 -15.24 28.99 -14.80
C LYS C 6 -14.19 28.03 -14.28
N SER C 7 -14.43 26.72 -14.39
CA SER C 7 -13.45 25.75 -13.91
C SER C 7 -12.17 25.79 -14.72
N PHE C 8 -12.29 26.01 -16.03
CA PHE C 8 -11.14 25.98 -16.92
C PHE C 8 -10.97 27.33 -17.61
N LYS C 9 -11.06 28.41 -16.85
CA LYS C 9 -11.00 29.75 -17.41
C LYS C 9 -9.73 29.94 -18.23
N GLY C 10 -9.88 30.54 -19.40
CA GLY C 10 -8.76 30.80 -20.29
C GLY C 10 -8.41 29.65 -21.20
N ARG C 11 -9.11 28.52 -21.11
CA ARG C 11 -8.85 27.35 -21.94
C ARG C 11 -10.16 26.84 -22.52
N THR C 12 -10.07 26.30 -23.74
CA THR C 12 -11.22 25.72 -24.41
C THR C 12 -11.19 24.19 -24.42
N GLU C 13 -10.02 23.58 -24.21
CA GLU C 13 -9.86 22.14 -24.24
C GLU C 13 -9.10 21.67 -23.01
N VAL C 14 -9.58 20.57 -22.43
CA VAL C 14 -8.90 19.92 -21.31
C VAL C 14 -8.91 18.43 -21.56
N THR C 15 -8.01 17.72 -20.88
CA THR C 15 -7.98 16.27 -20.97
C THR C 15 -9.20 15.67 -20.28
N ILE C 16 -9.52 14.44 -20.66
CA ILE C 16 -10.61 13.72 -20.02
C ILE C 16 -10.28 13.49 -18.54
N THR C 17 -9.01 13.25 -18.23
CA THR C 17 -8.61 13.04 -16.85
C THR C 17 -8.97 14.24 -15.98
N GLU C 18 -8.60 15.45 -16.42
CA GLU C 18 -8.86 16.64 -15.64
C GLU C 18 -10.37 16.87 -15.46
N TYR C 19 -11.13 16.73 -16.54
CA TYR C 19 -12.57 16.91 -16.47
C TYR C 19 -13.20 15.93 -15.48
N ARG C 20 -12.86 14.65 -15.61
CA ARG C 20 -13.42 13.64 -14.72
C ARG C 20 -13.03 13.91 -13.27
N SER C 21 -11.77 14.29 -13.02
CA SER C 21 -11.35 14.63 -11.67
C SER C 21 -12.12 15.83 -11.14
N HIS C 22 -12.52 16.74 -12.02
CA HIS C 22 -13.32 17.89 -11.61
C HIS C 22 -14.78 17.52 -11.36
N THR C 23 -15.24 16.39 -11.89
CA THR C 23 -16.60 15.91 -11.64
C THR C 23 -16.64 14.84 -10.55
N VAL C 24 -15.79 14.95 -9.54
CA VAL C 24 -15.74 13.99 -8.44
C VAL C 24 -16.56 14.54 -7.28
N LYS C 25 -17.50 13.74 -6.78
CA LYS C 25 -18.33 14.17 -5.67
C LYS C 25 -17.53 14.26 -4.38
N ASP C 26 -17.77 15.31 -3.62
CA ASP C 26 -17.06 15.54 -2.38
C ASP C 26 -17.74 14.83 -1.22
N VAL C 27 -16.93 14.37 -0.27
CA VAL C 27 -17.41 13.71 0.94
C VAL C 27 -16.94 14.52 2.14
N HIS C 28 -17.87 14.84 3.04
CA HIS C 28 -17.57 15.61 4.23
C HIS C 28 -17.50 14.66 5.42
N ARG C 29 -16.36 14.67 6.12
CA ARG C 29 -16.18 13.81 7.27
C ARG C 29 -17.00 14.35 8.45
N SER C 30 -17.76 13.45 9.08
CA SER C 30 -18.56 13.84 10.24
C SER C 30 -17.66 14.09 11.44
N LEU C 31 -18.03 15.08 12.26
CA LEU C 31 -17.29 15.38 13.47
C LEU C 31 -17.66 14.46 14.63
N LEU C 32 -18.77 13.73 14.54
CA LEU C 32 -19.17 12.81 15.58
C LEU C 32 -18.43 11.48 15.44
N THR C 33 -18.54 10.66 16.48
CA THR C 33 -18.09 9.28 16.37
C THR C 33 -19.04 8.49 15.47
N ALA C 34 -18.55 7.37 14.97
CA ALA C 34 -19.40 6.51 14.14
C ALA C 34 -20.65 6.10 14.88
N ASP C 35 -20.53 5.80 16.18
CA ASP C 35 -21.68 5.41 16.97
C ASP C 35 -22.74 6.51 16.98
N LYS C 36 -22.33 7.73 17.30
CA LYS C 36 -23.28 8.83 17.37
C LYS C 36 -23.87 9.16 16.00
N SER C 37 -23.05 9.06 14.95
CA SER C 37 -23.57 9.28 13.60
C SER C 37 -24.64 8.26 13.26
N LEU C 38 -24.39 6.98 13.57
CA LEU C 38 -25.40 5.95 13.31
C LEU C 38 -26.65 6.16 14.15
N ARG C 39 -26.50 6.70 15.36
CA ARG C 39 -27.67 6.96 16.19
C ARG C 39 -28.47 8.16 15.70
N LYS C 40 -27.81 9.13 15.08
CA LYS C 40 -28.47 10.38 14.71
C LYS C 40 -29.68 10.11 13.81
N SER C 41 -30.83 10.65 14.21
CA SER C 41 -32.09 10.52 13.48
C SER C 41 -32.50 9.05 13.29
N PHE C 42 -31.91 8.15 14.06
CA PHE C 42 -32.19 6.71 13.92
C PHE C 42 -31.92 6.24 12.49
N CYS C 43 -30.87 6.79 11.88
CA CYS C 43 -30.57 6.45 10.50
C CYS C 43 -30.24 4.97 10.36
N PHE C 44 -29.38 4.44 11.23
CA PHE C 44 -29.04 3.03 11.14
C PHE C 44 -30.23 2.14 11.47
N ARG C 45 -31.05 2.54 12.45
CA ARG C 45 -32.23 1.76 12.79
C ARG C 45 -33.16 1.64 11.60
N ASN C 46 -33.45 2.77 10.94
CA ASN C 46 -34.32 2.75 9.77
C ASN C 46 -33.69 1.97 8.63
N ALA C 47 -32.37 2.10 8.45
CA ALA C 47 -31.70 1.35 7.40
C ALA C 47 -31.77 -0.15 7.66
N LEU C 48 -31.64 -0.57 8.92
CA LEU C 48 -31.76 -1.99 9.25
C LEU C 48 -33.16 -2.49 8.96
N ASN C 49 -34.18 -1.70 9.30
CA ASN C 49 -35.55 -2.08 8.96
C ASN C 49 -35.70 -2.22 7.45
N GLN C 50 -35.23 -1.22 6.71
CA GLN C 50 -35.27 -1.27 5.25
C GLN C 50 -34.62 -2.54 4.72
N PHE C 51 -33.41 -2.84 5.18
CA PHE C 51 -32.67 -3.98 4.67
C PHE C 51 -33.39 -5.29 5.00
N LEU C 52 -33.91 -5.42 6.22
CA LEU C 52 -34.57 -6.66 6.60
C LEU C 52 -35.88 -6.86 5.86
N ASP C 53 -36.54 -5.78 5.45
CA ASP C 53 -37.85 -5.90 4.85
C ASP C 53 -37.82 -6.07 3.34
N LYS C 54 -36.89 -5.39 2.64
CA LYS C 54 -36.86 -5.40 1.19
C LYS C 54 -35.56 -5.92 0.60
N ASP C 55 -34.41 -5.46 1.07
CA ASP C 55 -33.16 -5.83 0.41
C ASP C 55 -32.75 -7.27 0.71
N LEU C 56 -32.96 -7.74 1.94
CA LEU C 56 -32.45 -9.06 2.31
C LEU C 56 -33.06 -10.19 1.48
N PRO C 57 -34.37 -10.26 1.26
CA PRO C 57 -34.93 -11.39 0.51
C PRO C 57 -34.34 -11.54 -0.88
N LEU C 58 -33.95 -10.44 -1.52
CA LEU C 58 -33.43 -10.50 -2.88
C LEU C 58 -31.97 -10.93 -2.94
N LEU C 59 -31.30 -11.10 -1.80
CA LEU C 59 -29.89 -11.46 -1.82
C LEU C 59 -29.71 -12.90 -2.27
N PRO C 60 -28.93 -13.17 -3.32
CA PRO C 60 -28.72 -14.56 -3.74
C PRO C 60 -27.94 -15.36 -2.70
N ILE C 61 -28.19 -16.66 -2.69
CA ILE C 61 -27.54 -17.58 -1.75
C ILE C 61 -26.19 -17.98 -2.34
N ARG C 62 -25.12 -17.78 -1.58
CA ARG C 62 -23.79 -18.19 -2.01
C ARG C 62 -23.57 -19.67 -1.72
N PRO C 63 -22.81 -20.36 -2.55
CA PRO C 63 -22.47 -21.76 -2.24
C PRO C 63 -21.54 -21.86 -1.05
N LYS C 64 -21.66 -22.97 -0.33
CA LYS C 64 -20.87 -23.22 0.86
C LYS C 64 -19.59 -23.97 0.52
N LEU C 65 -18.48 -23.52 1.08
CA LEU C 65 -17.18 -24.15 0.83
C LEU C 65 -17.10 -25.48 1.58
N GLU C 66 -16.69 -26.53 0.87
CA GLU C 66 -16.68 -27.87 1.44
C GLU C 66 -15.34 -28.58 1.25
N SER C 67 -14.63 -28.26 0.18
CA SER C 67 -13.42 -29.01 -0.18
C SER C 67 -12.25 -28.61 0.71
N ARG C 68 -11.65 -29.60 1.37
CA ARG C 68 -10.53 -29.39 2.27
C ARG C 68 -9.39 -30.34 1.93
N VAL C 69 -8.18 -29.93 2.27
CA VAL C 69 -7.00 -30.78 2.15
C VAL C 69 -6.18 -30.66 3.44
N ALA C 70 -5.34 -31.65 3.68
CA ALA C 70 -4.46 -31.62 4.84
C ALA C 70 -3.32 -30.63 4.60
N VAL C 71 -3.08 -29.77 5.59
CA VAL C 71 -2.06 -28.72 5.47
C VAL C 71 -1.12 -28.81 6.65
N LYS C 72 0.06 -28.22 6.48
CA LYS C 72 1.07 -28.16 7.53
C LYS C 72 1.67 -26.77 7.58
N LYS C 73 2.05 -26.34 8.78
CA LYS C 73 2.68 -25.05 8.94
C LYS C 73 4.01 -25.01 8.18
N SER C 74 4.28 -23.89 7.53
CA SER C 74 5.46 -23.74 6.69
C SER C 74 5.99 -22.32 6.81
N LYS C 75 7.04 -22.04 6.06
CA LYS C 75 7.55 -20.68 5.96
C LYS C 75 6.45 -19.72 5.53
N LEU C 76 6.69 -18.43 5.75
CA LEU C 76 5.82 -17.40 5.23
C LEU C 76 6.09 -17.26 3.74
N ARG C 77 5.07 -17.56 2.92
CA ARG C 77 5.17 -17.45 1.49
C ARG C 77 4.11 -16.48 0.99
N SER C 78 4.27 -16.07 -0.27
CA SER C 78 3.29 -15.25 -0.96
C SER C 78 2.45 -16.17 -1.84
N GLN C 79 1.15 -16.25 -1.54
CA GLN C 79 0.20 -16.92 -2.41
C GLN C 79 -0.20 -15.96 -3.52
N LEU C 80 0.03 -16.36 -4.75
CA LEU C 80 -0.17 -15.50 -5.92
C LEU C 80 -1.49 -15.87 -6.57
N SER C 81 -2.37 -14.89 -6.75
CA SER C 81 -3.60 -15.05 -7.50
C SER C 81 -3.57 -14.15 -8.71
N PHE C 82 -3.74 -14.74 -9.89
CA PHE C 82 -3.70 -14.04 -11.17
C PHE C 82 -5.13 -14.00 -11.71
N ARG C 83 -5.82 -12.90 -11.43
CA ARG C 83 -7.21 -12.73 -11.85
C ARG C 83 -7.24 -12.05 -13.21
N PRO C 84 -7.79 -12.68 -14.25
CA PRO C 84 -7.82 -12.04 -15.56
C PRO C 84 -8.98 -11.05 -15.70
N GLY C 85 -8.73 -10.01 -16.50
CA GLY C 85 -9.74 -9.03 -16.81
C GLY C 85 -10.43 -9.33 -18.15
N LEU C 86 -11.44 -8.52 -18.44
CA LEU C 86 -12.19 -8.68 -19.68
C LEU C 86 -11.25 -8.50 -20.87
N THR C 87 -11.51 -9.25 -21.94
CA THR C 87 -10.73 -9.07 -23.15
C THR C 87 -11.27 -7.88 -23.95
N GLN C 88 -10.43 -7.38 -24.85
CA GLN C 88 -10.77 -6.15 -25.57
C GLN C 88 -12.08 -6.30 -26.34
N GLU C 89 -12.23 -7.39 -27.09
CA GLU C 89 -13.45 -7.60 -27.85
C GLU C 89 -14.65 -7.74 -26.93
N GLU C 90 -14.47 -8.41 -25.80
CA GLU C 90 -15.56 -8.57 -24.85
C GLU C 90 -15.98 -7.22 -24.27
N ALA C 91 -15.00 -6.35 -24.01
CA ALA C 91 -15.31 -5.00 -23.54
C ALA C 91 -16.08 -4.22 -24.59
N ILE C 92 -15.68 -4.33 -25.86
CA ILE C 92 -16.42 -3.66 -26.93
C ILE C 92 -17.85 -4.18 -26.98
N ASP C 93 -18.02 -5.50 -26.90
CA ASP C 93 -19.35 -6.08 -26.97
C ASP C 93 -20.23 -5.59 -25.83
N LEU C 94 -19.69 -5.55 -24.61
CA LEU C 94 -20.47 -5.07 -23.48
C LEU C 94 -20.80 -3.59 -23.63
N TYR C 95 -19.84 -2.78 -24.09
CA TYR C 95 -20.10 -1.35 -24.22
C TYR C 95 -21.16 -1.08 -25.29
N ASN C 96 -21.07 -1.75 -26.43
CA ASN C 96 -22.07 -1.57 -27.48
C ASN C 96 -23.43 -2.13 -27.10
N LYS C 97 -23.52 -2.92 -26.02
CA LYS C 97 -24.78 -3.45 -25.55
C LYS C 97 -25.46 -2.54 -24.53
N GLY C 98 -24.91 -1.36 -24.28
CA GLY C 98 -25.52 -0.42 -23.35
C GLY C 98 -25.05 -0.51 -21.92
N TYR C 99 -23.98 -1.26 -21.65
CA TYR C 99 -23.47 -1.37 -20.29
C TYR C 99 -22.56 -0.19 -19.96
N ASP C 100 -22.32 -0.01 -18.67
CA ASP C 100 -21.51 1.12 -18.20
C ASP C 100 -20.11 1.02 -18.77
N GLY C 101 -19.69 2.05 -19.50
CA GLY C 101 -18.37 2.04 -20.09
C GLY C 101 -17.26 2.15 -19.06
N ASP C 102 -17.47 2.95 -18.02
CA ASP C 102 -16.43 3.12 -17.00
C ASP C 102 -16.21 1.83 -16.21
N SER C 103 -17.30 1.17 -15.81
CA SER C 103 -17.16 -0.09 -15.08
C SER C 103 -16.48 -1.15 -15.94
N VAL C 104 -16.85 -1.22 -17.23
CA VAL C 104 -16.20 -2.16 -18.13
C VAL C 104 -14.73 -1.84 -18.27
N SER C 105 -14.39 -0.55 -18.34
CA SER C 105 -12.99 -0.16 -18.43
C SER C 105 -12.22 -0.57 -17.18
N GLY C 106 -12.86 -0.46 -16.02
CA GLY C 106 -12.21 -0.86 -14.79
C GLY C 106 -11.96 -2.36 -14.69
N ALA C 107 -12.69 -3.16 -15.46
CA ALA C 107 -12.54 -4.60 -15.46
C ALA C 107 -11.70 -5.11 -16.62
N LEU C 108 -11.07 -4.22 -17.38
CA LEU C 108 -10.27 -4.62 -18.53
C LEU C 108 -8.87 -5.07 -18.18
N GLN C 109 -8.39 -4.78 -16.97
CA GLN C 109 -6.98 -4.97 -16.64
C GLN C 109 -6.78 -6.27 -15.87
N ASP C 110 -5.79 -7.05 -16.28
CA ASP C 110 -5.43 -8.26 -15.57
C ASP C 110 -4.72 -7.90 -14.26
N ARG C 111 -5.18 -8.49 -13.16
CA ARG C 111 -4.66 -8.19 -11.84
C ARG C 111 -3.85 -9.37 -11.32
N VAL C 112 -2.76 -9.07 -10.63
CA VAL C 112 -1.96 -10.06 -9.93
C VAL C 112 -1.80 -9.58 -8.49
N VAL C 113 -2.19 -10.42 -7.54
CA VAL C 113 -2.11 -10.06 -6.13
C VAL C 113 -1.39 -11.16 -5.38
N ASN C 114 -0.72 -10.75 -4.30
CA ASN C 114 0.03 -11.65 -3.43
C ASN C 114 -0.49 -11.49 -2.02
N GLU C 115 -0.73 -12.61 -1.35
CA GLU C 115 -1.20 -12.61 0.02
C GLU C 115 -0.27 -13.45 0.90
N PRO C 116 0.17 -12.96 2.05
CA PRO C 116 1.03 -13.78 2.91
C PRO C 116 0.26 -14.95 3.50
N VAL C 117 0.92 -16.12 3.51
CA VAL C 117 0.32 -17.33 4.08
C VAL C 117 1.45 -18.23 4.53
N ALA C 118 1.28 -18.85 5.70
CA ALA C 118 2.24 -19.85 6.18
C ALA C 118 1.47 -21.14 6.42
N TYR C 119 1.20 -21.86 5.32
CA TYR C 119 0.49 -23.14 5.34
C TYR C 119 0.59 -23.71 3.93
N SER C 120 0.99 -24.98 3.82
CA SER C 120 1.14 -25.60 2.51
C SER C 120 0.48 -26.97 2.52
N SER C 121 -0.06 -27.34 1.37
CA SER C 121 -0.66 -28.65 1.15
C SER C 121 0.30 -29.51 0.33
N ALA C 122 -0.08 -30.78 0.14
CA ALA C 122 0.76 -31.68 -0.63
C ALA C 122 0.89 -31.24 -2.08
N ASP C 123 -0.20 -30.76 -2.67
CA ASP C 123 -0.22 -30.36 -4.08
C ASP C 123 -0.09 -28.85 -4.26
N ASN C 124 0.39 -28.14 -3.25
CA ASN C 124 0.60 -26.70 -3.34
C ASN C 124 -0.68 -25.97 -3.74
N ASP C 125 -1.79 -26.37 -3.14
CA ASP C 125 -3.07 -25.74 -3.42
C ASP C 125 -3.10 -24.31 -2.90
N LYS C 126 -3.91 -23.49 -3.55
CA LYS C 126 -4.23 -22.15 -3.04
C LYS C 126 -5.47 -22.24 -2.16
N PHE C 127 -5.54 -21.32 -1.18
CA PHE C 127 -6.54 -21.41 -0.12
C PHE C 127 -7.46 -20.20 -0.13
N HIS C 128 -8.67 -20.40 0.35
CA HIS C 128 -9.61 -19.31 0.54
C HIS C 128 -9.14 -18.39 1.66
N ARG C 129 -9.53 -17.12 1.56
CA ARG C 129 -9.12 -16.13 2.54
C ARG C 129 -9.52 -16.55 3.95
N GLY C 130 -8.54 -16.59 4.84
CA GLY C 130 -8.80 -16.89 6.25
C GLY C 130 -8.97 -18.35 6.58
N LEU C 131 -8.76 -19.25 5.60
CA LEU C 131 -8.96 -20.68 5.83
C LEU C 131 -7.76 -21.51 5.40
N ALA C 132 -6.58 -20.89 5.26
CA ALA C 132 -5.39 -21.65 4.93
C ALA C 132 -5.06 -22.66 6.03
N ALA C 133 -5.27 -22.28 7.28
CA ALA C 133 -4.97 -23.19 8.38
C ALA C 133 -5.88 -24.42 8.34
N LEU C 134 -7.12 -24.25 7.89
CA LEU C 134 -8.05 -25.36 7.78
C LEU C 134 -8.00 -26.06 6.43
N GLY C 135 -7.25 -25.52 5.47
CA GLY C 135 -7.02 -26.22 4.22
C GLY C 135 -8.12 -26.14 3.21
N TYR C 136 -8.94 -25.08 3.24
CA TYR C 136 -10.01 -24.91 2.26
C TYR C 136 -9.40 -24.40 0.96
N THR C 137 -9.45 -25.23 -0.08
CA THR C 137 -8.78 -24.93 -1.33
C THR C 137 -9.73 -24.27 -2.32
N LEU C 138 -9.16 -23.44 -3.20
CA LEU C 138 -9.95 -22.85 -4.28
C LEU C 138 -10.39 -23.89 -5.29
N ALA C 139 -9.55 -24.90 -5.53
CA ALA C 139 -9.90 -25.96 -6.47
C ALA C 139 -11.08 -26.77 -5.95
N ASP C 140 -11.88 -27.30 -6.88
CA ASP C 140 -13.05 -28.09 -6.54
C ASP C 140 -12.86 -29.54 -6.95
N ASP C 144 -14.00 -35.17 -14.54
CA ASP C 144 -13.29 -36.25 -15.23
C ASP C 144 -11.89 -36.43 -14.65
N THR C 145 -11.46 -37.69 -14.53
CA THR C 145 -10.13 -37.95 -13.99
C THR C 145 -9.04 -37.28 -14.80
N CYS C 146 -9.24 -37.16 -16.12
CA CYS C 146 -8.23 -36.52 -16.96
C CYS C 146 -8.11 -35.03 -16.64
N GLU C 147 -9.23 -34.37 -16.33
CA GLU C 147 -9.15 -32.98 -15.91
C GLU C 147 -8.33 -32.83 -14.64
N SER C 148 -8.54 -33.74 -13.67
CA SER C 148 -7.76 -33.69 -12.44
C SER C 148 -6.29 -33.97 -12.70
N GLY C 149 -5.98 -34.93 -13.57
CA GLY C 149 -4.60 -35.29 -13.84
C GLY C 149 -3.86 -34.29 -14.71
N PHE C 150 -4.59 -33.50 -15.49
CA PHE C 150 -3.94 -32.51 -16.35
C PHE C 150 -3.27 -31.41 -15.53
N VAL C 151 -3.87 -31.05 -14.40
CA VAL C 151 -3.33 -29.98 -13.56
C VAL C 151 -2.25 -30.47 -12.61
N ARG C 152 -2.02 -31.77 -12.53
CA ARG C 152 -1.05 -32.34 -11.60
C ARG C 152 0.32 -32.50 -12.27
N ALA C 153 1.37 -32.19 -11.51
CA ALA C 153 2.71 -32.45 -12.00
C ALA C 153 2.95 -33.94 -12.20
N ILE C 154 2.46 -34.76 -11.27
CA ILE C 154 2.61 -36.22 -11.33
C ILE C 154 1.22 -36.85 -11.27
N PRO C 155 0.57 -37.12 -12.40
CA PRO C 155 -0.75 -37.77 -12.35
C PRO C 155 -0.67 -39.15 -11.70
N THR C 156 -1.72 -39.48 -10.96
CA THR C 156 -1.75 -40.78 -10.28
C THR C 156 -1.83 -41.93 -11.28
N THR C 157 -2.78 -41.85 -12.21
CA THR C 157 -3.04 -42.94 -13.16
C THR C 157 -2.89 -42.43 -14.59
N PRO C 158 -1.82 -42.79 -15.31
CA PRO C 158 -1.74 -42.37 -16.71
C PRO C 158 -2.87 -42.96 -17.53
N CYS C 159 -3.38 -42.17 -18.47
CA CYS C 159 -4.46 -42.58 -19.36
C CYS C 159 -3.97 -42.95 -20.75
N GLY C 160 -2.66 -42.93 -20.99
CA GLY C 160 -2.14 -43.18 -22.31
C GLY C 160 -2.22 -41.99 -23.25
N PHE C 161 -2.21 -40.77 -22.72
CA PHE C 161 -2.31 -39.58 -23.54
C PHE C 161 -1.54 -38.44 -22.88
N ILE C 162 -1.41 -37.33 -23.62
CA ILE C 162 -0.51 -36.26 -23.20
C ILE C 162 -0.95 -35.63 -21.89
N CYS C 163 -2.27 -35.54 -21.65
CA CYS C 163 -2.74 -34.84 -20.47
C CYS C 163 -2.23 -35.51 -19.20
N CYS C 164 -2.22 -36.84 -19.18
CA CYS C 164 -2.00 -37.60 -17.96
C CYS C 164 -0.65 -38.33 -17.97
N GLY C 165 0.20 -38.05 -18.96
CA GLY C 165 1.46 -38.73 -19.10
C GLY C 165 1.94 -38.64 -20.53
N PRO C 166 3.00 -39.36 -20.88
CA PRO C 166 3.41 -39.40 -22.29
C PRO C 166 2.32 -40.03 -23.15
N GLY C 167 2.14 -39.47 -24.34
CA GLY C 167 1.12 -39.95 -25.25
C GLY C 167 0.72 -38.89 -26.25
N SER C 168 -0.30 -39.22 -27.03
CA SER C 168 -0.79 -38.35 -28.09
C SER C 168 -1.90 -37.45 -27.55
N PHE C 169 -2.59 -36.75 -28.45
CA PHE C 169 -3.56 -35.74 -28.09
C PHE C 169 -4.97 -36.32 -28.06
N LYS C 170 -5.66 -36.13 -26.94
CA LYS C 170 -7.06 -36.53 -26.82
C LYS C 170 -7.97 -35.49 -27.46
N ASP C 171 -9.27 -35.79 -27.46
CA ASP C 171 -10.23 -34.89 -28.09
C ASP C 171 -10.39 -33.61 -27.27
N SER C 172 -10.51 -33.74 -25.94
CA SER C 172 -10.69 -32.58 -25.09
C SER C 172 -9.46 -31.68 -25.03
N LEU C 173 -8.32 -32.14 -25.53
CA LEU C 173 -7.08 -31.38 -25.49
C LEU C 173 -6.85 -30.69 -26.84
N GLY C 174 -6.49 -29.41 -26.78
CA GLY C 174 -6.05 -28.68 -27.95
C GLY C 174 -4.61 -28.24 -27.76
N PHE C 175 -4.04 -27.66 -28.81
CA PHE C 175 -2.70 -27.11 -28.68
C PHE C 175 -2.53 -25.89 -29.56
N VAL C 176 -1.64 -25.01 -29.13
CA VAL C 176 -1.19 -23.86 -29.91
C VAL C 176 0.33 -23.97 -30.08
N ILE C 177 0.80 -23.90 -31.32
CA ILE C 177 2.21 -24.03 -31.63
C ILE C 177 2.58 -22.95 -32.62
N LYS C 178 3.88 -22.68 -32.74
CA LYS C 178 4.39 -21.68 -33.66
C LYS C 178 5.19 -22.37 -34.75
N ILE C 179 4.77 -22.19 -36.00
CA ILE C 179 5.49 -22.69 -37.16
C ILE C 179 5.88 -21.51 -38.03
N GLY C 180 7.17 -21.40 -38.34
CA GLY C 180 7.65 -20.28 -39.10
C GLY C 180 7.27 -18.95 -38.48
N GLU C 181 6.37 -18.22 -39.13
CA GLU C 181 5.91 -16.92 -38.65
C GLU C 181 4.42 -16.92 -38.33
N PHE C 182 3.85 -18.08 -38.02
CA PHE C 182 2.42 -18.18 -37.76
C PHE C 182 2.19 -19.04 -36.53
N TRP C 183 1.02 -18.84 -35.92
CA TRP C 183 0.59 -19.59 -34.75
C TRP C 183 -0.56 -20.50 -35.17
N HIS C 184 -0.33 -21.81 -35.15
CA HIS C 184 -1.35 -22.78 -35.50
C HIS C 184 -2.03 -23.28 -34.24
N MET C 185 -3.36 -23.22 -34.23
CA MET C 185 -4.18 -23.73 -33.14
C MET C 185 -5.00 -24.89 -33.65
N TYR C 186 -4.89 -26.05 -33.00
CA TYR C 186 -5.60 -27.24 -33.41
C TYR C 186 -6.33 -27.85 -32.22
N ASP C 187 -7.61 -28.14 -32.41
CA ASP C 187 -8.46 -28.72 -31.38
C ASP C 187 -8.80 -30.18 -31.65
N GLY C 188 -8.52 -30.68 -32.85
CA GLY C 188 -8.97 -31.98 -33.27
C GLY C 188 -10.04 -31.86 -34.33
N PHE C 189 -10.94 -30.89 -34.15
CA PHE C 189 -11.94 -30.56 -35.16
C PHE C 189 -11.47 -29.42 -36.06
N GLN C 190 -11.18 -28.26 -35.48
CA GLN C 190 -10.91 -27.05 -36.22
C GLN C 190 -9.43 -26.69 -36.13
N HIS C 191 -8.87 -26.25 -37.25
CA HIS C 191 -7.48 -25.82 -37.32
C HIS C 191 -7.44 -24.39 -37.84
N PHE C 192 -6.83 -23.50 -37.07
CA PHE C 192 -6.77 -22.08 -37.41
C PHE C 192 -5.34 -21.58 -37.32
N VAL C 193 -5.10 -20.43 -37.97
CA VAL C 193 -3.79 -19.80 -38.00
C VAL C 193 -3.96 -18.34 -37.59
N ALA C 194 -3.00 -17.84 -36.81
CA ALA C 194 -3.01 -16.46 -36.33
C ALA C 194 -1.64 -15.83 -36.55
N VAL C 195 -1.65 -14.50 -36.68
CA VAL C 195 -0.43 -13.73 -36.87
C VAL C 195 -0.47 -12.51 -35.95
N GLU C 196 0.70 -11.90 -35.74
CA GLU C 196 0.82 -10.70 -34.91
C GLU C 196 1.18 -9.54 -35.83
N ASP C 197 0.24 -8.61 -36.02
CA ASP C 197 0.49 -7.52 -36.97
C ASP C 197 1.28 -6.38 -36.35
N ALA C 198 0.66 -5.62 -35.43
CA ALA C 198 1.38 -4.61 -34.67
C ALA C 198 1.18 -4.81 -33.18
N LYS C 199 -0.09 -4.84 -32.76
CA LYS C 199 -0.47 -5.11 -31.38
C LYS C 199 -1.69 -6.01 -31.34
N PHE C 200 -2.11 -6.56 -32.47
CA PHE C 200 -3.27 -7.44 -32.57
C PHE C 200 -2.81 -8.84 -32.92
N LEU C 201 -3.62 -9.81 -32.50
CA LEU C 201 -3.51 -11.19 -32.96
C LEU C 201 -4.61 -11.37 -34.00
N ALA C 202 -4.24 -11.31 -35.26
CA ALA C 202 -5.18 -11.41 -36.37
C ALA C 202 -5.40 -12.87 -36.72
N SER C 203 -6.67 -13.30 -36.71
CA SER C 203 -7.02 -14.67 -37.00
C SER C 203 -8.42 -14.70 -37.59
N LYS C 204 -8.75 -15.81 -38.25
CA LYS C 204 -10.04 -15.94 -38.91
C LYS C 204 -11.19 -15.83 -37.92
N SER C 205 -11.09 -16.55 -36.80
CA SER C 205 -12.13 -16.57 -35.78
C SER C 205 -11.49 -16.34 -34.42
N PRO C 206 -11.29 -15.07 -34.02
CA PRO C 206 -10.67 -14.81 -32.72
C PRO C 206 -11.46 -15.37 -31.55
N SER C 207 -12.76 -15.61 -31.72
CA SER C 207 -13.58 -16.16 -30.65
C SER C 207 -13.24 -17.61 -30.33
N PHE C 208 -12.42 -18.26 -31.16
CA PHE C 208 -12.00 -19.62 -30.88
C PHE C 208 -11.31 -19.68 -29.52
N TRP C 209 -11.63 -20.72 -28.74
CA TRP C 209 -11.10 -20.79 -27.37
C TRP C 209 -9.58 -20.84 -27.37
N LEU C 210 -8.99 -21.65 -28.25
CA LEU C 210 -7.54 -21.68 -28.36
C LEU C 210 -6.99 -20.33 -28.79
N ALA C 211 -7.72 -19.62 -29.66
CA ALA C 211 -7.32 -18.29 -30.06
C ALA C 211 -7.34 -17.32 -28.88
N LYS C 212 -8.36 -17.43 -28.02
CA LYS C 212 -8.41 -16.60 -26.83
C LYS C 212 -7.23 -16.90 -25.91
N ARG C 213 -6.91 -18.17 -25.72
CA ARG C 213 -5.76 -18.52 -24.88
C ARG C 213 -4.46 -17.97 -25.46
N LEU C 214 -4.29 -18.08 -26.78
CA LEU C 214 -3.09 -17.54 -27.41
C LEU C 214 -3.02 -16.03 -27.26
N ALA C 215 -4.15 -15.35 -27.42
CA ALA C 215 -4.17 -13.90 -27.26
C ALA C 215 -3.78 -13.52 -25.83
N LYS C 216 -4.23 -14.29 -24.85
CA LYS C 216 -3.87 -14.00 -23.47
C LYS C 216 -2.39 -14.29 -23.20
N ARG C 217 -1.83 -15.31 -23.84
CA ARG C 217 -0.42 -15.63 -23.63
C ARG C 217 0.52 -14.66 -24.33
N LEU C 218 0.12 -14.14 -25.50
CA LEU C 218 0.96 -13.21 -26.24
C LEU C 218 0.74 -11.75 -25.85
N ASN C 219 -0.24 -11.47 -24.99
CA ASN C 219 -0.56 -10.10 -24.59
C ASN C 219 -0.94 -9.26 -25.81
N LEU C 220 -1.80 -9.82 -26.65
CA LEU C 220 -2.29 -9.14 -27.85
C LEU C 220 -3.80 -9.07 -27.82
N VAL C 221 -4.34 -8.20 -28.67
CA VAL C 221 -5.78 -7.98 -28.77
C VAL C 221 -6.31 -8.83 -29.92
N PRO C 222 -7.28 -9.72 -29.69
CA PRO C 222 -7.81 -10.52 -30.80
C PRO C 222 -8.38 -9.65 -31.89
N LYS C 223 -8.25 -10.11 -33.13
CA LYS C 223 -8.73 -9.34 -34.27
C LYS C 223 -9.13 -10.30 -35.39
N GLU C 224 -10.17 -9.92 -36.13
CA GLU C 224 -10.70 -10.72 -37.22
C GLU C 224 -10.03 -10.32 -38.52
N ASP C 225 -9.40 -11.29 -39.19
CA ASP C 225 -8.66 -11.03 -40.42
C ASP C 225 -8.81 -12.21 -41.37
N PRO C 226 -9.68 -12.11 -42.38
CA PRO C 226 -9.85 -13.25 -43.30
C PRO C 226 -8.58 -13.62 -44.05
N SER C 227 -7.72 -12.65 -44.36
CA SER C 227 -6.56 -12.88 -45.22
C SER C 227 -5.32 -13.30 -44.43
N VAL C 228 -5.46 -14.34 -43.60
CA VAL C 228 -4.33 -14.90 -42.86
C VAL C 228 -4.35 -16.41 -43.07
N ALA C 229 -3.29 -16.93 -43.69
CA ALA C 229 -3.20 -18.36 -43.99
C ALA C 229 -1.74 -18.75 -44.13
N ALA C 230 -1.47 -20.03 -43.90
CA ALA C 230 -0.12 -20.57 -43.87
C ALA C 230 0.09 -21.56 -45.01
N ALA C 231 1.36 -21.88 -45.26
CA ALA C 231 1.74 -22.78 -46.35
C ALA C 231 1.88 -24.22 -45.91
N GLU C 232 2.78 -24.50 -44.96
CA GLU C 232 3.01 -25.84 -44.45
C GLU C 232 2.47 -25.95 -43.03
N CYS C 233 1.92 -27.11 -42.70
CA CYS C 233 1.20 -27.29 -41.45
C CYS C 233 1.18 -28.74 -41.01
N PRO C 234 2.01 -29.13 -40.01
CA PRO C 234 2.08 -30.50 -39.57
C PRO C 234 1.10 -30.73 -38.40
N CYS C 235 0.08 -29.89 -38.23
CA CYS C 235 -0.81 -29.99 -37.08
C CYS C 235 -1.41 -31.40 -36.96
N LYS C 236 -1.78 -32.00 -38.08
CA LYS C 236 -2.35 -33.35 -38.03
C LYS C 236 -1.34 -34.36 -37.49
N LYS C 237 -0.11 -34.32 -38.01
CA LYS C 237 0.90 -35.27 -37.59
C LYS C 237 1.23 -35.11 -36.10
N VAL C 238 1.48 -33.88 -35.66
CA VAL C 238 1.80 -33.65 -34.26
C VAL C 238 0.61 -34.01 -33.38
N TRP C 239 -0.61 -33.77 -33.86
CA TRP C 239 -1.79 -34.18 -33.11
C TRP C 239 -1.84 -35.69 -32.96
N GLU C 240 -1.40 -36.43 -33.97
CA GLU C 240 -1.36 -37.88 -33.90
C GLU C 240 -0.06 -38.41 -33.31
N ALA C 241 0.94 -37.56 -33.06
CA ALA C 241 2.20 -37.99 -32.50
C ALA C 241 2.14 -37.99 -30.98
N SER C 242 3.15 -38.61 -30.37
CA SER C 242 3.25 -38.75 -28.92
C SER C 242 4.41 -37.92 -28.41
N PHE C 243 4.17 -37.16 -27.35
CA PHE C 243 5.18 -36.29 -26.75
C PHE C 243 5.30 -36.58 -25.27
N ALA C 244 6.51 -36.42 -24.74
CA ALA C 244 6.74 -36.58 -23.32
C ALA C 244 6.04 -35.47 -22.54
N ARG C 245 5.47 -35.84 -21.40
CA ARG C 245 4.81 -34.88 -20.51
C ARG C 245 5.76 -34.56 -19.36
N ALA C 246 6.29 -33.35 -19.36
CA ALA C 246 7.21 -32.94 -18.31
C ALA C 246 6.49 -32.97 -16.96
N PRO C 247 7.15 -33.40 -15.88
CA PRO C 247 6.49 -33.36 -14.57
C PRO C 247 6.50 -31.96 -14.00
N THR C 248 5.36 -31.28 -14.08
CA THR C 248 5.27 -29.87 -13.72
C THR C 248 3.80 -29.49 -13.62
N ALA C 249 3.49 -28.60 -12.69
CA ALA C 249 2.14 -28.05 -12.61
C ALA C 249 1.89 -27.14 -13.80
N LEU C 250 0.61 -26.84 -14.03
CA LEU C 250 0.25 -25.96 -15.13
C LEU C 250 0.75 -24.54 -14.87
N ASP C 251 1.21 -23.89 -15.93
CA ASP C 251 1.64 -22.51 -15.84
C ASP C 251 0.44 -21.60 -15.61
N PRO C 252 0.66 -20.37 -15.13
CA PRO C 252 -0.48 -19.49 -14.80
C PRO C 252 -1.47 -19.32 -15.94
N PHE C 253 -1.05 -19.61 -17.17
CA PHE C 253 -1.96 -19.54 -18.31
C PHE C 253 -2.84 -20.77 -18.45
N GLY C 254 -2.62 -21.80 -17.63
CA GLY C 254 -3.40 -23.01 -17.71
C GLY C 254 -2.93 -24.01 -18.73
N GLY C 255 -1.73 -23.83 -19.30
CA GLY C 255 -1.20 -24.72 -20.31
C GLY C 255 0.11 -25.35 -19.87
N ARG C 256 0.55 -26.34 -20.65
CA ARG C 256 1.80 -27.04 -20.40
C ARG C 256 2.58 -27.12 -21.70
N ALA C 257 3.86 -26.78 -21.65
CA ALA C 257 4.71 -26.86 -22.82
C ALA C 257 4.94 -28.32 -23.20
N PHE C 258 4.88 -28.60 -24.50
CA PHE C 258 5.18 -29.93 -25.01
C PHE C 258 6.22 -29.93 -26.12
N CYS C 259 6.65 -28.77 -26.59
CA CYS C 259 7.68 -28.68 -27.63
C CYS C 259 8.07 -27.20 -27.75
N ASP C 260 9.07 -26.94 -28.59
CA ASP C 260 9.57 -25.58 -28.77
C ASP C 260 8.44 -24.65 -29.21
N GLN C 261 8.08 -23.70 -28.35
CA GLN C 261 6.99 -22.77 -28.61
C GLN C 261 5.70 -23.50 -28.93
N GLY C 262 5.41 -24.55 -28.17
CA GLY C 262 4.15 -25.26 -28.28
C GLY C 262 3.56 -25.59 -26.92
N TRP C 263 2.25 -25.38 -26.76
CA TRP C 263 1.60 -25.56 -25.47
C TRP C 263 0.27 -26.29 -25.65
N VAL C 264 -0.01 -27.19 -24.70
CA VAL C 264 -1.24 -27.98 -24.67
C VAL C 264 -2.22 -27.34 -23.71
N TYR C 265 -3.50 -27.36 -24.07
CA TYR C 265 -4.55 -26.77 -23.26
C TYR C 265 -5.71 -27.75 -23.14
N HIS C 266 -6.43 -27.65 -22.02
CA HIS C 266 -7.61 -28.47 -21.75
C HIS C 266 -8.82 -27.56 -21.69
N ARG C 267 -9.91 -27.97 -22.35
CA ARG C 267 -11.08 -27.10 -22.47
C ARG C 267 -11.66 -26.76 -21.11
N ASP C 268 -11.76 -27.73 -20.21
CA ASP C 268 -12.42 -27.54 -18.93
C ASP C 268 -11.53 -26.93 -17.86
N VAL C 269 -10.23 -26.77 -18.12
CA VAL C 269 -9.29 -26.20 -17.16
C VAL C 269 -8.98 -24.78 -17.61
N GLY C 270 -9.54 -23.80 -16.91
CA GLY C 270 -9.37 -22.40 -17.27
C GLY C 270 -8.01 -21.84 -16.92
N TYR C 271 -7.72 -21.74 -15.64
CA TYR C 271 -6.47 -21.15 -15.17
C TYR C 271 -5.93 -21.97 -14.00
N ALA C 272 -4.62 -21.90 -13.81
CA ALA C 272 -3.98 -22.67 -12.76
C ALA C 272 -4.56 -22.32 -11.40
N THR C 273 -4.95 -23.34 -10.64
CA THR C 273 -5.47 -23.18 -9.29
C THR C 273 -4.44 -23.56 -8.24
N ALA C 274 -3.21 -23.86 -8.63
CA ALA C 274 -2.16 -24.24 -7.72
C ALA C 274 -0.90 -23.43 -8.02
N ASN C 275 -0.04 -23.30 -7.01
CA ASN C 275 1.19 -22.54 -7.17
C ASN C 275 2.09 -23.18 -8.22
N HIS C 276 2.27 -22.49 -9.35
CA HIS C 276 3.09 -23.03 -10.42
C HIS C 276 4.57 -23.06 -10.04
N ILE C 277 5.07 -21.95 -9.49
CA ILE C 277 6.47 -21.81 -9.12
C ILE C 277 6.57 -21.80 -7.60
N SER C 278 7.44 -22.64 -7.07
CA SER C 278 7.70 -22.71 -5.64
C SER C 278 9.17 -23.01 -5.42
N GLN C 279 9.59 -22.94 -4.16
CA GLN C 279 10.98 -23.20 -3.82
C GLN C 279 11.38 -24.62 -4.22
N GLU C 280 10.47 -25.58 -4.10
CA GLU C 280 10.78 -26.97 -4.36
C GLU C 280 10.72 -27.33 -5.85
N THR C 281 10.01 -26.55 -6.66
CA THR C 281 9.77 -26.91 -8.05
C THR C 281 10.40 -25.95 -9.04
N LEU C 282 11.09 -24.90 -8.58
CA LEU C 282 11.61 -23.88 -9.50
C LEU C 282 12.61 -24.47 -10.49
N PHE C 283 13.58 -25.25 -9.98
CA PHE C 283 14.64 -25.74 -10.85
C PHE C 283 14.14 -26.83 -11.78
N GLN C 284 13.20 -27.66 -11.34
CA GLN C 284 12.58 -28.62 -12.25
C GLN C 284 11.86 -27.90 -13.37
N GLN C 285 11.12 -26.84 -13.04
CA GLN C 285 10.44 -26.06 -14.07
C GLN C 285 11.44 -25.45 -15.04
N ALA C 286 12.54 -24.91 -14.53
CA ALA C 286 13.56 -24.35 -15.42
C ALA C 286 14.14 -25.40 -16.34
N LEU C 287 14.44 -26.59 -15.79
CA LEU C 287 15.03 -27.65 -16.62
C LEU C 287 14.04 -28.16 -17.66
N SER C 288 12.74 -28.14 -17.35
CA SER C 288 11.75 -28.65 -18.30
C SER C 288 11.75 -27.84 -19.59
N VAL C 289 11.85 -26.53 -19.48
CA VAL C 289 11.79 -25.64 -20.64
C VAL C 289 13.19 -25.19 -21.08
N ARG C 290 14.21 -25.98 -20.76
CA ARG C 290 15.58 -25.67 -21.17
C ARG C 290 15.68 -25.15 -22.60
N ASN C 291 15.05 -25.85 -23.54
CA ASN C 291 15.17 -25.52 -24.96
C ASN C 291 13.80 -25.36 -25.62
N LEU C 292 12.79 -24.98 -24.84
CA LEU C 292 11.46 -24.72 -25.37
C LEU C 292 11.19 -23.26 -25.64
N GLY C 293 12.19 -22.39 -25.48
CA GLY C 293 12.03 -20.98 -25.76
C GLY C 293 11.30 -20.26 -24.64
N PRO C 294 11.05 -18.96 -24.85
CA PRO C 294 10.40 -18.17 -23.80
C PRO C 294 9.05 -18.73 -23.41
N GLN C 295 8.76 -18.68 -22.12
CA GLN C 295 7.51 -19.19 -21.56
C GLN C 295 6.63 -18.12 -20.95
N GLY C 296 7.21 -17.08 -20.36
CA GLY C 296 6.40 -16.03 -19.74
C GLY C 296 5.54 -16.54 -18.60
N SER C 297 6.04 -17.51 -17.85
CA SER C 297 5.26 -18.14 -16.78
C SER C 297 5.61 -17.62 -15.39
N ALA C 298 6.87 -17.26 -15.14
CA ALA C 298 7.32 -16.81 -13.84
C ALA C 298 7.62 -15.32 -13.89
N ASN C 299 7.08 -14.57 -12.93
CA ASN C 299 7.34 -13.14 -12.84
C ASN C 299 8.67 -12.91 -12.13
N VAL C 300 9.46 -11.98 -12.66
CA VAL C 300 10.76 -11.63 -12.11
C VAL C 300 10.65 -10.26 -11.45
N SER C 301 11.22 -10.13 -10.26
CA SER C 301 11.23 -8.85 -9.57
C SER C 301 12.22 -7.90 -10.21
N GLY C 302 11.79 -6.68 -10.49
CA GLY C 302 12.65 -5.70 -11.12
C GLY C 302 12.52 -5.66 -12.63
N SER C 303 13.64 -5.49 -13.32
CA SER C 303 13.67 -5.36 -14.76
C SER C 303 13.99 -6.70 -15.41
N ILE C 304 13.20 -7.09 -16.40
CA ILE C 304 13.47 -8.33 -17.13
C ILE C 304 14.80 -8.23 -17.87
N HIS C 305 15.09 -7.07 -18.44
CA HIS C 305 16.36 -6.89 -19.14
C HIS C 305 17.54 -7.04 -18.19
N THR C 306 17.43 -6.47 -16.99
CA THR C 306 18.51 -6.62 -16.01
C THR C 306 18.67 -8.08 -15.60
N ALA C 307 17.56 -8.78 -15.40
CA ALA C 307 17.65 -10.20 -15.03
C ALA C 307 18.29 -11.01 -16.13
N LEU C 308 17.95 -10.74 -17.39
CA LEU C 308 18.58 -11.43 -18.50
C LEU C 308 20.07 -11.10 -18.59
N ASP C 309 20.44 -9.85 -18.30
CA ASP C 309 21.85 -9.49 -18.28
C ASP C 309 22.61 -10.27 -17.21
N ARG C 310 22.03 -10.37 -16.01
CA ARG C 310 22.67 -11.14 -14.95
C ARG C 310 22.77 -12.61 -15.34
N LEU C 311 21.73 -13.16 -15.95
CA LEU C 311 21.75 -14.56 -16.38
C LEU C 311 22.82 -14.78 -17.43
N ARG C 312 22.96 -13.84 -18.37
CA ARG C 312 24.00 -13.94 -19.39
C ARG C 312 25.39 -13.85 -18.77
N ALA C 313 25.58 -12.95 -17.80
CA ALA C 313 26.88 -12.80 -17.18
C ALA C 313 27.28 -14.06 -16.43
N ALA C 314 26.34 -14.63 -15.66
CA ALA C 314 26.64 -15.89 -14.98
C ALA C 314 26.83 -17.03 -15.97
N TYR C 315 26.06 -17.01 -17.06
CA TYR C 315 26.14 -18.05 -18.07
C TYR C 315 27.49 -18.06 -18.77
N SER C 316 28.15 -16.91 -18.84
CA SER C 316 29.44 -16.82 -19.54
C SER C 316 30.51 -17.64 -18.85
N ARG C 317 30.33 -18.01 -17.59
CA ARG C 317 31.30 -18.81 -16.85
C ARG C 317 30.53 -19.88 -16.08
N GLY C 318 30.43 -21.06 -16.66
CA GLY C 318 29.70 -22.13 -16.01
C GLY C 318 29.78 -23.42 -16.81
N THR C 319 29.53 -24.51 -16.11
CA THR C 319 29.52 -25.84 -16.71
C THR C 319 28.23 -26.06 -17.50
N PRO C 320 28.18 -27.10 -18.33
CA PRO C 320 26.97 -27.32 -19.13
C PRO C 320 25.70 -27.46 -18.31
N ALA C 321 25.77 -28.08 -17.14
CA ALA C 321 24.57 -28.23 -16.30
C ALA C 321 24.10 -26.87 -15.80
N SER C 322 25.02 -26.06 -15.26
CA SER C 322 24.66 -24.73 -14.81
C SER C 322 24.18 -23.88 -15.98
N ARG C 323 24.80 -24.04 -17.14
CA ARG C 323 24.36 -23.30 -18.32
C ARG C 323 22.92 -23.66 -18.69
N SER C 324 22.59 -24.94 -18.64
CA SER C 324 21.22 -25.37 -18.92
C SER C 324 20.24 -24.80 -17.90
N ILE C 325 20.63 -24.79 -16.62
CA ILE C 325 19.76 -24.23 -15.59
C ILE C 325 19.52 -22.74 -15.85
N LEU C 326 20.59 -22.01 -16.17
CA LEU C 326 20.45 -20.58 -16.42
C LEU C 326 19.57 -20.30 -17.63
N GLN C 327 19.74 -21.09 -18.70
CA GLN C 327 18.89 -20.93 -19.87
C GLN C 327 17.43 -21.23 -19.52
N GLY C 328 17.19 -22.26 -18.72
CA GLY C 328 15.84 -22.57 -18.29
C GLY C 328 15.21 -21.43 -17.52
N LEU C 329 15.96 -20.81 -16.61
CA LEU C 329 15.45 -19.65 -15.88
C LEU C 329 15.15 -18.50 -16.83
N ALA C 330 16.06 -18.25 -17.79
CA ALA C 330 15.82 -17.19 -18.77
C ALA C 330 14.53 -17.43 -19.53
N ASN C 331 14.29 -18.68 -19.97
CA ASN C 331 13.05 -18.99 -20.66
C ASN C 331 11.85 -18.81 -19.73
N LEU C 332 11.99 -19.20 -18.47
CA LEU C 332 10.89 -19.07 -17.52
C LEU C 332 10.47 -17.61 -17.36
N ILE C 333 11.43 -16.68 -17.36
CA ILE C 333 11.11 -15.29 -17.04
C ILE C 333 10.79 -14.44 -18.26
N THR C 334 11.08 -14.92 -19.48
CA THR C 334 10.91 -14.07 -20.66
C THR C 334 9.48 -14.16 -21.19
N PRO C 335 8.79 -13.04 -21.40
CA PRO C 335 7.47 -13.10 -22.03
C PRO C 335 7.55 -13.61 -23.46
N VAL C 336 6.48 -14.25 -23.90
CA VAL C 336 6.43 -14.88 -25.21
C VAL C 336 6.21 -13.83 -26.29
N GLY C 337 7.08 -13.80 -27.30
CA GLY C 337 6.90 -12.99 -28.47
C GLY C 337 7.40 -11.56 -28.35
N GLU C 338 7.62 -11.07 -27.13
CA GLU C 338 8.04 -9.69 -26.96
C GLU C 338 9.46 -9.50 -27.49
N ASN C 339 9.91 -8.25 -27.48
CA ASN C 339 11.26 -7.90 -27.93
C ASN C 339 12.24 -8.22 -26.80
N PHE C 340 12.60 -9.50 -26.72
CA PHE C 340 13.56 -9.98 -25.73
C PHE C 340 14.44 -11.03 -26.36
N GLU C 341 15.74 -10.97 -26.05
CA GLU C 341 16.69 -11.98 -26.48
C GLU C 341 17.01 -12.86 -25.27
N CYS C 342 16.11 -13.81 -25.00
CA CYS C 342 16.26 -14.69 -23.85
C CYS C 342 17.30 -15.78 -24.10
N ASP C 343 17.47 -16.22 -25.34
CA ASP C 343 18.50 -17.19 -25.66
C ASP C 343 19.85 -16.67 -25.21
N LEU C 344 20.47 -17.34 -24.23
CA LEU C 344 21.75 -16.89 -23.71
C LEU C 344 22.90 -17.48 -24.50
N ASP C 345 22.80 -17.37 -25.82
CA ASP C 345 23.89 -17.68 -26.73
C ASP C 345 24.06 -16.64 -27.82
N LYS C 346 22.99 -15.92 -28.16
CA LYS C 346 23.04 -14.80 -29.08
C LYS C 346 22.96 -13.46 -28.37
N ARG C 347 22.61 -13.44 -27.10
CA ARG C 347 22.57 -12.21 -26.33
C ARG C 347 23.96 -11.67 -26.08
N LYS C 348 24.09 -10.35 -26.05
CA LYS C 348 25.37 -9.71 -25.87
C LYS C 348 25.76 -9.73 -24.40
N LEU C 349 27.04 -9.93 -24.13
CA LEU C 349 27.55 -9.96 -22.77
C LEU C 349 27.71 -8.54 -22.26
N ASN C 350 27.07 -8.24 -21.13
CA ASN C 350 27.11 -6.90 -20.56
C ASN C 350 28.24 -6.82 -19.53
N ILE C 351 29.12 -5.83 -19.70
CA ILE C 351 30.28 -5.69 -18.83
C ILE C 351 29.86 -5.28 -17.43
N LYS C 352 28.87 -4.39 -17.32
CA LYS C 352 28.44 -3.91 -16.01
C LYS C 352 27.89 -5.06 -15.18
N ALA C 353 27.12 -5.96 -15.79
CA ALA C 353 26.60 -7.11 -15.06
C ALA C 353 27.74 -7.98 -14.53
N LEU C 354 28.88 -7.99 -15.23
CA LEU C 354 30.05 -8.68 -14.72
C LEU C 354 30.75 -7.90 -13.61
N ARG C 355 30.61 -6.57 -13.62
CA ARG C 355 31.28 -5.77 -12.59
C ARG C 355 30.79 -6.13 -11.20
N SER C 356 29.48 -6.34 -11.04
CA SER C 356 28.94 -6.62 -9.73
C SER C 356 29.48 -7.94 -9.18
N PRO C 357 29.69 -8.05 -7.86
CA PRO C 357 30.29 -9.26 -7.30
C PRO C 357 29.30 -10.42 -7.17
N GLU C 358 28.05 -10.10 -6.83
CA GLU C 358 27.01 -11.10 -6.67
C GLU C 358 25.90 -10.84 -7.68
N ARG C 359 25.41 -11.91 -8.31
CA ARG C 359 24.35 -11.83 -9.31
C ARG C 359 23.09 -12.44 -8.71
N TYR C 360 22.14 -11.61 -8.33
CA TYR C 360 20.89 -12.03 -7.74
C TYR C 360 19.75 -11.85 -8.73
N ILE C 361 18.84 -12.80 -8.76
CA ILE C 361 17.56 -12.63 -9.47
C ILE C 361 16.45 -13.15 -8.57
N THR C 362 15.34 -12.42 -8.54
CA THR C 362 14.18 -12.77 -7.72
C THR C 362 13.06 -13.21 -8.65
N ILE C 363 12.71 -14.50 -8.58
CA ILE C 363 11.66 -15.08 -9.41
C ILE C 363 10.53 -15.49 -8.47
N GLU C 364 9.39 -14.83 -8.60
CA GLU C 364 8.20 -15.15 -7.81
C GLU C 364 8.51 -15.17 -6.32
N GLY C 365 9.30 -14.18 -5.89
CA GLY C 365 9.64 -14.05 -4.48
C GLY C 365 10.77 -14.94 -4.02
N LEU C 366 11.36 -15.74 -4.90
CA LEU C 366 12.49 -16.59 -4.55
C LEU C 366 13.76 -15.90 -5.03
N VAL C 367 14.66 -15.61 -4.10
CA VAL C 367 15.92 -14.95 -4.42
C VAL C 367 16.96 -16.04 -4.70
N VAL C 368 17.55 -16.01 -5.89
CA VAL C 368 18.54 -16.98 -6.30
C VAL C 368 19.82 -16.22 -6.66
N ASN C 369 20.93 -16.66 -6.09
CA ASN C 369 22.25 -16.14 -6.43
C ASN C 369 22.79 -16.97 -7.59
N LEU C 370 22.87 -16.36 -8.78
CA LEU C 370 23.33 -17.09 -9.95
C LEU C 370 24.77 -17.53 -9.80
N ASP C 371 25.58 -16.76 -9.08
CA ASP C 371 26.94 -17.19 -8.79
C ASP C 371 26.94 -18.49 -8.00
N ASP C 372 26.04 -18.61 -7.03
CA ASP C 372 25.94 -19.86 -6.27
C ASP C 372 25.54 -21.02 -7.17
N VAL C 373 24.61 -20.79 -8.10
CA VAL C 373 24.19 -21.83 -9.03
C VAL C 373 25.37 -22.27 -9.89
N VAL C 374 26.21 -21.32 -10.30
CA VAL C 374 27.34 -21.66 -11.17
C VAL C 374 28.27 -22.64 -10.46
N ARG C 375 28.55 -22.40 -9.19
CA ARG C 375 29.40 -23.32 -8.42
C ARG C 375 28.62 -24.49 -7.86
N GLY C 376 27.39 -24.72 -8.30
CA GLY C 376 26.65 -25.91 -7.96
C GLY C 376 26.25 -25.99 -6.50
N PHE C 377 25.30 -25.15 -6.09
CA PHE C 377 24.83 -25.13 -4.71
C PHE C 377 23.40 -25.63 -4.56
N TYR C 378 22.46 -25.07 -5.32
CA TYR C 378 21.06 -25.45 -5.11
C TYR C 378 20.78 -26.89 -5.54
N LEU C 379 21.69 -27.52 -6.28
CA LEU C 379 21.47 -28.85 -6.83
C LEU C 379 22.49 -29.88 -6.38
N ASP C 380 23.73 -29.49 -6.09
CA ASP C 380 24.78 -30.42 -5.71
C ASP C 380 25.03 -30.43 -4.19
N LYS C 381 25.37 -29.27 -3.62
CA LYS C 381 25.73 -29.20 -2.21
C LYS C 381 25.08 -27.98 -1.58
N ALA C 382 24.73 -28.10 -0.30
CA ALA C 382 24.10 -27.02 0.42
C ALA C 382 25.14 -26.05 0.96
N LYS C 383 24.65 -24.92 1.47
CA LYS C 383 25.48 -23.89 2.09
C LYS C 383 25.25 -23.90 3.60
N VAL C 384 26.33 -23.90 4.35
CA VAL C 384 26.28 -23.96 5.81
C VAL C 384 26.94 -22.70 6.37
N THR C 385 26.22 -21.97 7.20
CA THR C 385 26.74 -20.82 7.92
C THR C 385 26.51 -21.02 9.41
N VAL C 386 27.56 -20.89 10.20
CA VAL C 386 27.47 -21.08 11.64
C VAL C 386 26.88 -19.82 12.26
N LEU C 387 25.81 -19.99 13.05
CA LEU C 387 25.14 -18.88 13.71
C LEU C 387 25.63 -18.67 15.14
N SER C 388 25.91 -19.74 15.87
CA SER C 388 26.38 -19.63 17.24
C SER C 388 26.99 -20.94 17.67
N ARG C 389 27.78 -20.90 18.75
CA ARG C 389 28.36 -22.09 19.34
C ARG C 389 27.56 -22.57 20.56
N SER C 390 26.39 -22.00 20.80
CA SER C 390 25.52 -22.40 21.89
C SER C 390 24.29 -23.09 21.34
N LYS C 391 23.84 -24.14 22.02
CA LYS C 391 22.62 -24.82 21.61
C LYS C 391 21.40 -23.94 21.90
N TRP C 392 20.56 -23.76 20.88
CA TRP C 392 19.34 -22.97 21.04
C TRP C 392 18.18 -23.90 21.37
N MET C 393 17.34 -23.46 22.30
CA MET C 393 16.18 -24.25 22.69
C MET C 393 15.14 -24.25 21.59
N GLY C 394 14.51 -25.41 21.38
CA GLY C 394 13.44 -25.52 20.41
C GLY C 394 13.84 -25.81 18.99
N TYR C 395 15.12 -26.08 18.74
CA TYR C 395 15.62 -26.38 17.40
C TYR C 395 16.00 -27.85 17.31
N GLU C 396 15.61 -28.48 16.20
CA GLU C 396 15.90 -29.89 16.00
C GLU C 396 17.37 -30.10 15.66
N ASP C 397 17.79 -31.36 15.73
CA ASP C 397 19.15 -31.72 15.40
C ASP C 397 19.36 -31.72 13.89
N LEU C 398 20.62 -31.77 13.48
CA LEU C 398 20.96 -31.71 12.07
C LEU C 398 20.75 -33.07 11.41
N PRO C 399 19.90 -33.19 10.39
CA PRO C 399 19.77 -34.46 9.67
C PRO C 399 21.00 -34.75 8.82
N GLN C 400 21.09 -35.99 8.37
CA GLN C 400 22.24 -36.41 7.57
C GLN C 400 22.30 -35.66 6.24
N LYS C 401 21.14 -35.43 5.62
CA LYS C 401 21.03 -34.68 4.37
C LYS C 401 20.05 -33.54 4.63
N PRO C 402 20.49 -32.49 5.32
CA PRO C 402 19.53 -31.52 5.84
C PRO C 402 18.85 -30.76 4.72
N PRO C 403 17.58 -30.38 4.90
CA PRO C 403 16.99 -29.36 4.01
C PRO C 403 17.33 -27.97 4.51
N ASN C 404 16.76 -26.94 3.87
CA ASN C 404 16.95 -25.58 4.36
C ASN C 404 16.43 -25.46 5.79
N GLY C 405 17.12 -24.67 6.61
CA GLY C 405 16.63 -24.39 7.95
C GLY C 405 17.69 -24.28 9.03
N THR C 406 17.27 -24.05 10.27
CA THR C 406 18.17 -23.88 11.39
C THR C 406 18.19 -25.15 12.22
N PHE C 407 19.39 -25.69 12.45
CA PHE C 407 19.54 -26.95 13.17
C PHE C 407 20.67 -26.82 14.18
N TYR C 408 20.69 -27.76 15.13
CA TYR C 408 21.81 -27.93 16.04
C TYR C 408 22.63 -29.13 15.60
N CYS C 409 23.92 -28.91 15.39
CA CYS C 409 24.84 -29.98 15.01
C CYS C 409 25.67 -30.37 16.22
N ARG C 410 25.53 -31.63 16.65
CA ARG C 410 26.31 -32.15 17.76
C ARG C 410 27.74 -32.48 17.34
N LYS C 411 27.95 -32.83 16.07
CA LYS C 411 29.29 -33.18 15.62
C LYS C 411 30.27 -32.04 15.87
N ARG C 412 29.81 -30.80 15.74
CA ARG C 412 30.61 -29.63 16.08
C ARG C 412 29.95 -28.75 17.14
N LYS C 413 28.78 -29.14 17.63
CA LYS C 413 28.11 -28.44 18.73
C LYS C 413 27.90 -26.97 18.39
N ALA C 414 27.11 -26.73 17.35
CA ALA C 414 26.85 -25.36 16.93
C ALA C 414 25.51 -25.28 16.22
N MET C 415 24.95 -24.07 16.19
CA MET C 415 23.74 -23.79 15.44
C MET C 415 24.12 -23.46 14.00
N LEU C 416 23.52 -24.17 13.06
CA LEU C 416 23.82 -24.02 11.64
C LEU C 416 22.57 -23.64 10.88
N LEU C 417 22.72 -22.67 9.97
CA LEU C 417 21.67 -22.29 9.04
C LEU C 417 22.01 -22.88 7.68
N ILE C 418 21.08 -23.64 7.12
CA ILE C 418 21.27 -24.35 5.86
C ILE C 418 20.45 -23.64 4.80
N SER C 419 21.10 -23.27 3.70
CA SER C 419 20.45 -22.62 2.57
C SER C 419 20.97 -23.25 1.29
N CYS C 420 20.26 -23.00 0.19
CA CYS C 420 20.62 -23.52 -1.12
C CYS C 420 20.80 -25.03 -1.07
N SER C 421 19.90 -25.70 -0.37
CA SER C 421 20.04 -27.13 -0.11
C SER C 421 19.43 -27.93 -1.25
N PRO C 422 20.16 -28.90 -1.82
CA PRO C 422 19.50 -29.83 -2.75
C PRO C 422 18.34 -30.58 -2.12
N GLY C 423 18.40 -30.82 -0.80
CA GLY C 423 17.28 -31.42 -0.10
C GLY C 423 16.02 -30.57 -0.08
N THR C 424 16.14 -29.30 -0.44
CA THR C 424 14.99 -28.41 -0.56
C THR C 424 14.67 -28.02 -1.99
N TYR C 425 15.68 -27.95 -2.86
CA TYR C 425 15.49 -27.47 -4.23
C TYR C 425 15.48 -28.59 -5.26
N ALA C 426 16.34 -29.61 -5.10
CA ALA C 426 16.32 -30.73 -6.02
C ALA C 426 15.23 -31.73 -5.64
N LYS C 427 15.36 -32.34 -4.47
CA LYS C 427 14.33 -33.22 -3.91
C LYS C 427 13.99 -34.34 -4.89
N LYS C 428 14.99 -35.18 -5.16
CA LYS C 428 14.84 -36.30 -6.08
C LYS C 428 14.06 -37.41 -5.39
N ARG C 429 12.74 -37.29 -5.44
CA ARG C 429 11.86 -38.27 -4.82
C ARG C 429 10.41 -38.04 -5.25
ZN ZN H . -8.76 11.98 45.24
C1 A0I I . 6.14 7.99 8.09
C2 A0I I . 7.38 8.06 7.56
C3 A0I I . 6.66 9.73 6.01
C4 A0I I . 5.15 8.84 7.55
C5 A0I I . 9.03 8.97 5.95
C6 A0I I . 9.68 10.37 6.01
C7 A0I I . 10.40 10.28 7.36
C8 A0I I . 10.93 8.85 7.31
C9 A0I I . 11.33 8.26 8.64
N1 A0I I . 7.66 8.91 6.54
N2 A0I I . 5.42 9.67 6.54
N3 A0I I . 3.91 8.82 8.02
N4 A0I I . 11.44 9.62 11.54
O1 A0I I . 6.95 10.49 5.08
O10 A0I I . 12.22 8.56 14.64
O11 A0I I . 9.16 8.45 11.80
O12 A0I I . 11.44 11.23 7.51
O13 A0I I . 10.58 10.50 4.94
O2 A0I I . 9.85 8.11 6.69
O3 A0I I . 10.27 8.43 9.60
O4 A0I I . 11.25 7.01 11.37
O5 A0I I . 13.32 11.35 11.22
O6 A0I I . 13.74 8.91 10.49
O7 A0I I . 13.65 9.58 12.84
O8 A0I I . 13.50 7.08 13.02
O9 A0I I . 14.72 8.42 14.77
P1 A0I I . 10.51 8.30 11.18
P2 A0I I . 13.05 9.88 11.39
P3 A0I I . 13.50 8.34 13.88
H1 A0I I . 5.96 7.40 8.80
H2 A0I I . 8.07 7.51 7.90
H5 A0I I . 8.99 8.66 5.00
H6 A0I I . 9.00 11.07 6.00
H7 A0I I . 9.74 10.37 8.10
H8 A0I I . 11.71 8.82 6.71
H10 A0I I . 11.53 7.29 8.52
H9 A0I I . 12.14 8.70 8.96
H3 A0I I . 3.71 8.28 8.68
H4 A0I I . 3.31 9.35 7.69
H11 A0I I . 10.97 10.33 11.76
H12 A0I I . 12.03 11.09 6.94
H13 A0I I . 10.94 11.27 4.95
MG MG J . 13.98 6.21 11.20
MG MG K . 14.81 -1.08 10.28
ZN ZN L . -1.21 -26.13 -38.48
ZN ZN M . -5.57 -38.05 -19.23
#